data_3WXX
#
_entry.id   3WXX
#
_cell.length_a   124.662
_cell.length_b   151.942
_cell.length_c   106.253
_cell.angle_alpha   90.00
_cell.angle_beta   104.95
_cell.angle_gamma   90.00
#
_symmetry.space_group_name_H-M   'C 1 2 1'
#
loop_
_entity.id
_entity.type
_entity.pdbx_description
1 polymer AcrH
2 polymer AopB
3 non-polymer 'MAGNESIUM ION'
4 water water
#
loop_
_entity_poly.entity_id
_entity_poly.type
_entity_poly.pdbx_seq_one_letter_code
_entity_poly.pdbx_strand_id
1 'polypeptide(L)'
;NEPAIEAFLQDGGTLA(MSE)LNDVSTDTLEQLYTLGFNQYHAGKHDEAHKIFQALCVLDHYEARFFLGLGACRQALGQF
RLAIDSYSYGA(MSE)(MSE)DLQEPRFPFHAAECLLQLGELEGAESGFHSAQLLAAAKPELAELAARAGI(MSE)LEVV
KTKKD(MSE)E
;
A,C,E,G
2 'polypeptide(L)'
;GQGVVLPQP(MSE)PGIGQQ(MSE)SPPKQQELDQLRKTAQLGTANAAKLLGSSTLLNKLAFASPEEFEIELSK(MSE)T
SELEQTQKKLKLADLERIRAENLKKIDENQTK(MSE)KEASEAADKAKKSGLASKIFGWISAIAS(MSE)VIGAILIATG
VGAAVGA(MSE)(MSE)IVGGAVGVAN(MSE)AIQQAAADGRISPET(MSE)KVLGPI(MSE)IAAEILVAIVSIAVTFG
ASAASTA(MSE)KAVKFATQAAD
;
B,D,F,H
#
loop_
_chem_comp.id
_chem_comp.type
_chem_comp.name
_chem_comp.formula
MG non-polymer 'MAGNESIUM ION' 'Mg 2'
#
# COMPACT_ATOMS: atom_id res chain seq x y z
N GLU A 2 27.59 -49.78 -15.73
CA GLU A 2 26.55 -49.62 -14.66
C GLU A 2 27.14 -49.60 -13.25
N PRO A 3 27.95 -50.60 -12.90
CA PRO A 3 28.66 -50.55 -11.63
C PRO A 3 29.59 -49.35 -11.45
N ALA A 4 30.06 -48.75 -12.54
CA ALA A 4 30.83 -47.52 -12.46
C ALA A 4 29.91 -46.38 -12.05
N ILE A 5 28.76 -46.26 -12.72
CA ILE A 5 27.76 -45.23 -12.39
C ILE A 5 27.30 -45.34 -10.92
N GLU A 6 26.96 -46.54 -10.48
CA GLU A 6 26.65 -46.80 -9.08
C GLU A 6 27.75 -46.34 -8.13
N ALA A 7 28.99 -46.74 -8.39
CA ALA A 7 30.11 -46.33 -7.52
C ALA A 7 30.25 -44.80 -7.49
N PHE A 8 29.92 -44.16 -8.60
CA PHE A 8 29.97 -42.71 -8.69
C PHE A 8 28.92 -42.13 -7.75
N LEU A 9 27.72 -42.68 -7.86
CA LEU A 9 26.56 -42.20 -7.18
C LEU A 9 26.77 -42.37 -5.68
N GLN A 10 27.32 -43.53 -5.34
CA GLN A 10 27.61 -43.90 -3.99
C GLN A 10 28.66 -43.05 -3.32
N ASP A 11 29.68 -42.66 -4.07
CA ASP A 11 30.78 -41.89 -3.52
C ASP A 11 30.38 -40.44 -3.38
N GLY A 12 29.24 -40.08 -3.95
CA GLY A 12 28.72 -38.75 -3.71
C GLY A 12 28.64 -37.92 -4.96
N GLY A 13 28.80 -38.55 -6.12
CA GLY A 13 28.47 -37.87 -7.34
C GLY A 13 26.97 -37.59 -7.45
N THR A 14 26.68 -36.59 -8.27
CA THR A 14 25.35 -36.08 -8.49
C THR A 14 25.00 -36.09 -9.95
N LEU A 15 23.71 -35.94 -10.22
CA LEU A 15 23.20 -35.83 -11.58
C LEU A 15 23.77 -34.61 -12.34
N ALA A 16 24.05 -33.53 -11.63
CA ALA A 16 24.63 -32.37 -12.27
C ALA A 16 25.95 -32.78 -12.91
N MSE A 17 26.80 -33.34 -12.08
CA MSE A 17 28.11 -33.80 -12.52
C MSE A 17 28.00 -34.71 -13.71
O MSE A 17 28.80 -34.64 -14.65
CB MSE A 17 28.77 -34.52 -11.35
CG MSE A 17 29.34 -33.51 -10.37
SE MSE A 17 29.92 -34.53 -8.81
CE MSE A 17 30.03 -32.98 -7.59
N LEU A 18 27.03 -35.61 -13.66
CA LEU A 18 26.91 -36.62 -14.67
C LEU A 18 26.61 -35.97 -15.99
N ASN A 19 25.76 -34.95 -15.99
CA ASN A 19 25.36 -34.30 -17.23
C ASN A 19 26.20 -33.06 -17.59
N ASP A 20 27.43 -33.00 -17.07
CA ASP A 20 28.28 -31.81 -17.17
C ASP A 20 27.43 -30.55 -17.10
N VAL A 21 26.78 -30.34 -15.95
CA VAL A 21 26.07 -29.09 -15.68
C VAL A 21 26.98 -28.20 -14.82
N SER A 22 27.22 -26.97 -15.26
CA SER A 22 28.19 -26.08 -14.59
C SER A 22 27.65 -25.55 -13.28
N THR A 23 28.55 -25.06 -12.43
CA THR A 23 28.15 -24.38 -11.20
C THR A 23 27.32 -23.13 -11.51
N ASP A 24 27.66 -22.48 -12.62
CA ASP A 24 27.02 -21.24 -12.97
C ASP A 24 25.67 -21.46 -13.64
N THR A 25 25.46 -22.58 -14.33
CA THR A 25 24.12 -22.84 -14.86
C THR A 25 23.15 -23.16 -13.72
N LEU A 26 23.66 -23.91 -12.74
CA LEU A 26 22.86 -24.32 -11.58
C LEU A 26 22.48 -23.09 -10.77
N GLU A 27 23.45 -22.19 -10.61
CA GLU A 27 23.19 -20.93 -9.94
C GLU A 27 22.18 -20.08 -10.61
N GLN A 28 22.13 -20.15 -11.93
CA GLN A 28 21.13 -19.42 -12.69
C GLN A 28 19.76 -19.93 -12.33
N LEU A 29 19.63 -21.24 -12.34
CA LEU A 29 18.39 -21.88 -11.98
C LEU A 29 17.99 -21.62 -10.51
N TYR A 30 18.96 -21.53 -9.60
CA TYR A 30 18.65 -21.17 -8.22
C TYR A 30 18.05 -19.78 -8.22
N THR A 31 18.69 -18.85 -8.94
CA THR A 31 18.21 -17.46 -9.01
C THR A 31 16.76 -17.39 -9.50
N LEU A 32 16.48 -18.11 -10.57
CA LEU A 32 15.10 -18.17 -11.06
C LEU A 32 14.15 -18.63 -9.97
N GLY A 33 14.48 -19.76 -9.33
CA GLY A 33 13.67 -20.28 -8.22
C GLY A 33 13.53 -19.29 -7.06
N PHE A 34 14.65 -18.69 -6.67
CA PHE A 34 14.64 -17.69 -5.63
C PHE A 34 13.76 -16.44 -5.95
N ASN A 35 13.82 -15.96 -7.20
CA ASN A 35 12.97 -14.82 -7.57
C ASN A 35 11.51 -15.26 -7.59
N GLN A 36 11.22 -16.38 -8.24
CA GLN A 36 9.86 -16.84 -8.29
C GLN A 36 9.23 -16.99 -6.90
N TYR A 37 10.02 -17.48 -5.94
CA TYR A 37 9.50 -17.66 -4.60
C TYR A 37 9.14 -16.30 -4.04
N HIS A 38 10.05 -15.33 -4.18
CA HIS A 38 9.81 -13.99 -3.64
C HIS A 38 8.69 -13.25 -4.43
N ALA A 39 8.46 -13.64 -5.68
CA ALA A 39 7.32 -13.15 -6.44
C ALA A 39 5.98 -13.77 -6.03
N GLY A 40 6.00 -14.68 -5.07
CA GLY A 40 4.79 -15.40 -4.66
C GLY A 40 4.34 -16.48 -5.63
N LYS A 41 5.09 -16.71 -6.72
CA LYS A 41 4.78 -17.79 -7.65
C LYS A 41 5.23 -19.14 -7.10
N HIS A 42 4.65 -19.52 -5.97
CA HIS A 42 5.17 -20.60 -5.14
C HIS A 42 5.15 -21.96 -5.78
N ASP A 43 4.08 -22.20 -6.53
CA ASP A 43 3.93 -23.46 -7.23
C ASP A 43 5.02 -23.63 -8.29
N GLU A 44 5.32 -22.56 -9.02
CA GLU A 44 6.34 -22.58 -10.04
C GLU A 44 7.73 -22.67 -9.38
N ALA A 45 7.92 -21.94 -8.28
CA ALA A 45 9.17 -22.00 -7.53
C ALA A 45 9.38 -23.44 -7.00
N HIS A 46 8.33 -24.04 -6.47
CA HIS A 46 8.41 -25.44 -6.06
C HIS A 46 8.96 -26.34 -7.16
N LYS A 47 8.45 -26.21 -8.38
CA LYS A 47 8.92 -27.05 -9.49
C LYS A 47 10.39 -26.83 -9.77
N ILE A 48 10.85 -25.60 -9.66
CA ILE A 48 12.25 -25.27 -9.87
C ILE A 48 13.12 -25.92 -8.80
N PHE A 49 12.76 -25.70 -7.56
CA PHE A 49 13.50 -26.37 -6.49
C PHE A 49 13.49 -27.91 -6.56
N GLN A 50 12.41 -28.50 -7.07
CA GLN A 50 12.42 -29.94 -7.27
C GLN A 50 13.52 -30.35 -8.23
N ALA A 51 13.76 -29.55 -9.25
CA ALA A 51 14.76 -29.90 -10.25
C ALA A 51 16.10 -29.76 -9.65
N LEU A 52 16.32 -28.65 -8.96
CA LEU A 52 17.60 -28.41 -8.30
C LEU A 52 17.97 -29.54 -7.31
N CYS A 53 17.02 -29.94 -6.47
CA CYS A 53 17.26 -30.96 -5.50
C CYS A 53 17.64 -32.26 -6.14
N VAL A 54 17.10 -32.53 -7.30
CA VAL A 54 17.46 -33.74 -8.06
C VAL A 54 18.85 -33.57 -8.73
N LEU A 55 19.15 -32.37 -9.22
CA LEU A 55 20.44 -32.10 -9.87
C LEU A 55 21.61 -32.14 -8.91
N ASP A 56 21.41 -31.63 -7.70
CA ASP A 56 22.43 -31.77 -6.67
C ASP A 56 21.72 -32.09 -5.34
N HIS A 57 21.77 -33.34 -4.91
CA HIS A 57 20.96 -33.77 -3.82
C HIS A 57 21.71 -33.68 -2.51
N TYR A 58 22.77 -32.90 -2.53
CA TYR A 58 23.55 -32.55 -1.31
C TYR A 58 23.49 -31.06 -0.93
N GLU A 59 22.91 -30.18 -1.76
CA GLU A 59 22.74 -28.74 -1.42
C GLU A 59 21.59 -28.47 -0.48
N ALA A 60 21.87 -28.20 0.79
CA ALA A 60 20.83 -27.84 1.73
C ALA A 60 19.96 -26.73 1.25
N ARG A 61 20.51 -25.74 0.56
CA ARG A 61 19.67 -24.55 0.24
C ARG A 61 18.63 -24.85 -0.82
N PHE A 62 18.90 -25.77 -1.73
CA PHE A 62 17.81 -26.29 -2.61
C PHE A 62 16.70 -26.94 -1.78
N PHE A 63 17.07 -27.64 -0.71
CA PHE A 63 16.07 -28.20 0.22
C PHE A 63 15.42 -27.15 1.08
N LEU A 64 16.14 -26.11 1.40
CA LEU A 64 15.51 -25.00 2.09
C LEU A 64 14.43 -24.38 1.16
N GLY A 65 14.82 -24.12 -0.08
CA GLY A 65 13.88 -23.53 -1.06
C GLY A 65 12.68 -24.42 -1.29
N LEU A 66 12.95 -25.70 -1.54
CA LEU A 66 11.88 -26.64 -1.71
C LEU A 66 10.90 -26.53 -0.55
N GLY A 67 11.46 -26.48 0.66
CA GLY A 67 10.61 -26.49 1.86
C GLY A 67 9.84 -25.23 2.05
N ALA A 68 10.46 -24.10 1.72
CA ALA A 68 9.78 -22.84 1.80
C ALA A 68 8.62 -22.77 0.80
N CYS A 69 8.80 -23.24 -0.43
CA CYS A 69 7.68 -23.29 -1.37
C CYS A 69 6.52 -24.11 -0.83
N ARG A 70 6.83 -25.28 -0.29
CA ARG A 70 5.82 -26.18 0.21
C ARG A 70 5.04 -25.56 1.37
N GLN A 71 5.74 -24.90 2.29
CA GLN A 71 5.10 -24.26 3.42
C GLN A 71 4.16 -23.16 2.94
N ALA A 72 4.65 -22.28 2.08
CA ALA A 72 3.78 -21.25 1.52
C ALA A 72 2.51 -21.82 0.86
N LEU A 73 2.59 -22.96 0.19
CA LEU A 73 1.39 -23.62 -0.36
C LEU A 73 0.58 -24.36 0.72
N GLY A 74 0.90 -24.20 1.99
CA GLY A 74 0.15 -24.93 3.02
C GLY A 74 0.44 -26.42 3.09
N GLN A 75 1.37 -26.92 2.29
CA GLN A 75 1.79 -28.31 2.35
C GLN A 75 2.81 -28.56 3.49
N PHE A 76 2.35 -28.46 4.72
CA PHE A 76 3.26 -28.45 5.89
C PHE A 76 4.02 -29.73 6.14
N ARG A 77 3.37 -30.86 5.90
CA ARG A 77 3.95 -32.16 6.16
C ARG A 77 5.13 -32.40 5.21
N LEU A 78 4.89 -32.10 3.94
CA LEU A 78 5.89 -32.28 2.89
C LEU A 78 7.05 -31.32 3.06
N ALA A 79 6.76 -30.14 3.61
CA ALA A 79 7.79 -29.16 3.91
C ALA A 79 8.72 -29.64 5.01
N ILE A 80 8.16 -30.25 6.06
CA ILE A 80 8.98 -30.84 7.14
C ILE A 80 9.93 -31.87 6.62
N ASP A 81 9.46 -32.66 5.65
CA ASP A 81 10.33 -33.68 5.02
C ASP A 81 11.54 -33.02 4.35
N SER A 82 11.33 -31.95 3.61
CA SER A 82 12.42 -31.23 2.93
C SER A 82 13.35 -30.47 3.91
N TYR A 83 12.75 -29.81 4.89
CA TYR A 83 13.52 -29.18 5.94
C TYR A 83 14.35 -30.22 6.73
N SER A 84 13.77 -31.41 6.95
CA SER A 84 14.51 -32.49 7.60
C SER A 84 15.73 -32.93 6.75
N TYR A 85 15.53 -33.30 5.50
CA TYR A 85 16.69 -33.68 4.69
C TYR A 85 17.69 -32.52 4.59
N GLY A 86 17.22 -31.31 4.41
CA GLY A 86 18.15 -30.17 4.40
C GLY A 86 19.03 -30.08 5.66
N ALA A 87 18.43 -30.21 6.84
CA ALA A 87 19.21 -30.21 8.10
C ALA A 87 20.34 -31.22 8.10
N MSE A 88 20.06 -32.41 7.59
CA MSE A 88 21.05 -33.49 7.57
CA MSE A 88 21.04 -33.49 7.56
C MSE A 88 22.19 -33.10 6.67
O MSE A 88 23.28 -33.59 6.83
CB MSE A 88 20.45 -34.81 7.10
CB MSE A 88 20.43 -34.80 7.06
CG MSE A 88 19.49 -35.39 8.17
CG MSE A 88 19.29 -35.35 7.91
SE MSE A 88 20.03 -35.31 10.09
SE MSE A 88 18.36 -36.80 6.96
CE MSE A 88 21.75 -36.21 9.87
CE MSE A 88 19.85 -37.46 5.83
N MSE A 89 21.94 -32.20 5.73
CA MSE A 89 23.03 -31.75 4.86
C MSE A 89 23.70 -30.51 5.38
O MSE A 89 24.70 -30.06 4.81
CB MSE A 89 22.50 -31.44 3.45
CG MSE A 89 21.85 -32.63 2.76
SE MSE A 89 23.21 -34.02 2.42
CE MSE A 89 22.95 -35.24 3.93
N ASP A 90 23.15 -29.91 6.42
CA ASP A 90 23.74 -28.75 7.03
C ASP A 90 23.21 -28.66 8.46
N LEU A 91 23.92 -29.36 9.35
CA LEU A 91 23.49 -29.56 10.72
C LEU A 91 23.60 -28.31 11.58
N GLN A 92 24.29 -27.29 11.07
CA GLN A 92 24.50 -26.08 11.84
C GLN A 92 23.52 -24.98 11.44
N GLU A 93 22.66 -25.26 10.46
CA GLU A 93 21.74 -24.24 9.93
C GLU A 93 20.43 -24.21 10.71
N PRO A 94 20.14 -23.09 11.38
CA PRO A 94 18.96 -23.07 12.26
C PRO A 94 17.64 -22.92 11.54
N ARG A 95 17.66 -22.31 10.37
CA ARG A 95 16.41 -22.13 9.60
C ARG A 95 15.61 -23.43 9.40
N PHE A 96 16.32 -24.56 9.28
CA PHE A 96 15.67 -25.83 9.07
C PHE A 96 14.77 -26.22 10.24
N PRO A 97 15.31 -26.40 11.46
CA PRO A 97 14.41 -26.73 12.59
C PRO A 97 13.37 -25.68 12.87
N PHE A 98 13.73 -24.43 12.57
CA PHE A 98 12.81 -23.32 12.86
C PHE A 98 11.58 -23.45 11.97
N HIS A 99 11.77 -23.47 10.67
CA HIS A 99 10.59 -23.49 9.79
C HIS A 99 9.86 -24.82 9.83
N ALA A 100 10.59 -25.87 10.14
CA ALA A 100 9.93 -27.15 10.39
C ALA A 100 9.04 -27.07 11.61
N ALA A 101 9.49 -26.38 12.65
CA ALA A 101 8.70 -26.22 13.87
C ALA A 101 7.40 -25.45 13.56
N GLU A 102 7.51 -24.38 12.79
CA GLU A 102 6.35 -23.60 12.40
C GLU A 102 5.35 -24.51 11.76
N CYS A 103 5.84 -25.30 10.82
CA CYS A 103 5.01 -26.28 10.13
C CYS A 103 4.39 -27.27 11.12
N LEU A 104 5.20 -27.80 12.03
CA LEU A 104 4.69 -28.73 13.07
C LEU A 104 3.60 -28.15 13.93
N LEU A 105 3.75 -26.87 14.30
CA LEU A 105 2.77 -26.16 15.12
C LEU A 105 1.45 -26.01 14.39
N GLN A 106 1.51 -25.71 13.10
CA GLN A 106 0.32 -25.61 12.30
C GLN A 106 -0.42 -26.93 12.25
N LEU A 107 0.27 -28.05 12.41
CA LEU A 107 -0.40 -29.37 12.38
C LEU A 107 -0.77 -29.87 13.78
N GLY A 108 -0.44 -29.10 14.80
CA GLY A 108 -0.77 -29.47 16.14
C GLY A 108 0.25 -30.38 16.78
N GLU A 109 1.36 -30.64 16.09
CA GLU A 109 2.39 -31.50 16.68
C GLU A 109 3.33 -30.71 17.57
N LEU A 110 2.89 -30.52 18.81
CA LEU A 110 3.55 -29.62 19.73
C LEU A 110 4.86 -30.17 20.22
N GLU A 111 4.95 -31.47 20.40
CA GLU A 111 6.14 -32.06 20.98
C GLU A 111 7.29 -31.84 20.02
N GLY A 112 7.00 -31.97 18.73
CA GLY A 112 8.02 -31.79 17.70
C GLY A 112 8.25 -30.33 17.32
N ALA A 113 7.17 -29.56 17.27
CA ALA A 113 7.31 -28.10 17.22
C ALA A 113 8.29 -27.64 18.32
N GLU A 114 8.16 -28.17 19.53
CA GLU A 114 9.03 -27.76 20.62
C GLU A 114 10.48 -28.08 20.30
N SER A 115 10.69 -29.28 19.81
CA SER A 115 12.02 -29.73 19.49
C SER A 115 12.69 -28.88 18.42
N GLY A 116 11.87 -28.47 17.45
CA GLY A 116 12.32 -27.62 16.36
C GLY A 116 12.73 -26.26 16.82
N PHE A 117 11.82 -25.58 17.53
CA PHE A 117 12.09 -24.23 18.04
C PHE A 117 13.26 -24.25 19.01
N HIS A 118 13.36 -25.32 19.80
CA HIS A 118 14.46 -25.48 20.74
C HIS A 118 15.82 -25.62 20.05
N SER A 119 15.92 -26.46 19.03
CA SER A 119 17.19 -26.59 18.30
C SER A 119 17.47 -25.33 17.51
N ALA A 120 16.43 -24.72 16.97
CA ALA A 120 16.63 -23.55 16.15
C ALA A 120 17.29 -22.48 17.01
N GLN A 121 16.85 -22.36 18.26
CA GLN A 121 17.44 -21.39 19.17
C GLN A 121 18.91 -21.65 19.44
N LEU A 122 19.24 -22.87 19.85
CA LEU A 122 20.62 -23.22 20.12
C LEU A 122 21.53 -22.87 18.94
N LEU A 123 21.14 -23.31 17.75
CA LEU A 123 21.99 -23.16 16.57
C LEU A 123 22.10 -21.70 16.15
N ALA A 124 21.01 -20.97 16.29
CA ALA A 124 21.01 -19.56 15.99
C ALA A 124 21.82 -18.75 17.03
N ALA A 125 21.77 -19.17 18.30
CA ALA A 125 22.54 -18.53 19.35
C ALA A 125 24.00 -18.60 18.98
N ALA A 126 24.52 -19.81 18.80
CA ALA A 126 25.92 -20.01 18.46
C ALA A 126 26.49 -19.03 17.41
N LYS A 127 25.70 -18.60 16.44
CA LYS A 127 26.16 -17.61 15.46
C LYS A 127 25.59 -16.20 15.76
N PRO A 128 26.47 -15.21 16.05
CA PRO A 128 25.99 -13.91 16.54
C PRO A 128 25.35 -12.98 15.49
N GLU A 129 25.54 -13.32 14.21
CA GLU A 129 24.84 -12.68 13.10
C GLU A 129 23.32 -12.89 13.15
N LEU A 130 22.87 -13.88 13.94
CA LEU A 130 21.52 -14.41 13.89
C LEU A 130 20.69 -14.24 15.18
N ALA A 131 20.94 -13.18 15.95
CA ALA A 131 20.27 -13.05 17.25
C ALA A 131 18.76 -12.79 17.12
N GLU A 132 18.34 -12.13 16.04
CA GLU A 132 16.93 -11.90 15.83
C GLU A 132 16.16 -13.21 15.70
N LEU A 133 16.68 -14.10 14.85
CA LEU A 133 16.06 -15.40 14.66
C LEU A 133 16.14 -16.22 15.96
N ALA A 134 17.27 -16.11 16.65
CA ALA A 134 17.44 -16.81 17.93
C ALA A 134 16.37 -16.41 18.91
N ALA A 135 15.97 -15.15 18.84
CA ALA A 135 14.97 -14.61 19.74
C ALA A 135 13.59 -15.11 19.35
N ARG A 136 13.25 -15.01 18.06
CA ARG A 136 12.00 -15.57 17.54
C ARG A 136 11.87 -17.02 17.98
N ALA A 137 12.94 -17.77 17.87
CA ALA A 137 12.89 -19.18 18.22
C ALA A 137 12.54 -19.31 19.69
N GLY A 138 13.23 -18.52 20.50
CA GLY A 138 12.96 -18.48 21.95
C GLY A 138 11.52 -18.17 22.25
N ILE A 139 10.95 -17.18 21.55
CA ILE A 139 9.56 -16.82 21.80
C ILE A 139 8.65 -17.98 21.47
N MSE A 140 8.79 -18.52 20.25
CA MSE A 140 7.88 -19.56 19.76
C MSE A 140 8.02 -20.79 20.59
O MSE A 140 7.06 -21.52 20.84
CB MSE A 140 8.21 -19.92 18.31
CG MSE A 140 7.98 -18.80 17.33
SE MSE A 140 6.08 -18.20 17.42
CE MSE A 140 5.08 -19.85 17.01
N LEU A 141 9.23 -21.04 21.07
CA LEU A 141 9.44 -22.09 22.04
C LEU A 141 8.48 -21.94 23.23
N GLU A 142 8.43 -20.74 23.83
CA GLU A 142 7.44 -20.42 24.91
C GLU A 142 5.99 -20.59 24.51
N VAL A 143 5.66 -20.09 23.33
CA VAL A 143 4.32 -20.19 22.83
C VAL A 143 3.92 -21.65 22.76
N VAL A 144 4.88 -22.48 22.36
CA VAL A 144 4.60 -23.89 22.17
C VAL A 144 4.48 -24.56 23.51
N LYS A 145 5.48 -24.40 24.37
CA LYS A 145 5.45 -24.94 25.74
C LYS A 145 4.14 -24.60 26.44
N THR A 146 3.66 -23.38 26.25
CA THR A 146 2.46 -22.93 26.94
C THR A 146 1.18 -23.52 26.28
N LYS A 147 1.14 -23.57 24.95
CA LYS A 147 0.04 -24.20 24.20
C LYS A 147 0.01 -25.70 24.54
N LYS A 148 1.18 -26.25 24.82
CA LYS A 148 1.36 -27.65 25.22
C LYS A 148 0.72 -27.89 26.58
N ASP A 149 1.08 -27.07 27.59
CA ASP A 149 0.42 -27.06 28.93
C ASP A 149 -1.10 -26.89 28.96
N MSE A 150 -1.69 -26.16 28.01
CA MSE A 150 -3.16 -25.98 27.96
C MSE A 150 -3.83 -26.97 27.05
O MSE A 150 -4.70 -26.59 26.26
CB MSE A 150 -3.68 -24.59 27.53
CG MSE A 150 -2.98 -23.50 28.33
SE MSE A 150 -4.15 -22.76 29.76
CE MSE A 150 -5.70 -22.19 28.68
N GLU A 151 -3.49 -28.26 27.16
CA GLU A 151 -3.97 -29.21 26.17
C GLU A 151 -5.05 -30.11 26.74
N GLY B 1 6.39 -15.11 -1.05
CA GLY B 1 6.74 -15.86 0.18
C GLY B 1 7.72 -15.06 1.00
N GLN B 2 7.23 -14.48 2.08
CA GLN B 2 8.04 -13.69 3.01
C GLN B 2 8.35 -14.48 4.29
N GLY B 3 7.92 -15.74 4.34
CA GLY B 3 8.14 -16.60 5.49
C GLY B 3 9.60 -17.04 5.67
N VAL B 4 10.25 -17.48 4.59
CA VAL B 4 11.61 -18.00 4.69
C VAL B 4 12.63 -17.13 3.98
N VAL B 5 13.73 -16.86 4.69
CA VAL B 5 14.87 -16.16 4.14
C VAL B 5 15.74 -17.17 3.47
N LEU B 6 15.72 -17.18 2.15
CA LEU B 6 16.63 -18.03 1.39
C LEU B 6 17.93 -17.29 1.17
N PRO B 7 19.07 -17.99 1.12
CA PRO B 7 20.32 -17.28 0.80
C PRO B 7 20.28 -16.67 -0.56
N GLN B 8 20.98 -15.55 -0.72
CA GLN B 8 20.98 -14.80 -1.98
C GLN B 8 21.73 -15.52 -3.06
N PRO B 9 21.27 -15.44 -4.30
CA PRO B 9 22.03 -16.15 -5.31
C PRO B 9 23.46 -15.64 -5.39
N MSE B 10 24.38 -16.56 -5.67
CA MSE B 10 25.83 -16.30 -5.83
C MSE B 10 26.41 -15.67 -4.61
O MSE B 10 26.74 -16.37 -3.65
CB MSE B 10 26.08 -15.46 -7.07
CG MSE B 10 25.32 -16.13 -8.22
SE MSE B 10 25.89 -15.63 -10.05
CE MSE B 10 27.80 -15.20 -9.74
N GLN B 22 17.83 -18.64 -20.43
CA GLN B 22 16.39 -18.36 -20.38
C GLN B 22 15.55 -19.51 -20.98
N GLN B 23 16.03 -20.10 -22.07
CA GLN B 23 15.48 -21.36 -22.62
C GLN B 23 16.38 -22.54 -22.26
N GLU B 24 17.66 -22.27 -21.99
CA GLU B 24 18.61 -23.26 -21.48
C GLU B 24 18.19 -23.84 -20.11
N LEU B 25 17.48 -23.04 -19.31
CA LEU B 25 16.98 -23.48 -18.02
C LEU B 25 15.85 -24.47 -18.13
N ASP B 26 15.03 -24.33 -19.17
CA ASP B 26 13.98 -25.32 -19.43
C ASP B 26 14.58 -26.62 -19.94
N GLN B 27 15.69 -26.52 -20.68
CA GLN B 27 16.48 -27.70 -21.07
C GLN B 27 16.88 -28.43 -19.78
N LEU B 28 17.52 -27.69 -18.89
CA LEU B 28 18.04 -28.20 -17.60
C LEU B 28 16.96 -28.76 -16.68
N ARG B 29 15.81 -28.13 -16.64
CA ARG B 29 14.67 -28.67 -15.92
C ARG B 29 14.17 -29.95 -16.56
N LYS B 30 14.21 -30.04 -17.89
CA LYS B 30 13.73 -31.27 -18.57
C LYS B 30 14.73 -32.40 -18.31
N THR B 31 16.02 -32.06 -18.35
CA THR B 31 17.09 -33.01 -18.01
C THR B 31 16.80 -33.64 -16.66
N ALA B 32 16.52 -32.79 -15.68
CA ALA B 32 16.40 -33.21 -14.29
C ALA B 32 15.15 -34.03 -14.01
N GLN B 33 14.05 -33.70 -14.69
CA GLN B 33 12.81 -34.46 -14.48
C GLN B 33 12.70 -35.68 -15.42
N LEU B 34 13.70 -35.84 -16.29
CA LEU B 34 13.73 -36.90 -17.30
C LEU B 34 13.59 -38.29 -16.70
N GLY B 35 14.24 -38.52 -15.57
CA GLY B 35 14.20 -39.81 -14.91
C GLY B 35 12.85 -40.19 -14.34
N THR B 36 12.12 -39.24 -13.77
CA THR B 36 10.78 -39.53 -13.22
C THR B 36 9.70 -39.50 -14.28
N ALA B 37 9.95 -38.80 -15.37
CA ALA B 37 9.03 -38.82 -16.51
C ALA B 37 9.00 -40.22 -17.10
N ASN B 38 10.20 -40.74 -17.43
CA ASN B 38 10.33 -42.14 -17.86
C ASN B 38 9.82 -43.13 -16.84
N ALA B 39 9.93 -42.79 -15.56
CA ALA B 39 9.48 -43.65 -14.48
C ALA B 39 7.98 -43.82 -14.51
N ALA B 40 7.26 -42.69 -14.61
CA ALA B 40 5.79 -42.70 -14.65
C ALA B 40 5.26 -43.43 -15.88
N LYS B 41 5.86 -43.12 -17.02
CA LYS B 41 5.66 -43.83 -18.28
C LYS B 41 5.71 -45.35 -18.05
N LEU B 42 6.88 -45.88 -17.71
CA LEU B 42 7.05 -47.33 -17.42
C LEU B 42 6.10 -47.88 -16.36
N LEU B 43 5.58 -47.05 -15.47
CA LEU B 43 4.64 -47.51 -14.44
C LEU B 43 3.17 -47.33 -14.81
N GLY B 44 2.91 -46.98 -16.07
CA GLY B 44 1.56 -47.15 -16.64
C GLY B 44 1.52 -48.43 -17.46
N SER B 45 1.65 -49.58 -16.77
CA SER B 45 1.64 -50.91 -17.40
C SER B 45 0.89 -51.95 -16.55
N SER B 46 1.59 -53.03 -16.16
CA SER B 46 1.10 -53.98 -15.15
C SER B 46 2.26 -54.59 -14.37
N THR B 47 3.40 -53.86 -14.31
CA THR B 47 4.60 -54.29 -13.57
C THR B 47 4.31 -53.79 -12.18
N LEU B 48 4.13 -54.65 -11.15
CA LEU B 48 4.16 -56.17 -11.16
C LEU B 48 5.40 -56.92 -11.71
N LEU B 49 6.46 -57.04 -10.92
CA LEU B 49 6.50 -56.57 -9.53
C LEU B 49 6.78 -55.08 -9.38
N ASN B 50 6.10 -54.40 -8.44
CA ASN B 50 5.23 -54.99 -7.39
C ASN B 50 6.03 -55.93 -6.48
N LYS B 51 5.47 -57.11 -6.15
CA LYS B 51 6.07 -58.00 -5.17
C LYS B 51 6.95 -59.05 -5.89
N LEU B 52 8.15 -58.64 -6.27
CA LEU B 52 9.02 -59.42 -7.16
C LEU B 52 9.69 -60.61 -6.50
N ALA B 53 10.50 -61.30 -7.30
CA ALA B 53 11.23 -62.49 -6.91
C ALA B 53 12.72 -62.20 -7.03
N PHE B 54 13.27 -61.46 -6.05
CA PHE B 54 14.61 -60.91 -6.13
C PHE B 54 14.56 -59.89 -7.25
N ALA B 55 14.46 -58.60 -6.90
CA ALA B 55 14.25 -57.52 -7.89
C ALA B 55 15.24 -57.62 -9.04
N SER B 56 14.77 -57.25 -10.22
CA SER B 56 15.53 -57.45 -11.43
C SER B 56 15.40 -58.93 -11.87
N PRO B 57 15.74 -59.21 -13.13
CA PRO B 57 16.32 -58.23 -14.07
C PRO B 57 15.37 -57.08 -14.40
N GLU B 58 15.95 -55.89 -14.64
CA GLU B 58 15.13 -54.67 -14.75
C GLU B 58 15.75 -53.45 -15.40
N GLU B 59 16.02 -53.48 -16.70
CA GLU B 59 16.15 -54.68 -17.52
C GLU B 59 17.41 -54.82 -18.43
N PHE B 60 17.78 -53.81 -19.24
CA PHE B 60 17.45 -52.39 -19.08
C PHE B 60 16.14 -52.03 -19.78
N GLU B 61 16.00 -52.47 -21.03
CA GLU B 61 14.74 -52.42 -21.84
C GLU B 61 13.69 -51.40 -21.37
N ILE B 62 13.46 -50.26 -22.05
CA ILE B 62 14.07 -49.85 -23.31
C ILE B 62 15.55 -49.52 -23.17
N LYS B 79 30.78 -43.65 -20.44
CA LYS B 79 32.07 -44.36 -20.61
C LYS B 79 33.10 -44.10 -19.49
N LEU B 80 33.67 -45.17 -18.96
CA LEU B 80 34.51 -45.15 -17.74
C LEU B 80 35.61 -44.09 -17.70
N ALA B 81 36.22 -43.76 -18.84
CA ALA B 81 37.27 -42.72 -18.82
C ALA B 81 36.63 -41.36 -18.55
N ASP B 82 35.42 -41.17 -19.08
CA ASP B 82 34.69 -39.93 -18.87
C ASP B 82 34.39 -39.76 -17.38
N LEU B 83 33.91 -40.85 -16.80
CA LEU B 83 33.52 -40.88 -15.41
C LEU B 83 34.70 -40.53 -14.52
N GLU B 84 35.87 -41.04 -14.88
CA GLU B 84 37.09 -40.76 -14.15
C GLU B 84 37.53 -39.33 -14.32
N ARG B 85 37.31 -38.74 -15.51
CA ARG B 85 37.60 -37.30 -15.74
C ARG B 85 36.73 -36.47 -14.82
N ILE B 86 35.44 -36.80 -14.83
CA ILE B 86 34.41 -36.04 -14.10
C ILE B 86 34.71 -36.10 -12.62
N ARG B 87 34.91 -37.32 -12.16
CA ARG B 87 35.24 -37.55 -10.80
C ARG B 87 36.43 -36.66 -10.40
N ALA B 88 37.44 -36.59 -11.26
CA ALA B 88 38.68 -35.87 -10.94
C ALA B 88 38.46 -34.38 -10.99
N GLU B 89 37.69 -33.96 -11.98
CA GLU B 89 37.23 -32.57 -12.05
C GLU B 89 36.46 -32.06 -10.83
N ASN B 90 35.81 -32.96 -10.08
CA ASN B 90 34.97 -32.58 -8.94
C ASN B 90 35.41 -33.19 -7.65
N LEU B 91 36.69 -33.52 -7.52
CA LEU B 91 37.19 -34.07 -6.27
C LEU B 91 36.74 -33.26 -5.08
N LYS B 92 36.72 -31.93 -5.23
CA LYS B 92 36.37 -31.03 -4.11
C LYS B 92 34.94 -31.25 -3.63
N LYS B 93 33.96 -31.06 -4.52
CA LYS B 93 32.55 -31.26 -4.15
C LYS B 93 32.29 -32.67 -3.65
N ILE B 94 32.88 -33.66 -4.31
CA ILE B 94 32.66 -35.03 -3.92
C ILE B 94 33.10 -35.30 -2.49
N ASP B 95 34.24 -34.74 -2.13
CA ASP B 95 34.73 -34.89 -0.79
C ASP B 95 33.78 -34.19 0.19
N GLU B 96 33.29 -33.02 -0.20
CA GLU B 96 32.33 -32.28 0.64
C GLU B 96 31.04 -33.08 0.92
N ASN B 97 30.52 -33.66 -0.13
CA ASN B 97 29.37 -34.51 -0.03
C ASN B 97 29.64 -35.71 0.84
N GLN B 98 30.79 -36.34 0.66
CA GLN B 98 31.16 -37.45 1.57
C GLN B 98 31.15 -36.96 3.02
N THR B 99 31.68 -35.77 3.26
CA THR B 99 31.76 -35.23 4.62
C THR B 99 30.38 -34.98 5.22
N LYS B 100 29.49 -34.41 4.41
CA LYS B 100 28.08 -34.21 4.81
C LYS B 100 27.47 -35.52 5.27
N MSE B 101 27.74 -36.60 4.54
CA MSE B 101 27.13 -37.87 4.89
C MSE B 101 27.76 -38.40 6.14
O MSE B 101 27.09 -38.98 6.99
CB MSE B 101 27.24 -38.83 3.73
CG MSE B 101 26.37 -38.37 2.58
SE MSE B 101 26.40 -39.73 1.14
CE MSE B 101 24.65 -40.28 1.74
N LYS B 102 29.07 -38.19 6.25
CA LYS B 102 29.80 -38.60 7.44
C LYS B 102 29.27 -37.85 8.67
N GLU B 103 29.23 -36.52 8.58
CA GLU B 103 28.73 -35.69 9.66
C GLU B 103 27.26 -35.98 10.01
N ALA B 104 26.46 -36.32 9.01
CA ALA B 104 25.05 -36.69 9.26
C ALA B 104 24.94 -38.03 9.98
N SER B 105 25.70 -39.01 9.51
CA SER B 105 25.72 -40.29 10.14
C SER B 105 26.13 -40.15 11.60
N GLU B 106 27.29 -39.51 11.84
CA GLU B 106 27.80 -39.26 13.19
C GLU B 106 26.77 -38.55 14.07
N ALA B 107 26.24 -37.42 13.60
CA ALA B 107 25.20 -36.69 14.34
C ALA B 107 24.09 -37.61 14.76
N ALA B 108 23.68 -38.50 13.88
CA ALA B 108 22.62 -39.43 14.21
C ALA B 108 23.11 -40.49 15.19
N ASP B 109 24.38 -40.88 15.05
CA ASP B 109 25.01 -41.87 15.95
C ASP B 109 25.04 -41.37 17.40
N LYS B 110 25.62 -40.19 17.58
CA LYS B 110 25.75 -39.55 18.89
C LYS B 110 24.40 -39.11 19.48
N ALA B 111 23.37 -39.02 18.66
CA ALA B 111 22.05 -38.62 19.15
C ALA B 111 21.30 -39.80 19.74
N LYS B 112 21.48 -40.97 19.14
CA LYS B 112 20.77 -42.17 19.54
C LYS B 112 21.44 -42.87 20.73
N LYS B 113 22.69 -42.53 21.04
CA LYS B 113 23.35 -43.01 22.25
C LYS B 113 22.84 -42.17 23.42
N SER B 114 23.08 -40.87 23.35
CA SER B 114 22.58 -39.92 24.33
C SER B 114 21.04 -39.98 24.46
N GLY B 115 20.53 -39.45 25.59
CA GLY B 115 19.09 -39.29 25.77
C GLY B 115 18.54 -38.06 25.09
N LEU B 116 19.40 -37.34 24.35
CA LEU B 116 18.99 -36.11 23.64
C LEU B 116 18.68 -36.40 22.13
N ALA B 117 18.13 -37.58 21.89
CA ALA B 117 17.66 -37.97 20.56
C ALA B 117 16.53 -37.04 20.12
N SER B 118 15.33 -37.21 20.70
CA SER B 118 14.15 -36.44 20.31
C SER B 118 14.05 -35.05 20.96
N LYS B 119 15.19 -34.47 21.33
CA LYS B 119 15.23 -33.10 21.83
C LYS B 119 15.72 -32.12 20.77
N ILE B 120 16.82 -32.47 20.11
CA ILE B 120 17.26 -31.67 18.94
C ILE B 120 16.79 -32.25 17.59
N PHE B 121 16.39 -33.54 17.55
CA PHE B 121 15.99 -34.20 16.29
C PHE B 121 14.60 -34.85 16.33
N GLY B 122 13.80 -34.53 17.32
CA GLY B 122 12.44 -35.03 17.39
C GLY B 122 11.55 -34.43 16.34
N TRP B 123 12.01 -33.33 15.74
CA TRP B 123 11.24 -32.65 14.69
C TRP B 123 11.42 -33.34 13.33
N ILE B 124 12.49 -34.08 13.19
CA ILE B 124 12.78 -34.77 11.94
C ILE B 124 11.68 -35.75 11.53
N SER B 125 11.25 -35.71 10.30
CA SER B 125 10.10 -36.54 9.90
C SER B 125 10.53 -37.99 9.84
N ALA B 126 9.55 -38.88 9.79
CA ALA B 126 9.84 -40.33 9.66
C ALA B 126 10.56 -40.68 8.35
N ILE B 127 10.15 -40.06 7.23
CA ILE B 127 10.80 -40.29 5.94
C ILE B 127 12.26 -39.95 6.09
N ALA B 128 12.53 -38.73 6.52
CA ALA B 128 13.91 -38.28 6.55
C ALA B 128 14.75 -39.19 7.45
N SER B 129 14.13 -39.65 8.51
CA SER B 129 14.71 -40.59 9.42
C SER B 129 15.16 -41.89 8.76
N MSE B 130 14.32 -42.45 7.88
CA MSE B 130 14.74 -43.60 7.11
C MSE B 130 15.88 -43.22 6.20
O MSE B 130 16.81 -44.03 5.99
CB MSE B 130 13.65 -44.15 6.23
CG MSE B 130 14.26 -44.87 4.99
SE MSE B 130 12.82 -44.99 3.69
CE MSE B 130 11.15 -45.18 4.80
N VAL B 131 15.80 -42.03 5.59
CA VAL B 131 16.87 -41.58 4.69
C VAL B 131 18.23 -41.59 5.41
N ILE B 132 18.25 -41.24 6.70
CA ILE B 132 19.50 -41.40 7.46
C ILE B 132 19.95 -42.85 7.48
N GLY B 133 19.03 -43.75 7.78
CA GLY B 133 19.27 -45.20 7.63
C GLY B 133 19.80 -45.64 6.29
N ALA B 134 19.17 -45.16 5.22
CA ALA B 134 19.60 -45.47 3.86
C ALA B 134 21.03 -45.02 3.59
N ILE B 135 21.37 -43.89 4.18
CA ILE B 135 22.75 -43.34 4.07
C ILE B 135 23.78 -44.16 4.82
N LEU B 136 23.42 -44.65 6.00
CA LEU B 136 24.24 -45.67 6.70
C LEU B 136 24.44 -46.98 5.93
N ILE B 137 23.36 -47.53 5.38
CA ILE B 137 23.48 -48.72 4.54
C ILE B 137 24.18 -48.49 3.19
N ALA B 138 23.87 -47.39 2.49
CA ALA B 138 24.30 -47.29 1.08
C ALA B 138 24.93 -45.95 0.67
N THR B 139 25.36 -45.16 1.67
CA THR B 139 25.91 -43.81 1.47
C THR B 139 25.25 -43.06 0.30
N GLY B 140 25.99 -42.65 -0.71
CA GLY B 140 25.43 -41.81 -1.76
C GLY B 140 24.24 -42.37 -2.51
N VAL B 141 24.10 -43.69 -2.58
CA VAL B 141 22.93 -44.27 -3.20
C VAL B 141 21.72 -44.08 -2.29
N GLY B 142 21.94 -44.26 -0.99
CA GLY B 142 20.90 -43.95 0.00
C GLY B 142 20.43 -42.51 -0.06
N ALA B 143 21.37 -41.60 -0.12
CA ALA B 143 21.00 -40.20 -0.21
C ALA B 143 20.19 -39.96 -1.48
N ALA B 144 20.71 -40.47 -2.59
CA ALA B 144 20.04 -40.31 -3.87
C ALA B 144 18.57 -40.75 -3.80
N VAL B 145 18.31 -42.00 -3.50
CA VAL B 145 16.93 -42.44 -3.47
C VAL B 145 16.13 -41.65 -2.42
N GLY B 146 16.79 -41.27 -1.32
CA GLY B 146 16.10 -40.53 -0.24
C GLY B 146 15.67 -39.19 -0.73
N ALA B 147 16.53 -38.51 -1.45
CA ALA B 147 16.17 -37.21 -1.97
C ALA B 147 15.05 -37.35 -3.01
N MSE B 148 15.13 -38.39 -3.83
CA MSE B 148 14.08 -38.69 -4.78
C MSE B 148 12.75 -38.82 -4.11
O MSE B 148 11.80 -38.16 -4.48
CB MSE B 148 14.32 -40.01 -5.50
CG MSE B 148 15.56 -39.99 -6.42
SE MSE B 148 15.08 -39.14 -8.09
CE MSE B 148 16.58 -40.02 -8.98
N MSE B 149 12.65 -39.62 -3.06
CA MSE B 149 11.40 -39.70 -2.38
C MSE B 149 10.86 -38.36 -1.90
O MSE B 149 9.63 -38.09 -1.96
CB MSE B 149 11.58 -40.54 -1.17
CG MSE B 149 11.79 -41.96 -1.62
SE MSE B 149 12.28 -42.96 -0.01
CE MSE B 149 10.83 -42.27 1.14
N ILE B 150 11.76 -37.52 -1.37
CA ILE B 150 11.34 -36.27 -0.76
C ILE B 150 10.99 -35.24 -1.82
N VAL B 151 11.77 -35.19 -2.89
CA VAL B 151 11.39 -34.35 -4.02
C VAL B 151 9.97 -34.62 -4.55
N GLY B 152 9.53 -35.88 -4.59
CA GLY B 152 8.12 -36.16 -4.94
C GLY B 152 7.91 -36.50 -6.40
N GLY B 153 8.37 -35.65 -7.30
CA GLY B 153 8.43 -35.99 -8.74
C GLY B 153 7.12 -36.48 -9.36
N ALA B 154 6.97 -37.79 -9.46
CA ALA B 154 5.83 -38.39 -10.17
C ALA B 154 4.51 -38.20 -9.40
N VAL B 155 4.34 -38.94 -8.31
CA VAL B 155 3.11 -38.86 -7.52
C VAL B 155 3.10 -37.74 -6.47
N GLY B 156 4.03 -36.80 -6.56
CA GLY B 156 4.07 -35.70 -5.61
C GLY B 156 2.83 -34.83 -5.65
N VAL B 157 2.30 -34.65 -6.85
CA VAL B 157 1.13 -33.77 -7.05
C VAL B 157 -0.16 -34.41 -6.48
N ALA B 158 -0.29 -35.70 -6.68
CA ALA B 158 -1.37 -36.45 -6.04
C ALA B 158 -1.25 -36.31 -4.54
N ASN B 159 -0.01 -36.49 -4.06
CA ASN B 159 0.25 -36.51 -2.65
C ASN B 159 -0.12 -35.19 -2.02
N MSE B 160 0.15 -34.11 -2.75
CA MSE B 160 -0.15 -32.78 -2.24
C MSE B 160 -1.65 -32.66 -2.17
O MSE B 160 -2.19 -32.23 -1.14
CB MSE B 160 0.45 -31.70 -3.15
CG MSE B 160 1.94 -31.51 -2.86
SE MSE B 160 2.68 -30.10 -4.02
CE MSE B 160 4.04 -29.34 -2.81
N ALA B 161 -2.31 -33.08 -3.24
CA ALA B 161 -3.78 -33.06 -3.31
C ALA B 161 -4.38 -33.80 -2.12
N ILE B 162 -3.78 -34.94 -1.76
CA ILE B 162 -4.16 -35.65 -0.54
C ILE B 162 -3.77 -34.76 0.64
N GLN B 163 -4.64 -33.80 0.91
CA GLN B 163 -4.49 -32.92 2.05
C GLN B 163 -5.85 -32.24 2.26
N GLN B 164 -6.87 -33.06 2.49
CA GLN B 164 -8.02 -32.64 3.29
C GLN B 164 -7.81 -33.30 4.65
N GLU B 174 -11.62 -35.21 4.81
CA GLU B 174 -11.14 -36.55 4.51
C GLU B 174 -10.65 -37.33 5.75
N THR B 175 -10.91 -38.65 5.73
CA THR B 175 -10.86 -39.58 6.90
C THR B 175 -9.61 -39.72 7.81
N MSE B 176 -9.23 -40.97 8.05
CA MSE B 176 -8.24 -41.34 9.06
C MSE B 176 -6.81 -41.23 8.68
O MSE B 176 -6.08 -40.49 9.32
CB MSE B 176 -8.52 -42.77 9.52
CG MSE B 176 -9.55 -42.85 10.64
SE MSE B 176 -8.84 -44.14 11.95
CE MSE B 176 -7.70 -43.01 13.10
N LYS B 177 -6.42 -42.04 7.68
CA LYS B 177 -5.05 -42.01 7.04
C LYS B 177 -4.12 -43.27 7.18
N VAL B 178 -4.57 -44.45 6.73
CA VAL B 178 -3.64 -45.50 6.28
C VAL B 178 -3.25 -45.26 4.78
N LEU B 179 -3.96 -44.33 4.14
CA LEU B 179 -3.56 -43.75 2.85
C LEU B 179 -2.10 -43.19 2.82
N GLY B 180 -1.63 -42.75 4.00
CA GLY B 180 -0.26 -42.28 4.19
C GLY B 180 0.82 -43.28 3.84
N PRO B 181 0.96 -44.37 4.64
CA PRO B 181 2.07 -45.30 4.36
C PRO B 181 2.11 -45.81 2.92
N ILE B 182 0.96 -45.94 2.27
CA ILE B 182 0.99 -46.52 0.94
C ILE B 182 1.53 -45.51 -0.05
N MSE B 183 1.21 -44.23 0.17
CA MSE B 183 1.72 -43.15 -0.68
C MSE B 183 3.22 -43.01 -0.55
O MSE B 183 3.89 -42.54 -1.47
CB MSE B 183 1.05 -41.85 -0.28
CG MSE B 183 -0.44 -41.89 -0.56
SE MSE B 183 -0.84 -41.47 -2.45
CE MSE B 183 0.31 -39.92 -2.76
N ILE B 184 3.76 -43.38 0.61
CA ILE B 184 5.19 -43.55 0.78
C ILE B 184 5.66 -44.64 -0.19
N ALA B 185 5.20 -45.88 0.05
CA ALA B 185 5.51 -47.05 -0.78
C ALA B 185 5.42 -46.70 -2.25
N ALA B 186 4.37 -45.99 -2.61
CA ALA B 186 4.22 -45.55 -3.99
C ALA B 186 5.45 -44.78 -4.38
N GLU B 187 5.77 -43.78 -3.56
CA GLU B 187 6.91 -42.88 -3.79
C GLU B 187 8.24 -43.64 -3.79
N ILE B 188 8.41 -44.51 -2.80
CA ILE B 188 9.61 -45.32 -2.75
C ILE B 188 9.76 -46.00 -4.07
N LEU B 189 8.75 -46.76 -4.44
CA LEU B 189 8.78 -47.54 -5.65
C LEU B 189 9.06 -46.69 -6.85
N VAL B 190 8.41 -45.52 -6.97
CA VAL B 190 8.67 -44.67 -8.15
C VAL B 190 10.17 -44.24 -8.14
N ALA B 191 10.65 -43.80 -6.97
CA ALA B 191 12.06 -43.39 -6.80
C ALA B 191 13.05 -44.47 -7.26
N ILE B 192 12.80 -45.73 -6.85
CA ILE B 192 13.64 -46.86 -7.30
C ILE B 192 13.70 -46.96 -8.81
N VAL B 193 12.54 -46.82 -9.44
CA VAL B 193 12.49 -46.91 -10.88
C VAL B 193 13.31 -45.75 -11.42
N SER B 194 12.98 -44.55 -10.96
CA SER B 194 13.68 -43.33 -11.41
C SER B 194 15.19 -43.53 -11.27
N ILE B 195 15.67 -44.13 -10.17
CA ILE B 195 17.11 -44.38 -10.02
C ILE B 195 17.56 -45.32 -11.11
N ALA B 196 16.81 -46.39 -11.31
CA ALA B 196 17.13 -47.40 -12.31
C ALA B 196 17.33 -46.72 -13.63
N VAL B 197 16.38 -45.88 -14.01
CA VAL B 197 16.45 -45.10 -15.25
C VAL B 197 17.68 -44.18 -15.31
N THR B 198 17.83 -43.32 -14.30
CA THR B 198 18.84 -42.27 -14.33
C THR B 198 20.27 -42.80 -14.17
N PHE B 199 20.46 -43.83 -13.35
CA PHE B 199 21.80 -44.33 -13.02
C PHE B 199 21.76 -45.82 -13.31
N GLY B 200 22.76 -46.58 -12.89
CA GLY B 200 22.67 -48.06 -12.98
C GLY B 200 21.31 -48.69 -12.62
N ALA B 201 21.12 -49.95 -12.98
CA ALA B 201 20.03 -50.72 -12.37
C ALA B 201 20.57 -51.50 -11.19
N SER B 202 21.88 -51.64 -11.12
CA SER B 202 22.48 -52.11 -9.89
C SER B 202 22.34 -51.01 -8.83
N ALA B 203 22.37 -49.75 -9.26
CA ALA B 203 22.16 -48.62 -8.36
C ALA B 203 20.77 -48.67 -7.75
N ALA B 204 19.80 -48.97 -8.60
CA ALA B 204 18.41 -49.10 -8.16
C ALA B 204 18.25 -50.27 -7.20
N SER B 205 18.97 -51.33 -7.51
CA SER B 205 18.91 -52.53 -6.73
C SER B 205 19.47 -52.28 -5.32
N THR B 206 20.66 -51.67 -5.27
CA THR B 206 21.27 -51.20 -4.01
C THR B 206 20.35 -50.26 -3.27
N ALA B 207 19.73 -49.34 -4.02
CA ALA B 207 18.82 -48.39 -3.43
C ALA B 207 17.65 -49.12 -2.77
N MSE B 208 17.20 -50.19 -3.42
CA MSE B 208 16.11 -51.00 -2.87
C MSE B 208 16.57 -51.69 -1.59
O MSE B 208 15.91 -51.65 -0.57
CB MSE B 208 15.61 -52.01 -3.92
CG MSE B 208 14.42 -52.84 -3.44
SE MSE B 208 12.81 -51.72 -3.39
CE MSE B 208 12.52 -51.46 -1.44
N LYS B 209 17.72 -52.31 -1.64
CA LYS B 209 18.30 -52.87 -0.44
C LYS B 209 18.42 -51.82 0.68
N ALA B 210 18.93 -50.63 0.34
CA ALA B 210 19.09 -49.59 1.30
C ALA B 210 17.78 -49.28 1.97
N VAL B 211 16.77 -49.02 1.16
CA VAL B 211 15.45 -48.68 1.72
C VAL B 211 14.88 -49.80 2.56
N LYS B 212 15.07 -51.04 2.09
CA LYS B 212 14.67 -52.23 2.81
C LYS B 212 15.23 -52.25 4.22
N PHE B 213 16.53 -52.13 4.34
CA PHE B 213 17.20 -52.27 5.60
C PHE B 213 17.05 -51.06 6.47
N ALA B 214 16.95 -49.86 5.90
CA ALA B 214 16.64 -48.66 6.69
C ALA B 214 15.26 -48.78 7.30
N THR B 215 14.39 -49.43 6.55
CA THR B 215 13.05 -49.70 7.00
C THR B 215 13.03 -50.71 8.18
N GLN B 216 13.86 -51.77 8.13
CA GLN B 216 13.98 -52.71 9.27
C GLN B 216 14.69 -52.06 10.47
N ALA B 217 15.76 -51.32 10.21
CA ALA B 217 16.45 -50.58 11.28
C ALA B 217 15.47 -49.67 11.99
N ALA B 218 14.52 -49.12 11.23
CA ALA B 218 13.47 -48.24 11.80
C ALA B 218 12.61 -48.86 12.94
N ASP B 219 12.51 -50.20 12.99
CA ASP B 219 11.70 -50.91 14.00
C ASP B 219 12.52 -51.35 15.25
N GLU C 2 -14.95 8.51 -16.45
CA GLU C 2 -16.00 8.88 -15.44
C GLU C 2 -15.45 8.99 -14.01
N PRO C 3 -14.78 7.95 -13.53
CA PRO C 3 -14.11 8.05 -12.24
C PRO C 3 -13.03 9.13 -12.15
N ALA C 4 -12.47 9.56 -13.28
CA ALA C 4 -11.58 10.72 -13.26
C ALA C 4 -12.38 11.99 -13.02
N ILE C 5 -13.49 12.16 -13.75
CA ILE C 5 -14.36 13.31 -13.56
C ILE C 5 -14.86 13.40 -12.11
N GLU C 6 -15.38 12.30 -11.57
CA GLU C 6 -15.76 12.22 -10.17
C GLU C 6 -14.65 12.66 -9.21
N ALA C 7 -13.45 12.14 -9.38
CA ALA C 7 -12.32 12.53 -8.52
C ALA C 7 -12.00 14.03 -8.64
N PHE C 8 -12.23 14.58 -9.83
CA PHE C 8 -12.04 16.01 -10.07
C PHE C 8 -13.08 16.80 -9.27
N LEU C 9 -14.32 16.35 -9.39
CA LEU C 9 -15.45 16.99 -8.79
C LEU C 9 -15.29 16.97 -7.25
N GLN C 10 -14.86 15.81 -6.77
CA GLN C 10 -14.66 15.55 -5.37
C GLN C 10 -13.54 16.37 -4.74
N ASP C 11 -12.46 16.59 -5.49
CA ASP C 11 -11.33 17.34 -4.98
C ASP C 11 -11.63 18.82 -5.00
N GLY C 12 -12.72 19.20 -5.65
CA GLY C 12 -13.17 20.59 -5.60
C GLY C 12 -13.18 21.27 -6.92
N GLY C 13 -13.05 20.51 -8.00
CA GLY C 13 -13.21 21.07 -9.31
C GLY C 13 -14.65 21.46 -9.53
N THR C 14 -14.81 22.39 -10.47
CA THR C 14 -16.06 23.00 -10.81
C THR C 14 -16.33 22.86 -12.29
N LEU C 15 -17.57 23.10 -12.67
CA LEU C 15 -18.00 23.07 -14.06
C LEU C 15 -17.27 24.13 -14.87
N ALA C 16 -16.92 25.26 -14.27
CA ALA C 16 -16.23 26.31 -15.01
C ALA C 16 -14.93 25.73 -15.51
N MSE C 17 -14.17 25.20 -14.57
CA MSE C 17 -12.89 24.58 -14.84
C MSE C 17 -12.98 23.53 -15.91
O MSE C 17 -12.16 23.49 -16.83
CB MSE C 17 -12.39 23.93 -13.58
CG MSE C 17 -11.80 24.99 -12.68
SE MSE C 17 -11.39 24.09 -11.00
CE MSE C 17 -11.16 25.74 -9.94
N LEU C 18 -14.03 22.74 -15.86
CA LEU C 18 -14.23 21.65 -16.79
C LEU C 18 -14.38 22.17 -18.17
N ASN C 19 -15.14 23.26 -18.34
CA ASN C 19 -15.40 23.81 -19.67
C ASN C 19 -14.45 24.92 -20.10
N ASP C 20 -13.25 24.93 -19.52
CA ASP C 20 -12.29 26.03 -19.70
C ASP C 20 -13.01 27.36 -19.85
N VAL C 21 -13.69 27.76 -18.79
CA VAL C 21 -14.31 29.07 -18.72
C VAL C 21 -13.39 29.98 -17.96
N SER C 22 -13.05 31.12 -18.55
CA SER C 22 -12.06 32.03 -17.97
C SER C 22 -12.58 32.80 -16.80
N THR C 23 -11.67 33.33 -15.99
CA THR C 23 -12.05 34.13 -14.85
C THR C 23 -12.79 35.35 -15.34
N ASP C 24 -12.38 35.83 -16.49
CA ASP C 24 -12.92 37.07 -17.01
C ASP C 24 -14.25 36.88 -17.71
N THR C 25 -14.53 35.71 -18.27
CA THR C 25 -15.88 35.47 -18.80
C THR C 25 -16.91 35.34 -17.64
N LEU C 26 -16.49 34.71 -16.55
CA LEU C 26 -17.32 34.52 -15.40
C LEU C 26 -17.63 35.86 -14.78
N GLU C 27 -16.60 36.68 -14.65
CA GLU C 27 -16.77 38.02 -14.11
C GLU C 27 -17.69 38.88 -14.94
N GLN C 28 -17.71 38.65 -16.25
CA GLN C 28 -18.59 39.36 -17.11
C GLN C 28 -20.00 39.01 -16.73
N LEU C 29 -20.24 37.72 -16.60
CA LEU C 29 -21.57 37.20 -16.26
C LEU C 29 -22.00 37.63 -14.86
N TYR C 30 -21.06 37.77 -13.93
CA TYR C 30 -21.38 38.33 -12.62
C TYR C 30 -21.85 39.76 -12.80
N THR C 31 -21.12 40.54 -13.61
CA THR C 31 -21.47 41.94 -13.88
C THR C 31 -22.88 42.02 -14.42
N LEU C 32 -23.18 41.22 -15.42
CA LEU C 32 -24.54 41.21 -15.98
C LEU C 32 -25.60 40.96 -14.91
N GLY C 33 -25.39 39.92 -14.10
CA GLY C 33 -26.27 39.63 -12.99
C GLY C 33 -26.38 40.77 -11.99
N PHE C 34 -25.23 41.35 -11.65
CA PHE C 34 -25.16 42.46 -10.70
C PHE C 34 -25.93 43.69 -11.19
N ASN C 35 -25.82 43.98 -12.48
CA ASN C 35 -26.54 45.13 -13.04
C ASN C 35 -28.03 44.83 -13.10
N GLN C 36 -28.39 43.67 -13.62
CA GLN C 36 -29.80 43.29 -13.65
C GLN C 36 -30.47 43.35 -12.27
N TYR C 37 -29.74 42.96 -11.23
CA TYR C 37 -30.32 42.98 -9.90
C TYR C 37 -30.59 44.42 -9.51
N HIS C 38 -29.62 45.30 -9.76
CA HIS C 38 -29.76 46.70 -9.37
C HIS C 38 -30.74 47.44 -10.28
N ALA C 39 -30.95 46.93 -11.49
CA ALA C 39 -32.05 47.41 -12.33
C ALA C 39 -33.47 47.00 -11.86
N GLY C 40 -33.57 46.20 -10.80
CA GLY C 40 -34.84 45.60 -10.38
C GLY C 40 -35.37 44.46 -11.26
N LYS C 41 -34.61 44.04 -12.29
CA LYS C 41 -34.96 42.87 -13.10
C LYS C 41 -34.62 41.58 -12.35
N HIS C 42 -35.26 41.39 -11.21
CA HIS C 42 -34.88 40.34 -10.26
C HIS C 42 -34.99 38.94 -10.77
N ASP C 43 -36.01 38.69 -11.57
CA ASP C 43 -36.24 37.38 -12.09
C ASP C 43 -35.13 37.01 -13.04
N GLU C 44 -34.73 37.97 -13.86
CA GLU C 44 -33.69 37.76 -14.86
C GLU C 44 -32.34 37.65 -14.16
N ALA C 45 -32.14 38.47 -13.14
CA ALA C 45 -30.94 38.36 -12.29
C ALA C 45 -30.85 37.00 -11.59
N HIS C 46 -31.97 36.53 -11.05
CA HIS C 46 -32.02 35.19 -10.49
C HIS C 46 -31.52 34.12 -11.45
N LYS C 47 -31.99 34.13 -12.70
CA LYS C 47 -31.53 33.14 -13.69
C LYS C 47 -30.03 33.20 -13.93
N ILE C 48 -29.48 34.42 -13.94
CA ILE C 48 -28.04 34.60 -14.12
C ILE C 48 -27.30 33.99 -12.94
N PHE C 49 -27.69 34.37 -11.73
CA PHE C 49 -27.04 33.81 -10.56
C PHE C 49 -27.17 32.27 -10.46
N GLN C 50 -28.26 31.72 -10.95
CA GLN C 50 -28.36 30.28 -11.00
C GLN C 50 -27.28 29.69 -11.85
N ALA C 51 -26.96 30.34 -12.96
CA ALA C 51 -25.94 29.78 -13.87
C ALA C 51 -24.59 29.90 -13.23
N LEU C 52 -24.30 31.05 -12.66
CA LEU C 52 -23.05 31.25 -11.93
C LEU C 52 -22.84 30.24 -10.82
N CYS C 53 -23.87 30.02 -10.00
CA CYS C 53 -23.76 29.09 -8.89
C CYS C 53 -23.47 27.67 -9.38
N VAL C 54 -24.00 27.33 -10.55
CA VAL C 54 -23.72 26.03 -11.15
C VAL C 54 -22.31 25.99 -11.76
N LEU C 55 -21.86 27.10 -12.34
CA LEU C 55 -20.51 27.20 -12.92
C LEU C 55 -19.41 27.13 -11.89
N ASP C 56 -19.61 27.79 -10.75
CA ASP C 56 -18.65 27.70 -9.65
C ASP C 56 -19.40 27.61 -8.37
N HIS C 57 -19.49 26.41 -7.82
CA HIS C 57 -20.40 26.16 -6.72
C HIS C 57 -19.70 26.35 -5.39
N TYR C 58 -18.55 27.03 -5.44
CA TYR C 58 -17.83 27.44 -4.24
C TYR C 58 -17.77 28.96 -4.02
N GLU C 59 -18.22 29.78 -4.97
CA GLU C 59 -18.25 31.24 -4.80
C GLU C 59 -19.40 31.70 -3.95
N ALA C 60 -19.11 32.12 -2.72
CA ALA C 60 -20.17 32.72 -1.86
C ALA C 60 -20.93 33.85 -2.50
N ARG C 61 -20.28 34.71 -3.29
CA ARG C 61 -20.97 35.88 -3.78
C ARG C 61 -22.03 35.54 -4.84
N PHE C 62 -21.81 34.48 -5.64
CA PHE C 62 -22.88 33.99 -6.51
C PHE C 62 -24.06 33.54 -5.66
N PHE C 63 -23.78 32.93 -4.50
CA PHE C 63 -24.86 32.56 -3.57
C PHE C 63 -25.47 33.74 -2.87
N LEU C 64 -24.68 34.78 -2.67
CA LEU C 64 -25.24 36.03 -2.13
C LEU C 64 -26.20 36.61 -3.16
N GLY C 65 -25.75 36.69 -4.40
CA GLY C 65 -26.59 37.24 -5.46
C GLY C 65 -27.86 36.41 -5.63
N LEU C 66 -27.70 35.09 -5.68
CA LEU C 66 -28.87 34.21 -5.86
C LEU C 66 -29.86 34.50 -4.78
N GLY C 67 -29.36 34.64 -3.56
CA GLY C 67 -30.23 34.86 -2.42
C GLY C 67 -30.91 36.18 -2.46
N ALA C 68 -30.19 37.20 -2.90
CA ALA C 68 -30.74 38.53 -2.96
C ALA C 68 -31.84 38.60 -3.99
N CYS C 69 -31.66 37.97 -5.14
CA CYS C 69 -32.75 37.94 -6.12
C CYS C 69 -33.99 37.27 -5.53
N ARG C 70 -33.79 36.15 -4.85
CA ARG C 70 -34.88 35.35 -4.30
C ARG C 70 -35.66 36.18 -3.27
N GLN C 71 -34.93 36.91 -2.43
CA GLN C 71 -35.56 37.71 -1.37
C GLN C 71 -36.43 38.79 -2.02
N ALA C 72 -35.87 39.50 -2.98
CA ALA C 72 -36.60 40.57 -3.66
C ALA C 72 -37.88 40.04 -4.29
N LEU C 73 -37.87 38.83 -4.83
CA LEU C 73 -39.12 38.20 -5.36
C LEU C 73 -40.06 37.67 -4.25
N GLY C 74 -39.78 37.93 -2.99
CA GLY C 74 -40.58 37.34 -1.94
C GLY C 74 -40.42 35.85 -1.72
N GLN C 75 -39.48 35.20 -2.40
CA GLN C 75 -39.16 33.78 -2.18
C GLN C 75 -38.21 33.58 -0.97
N PHE C 76 -38.71 33.84 0.24
CA PHE C 76 -37.86 33.91 1.43
C PHE C 76 -37.20 32.63 1.85
N ARG C 77 -37.92 31.54 1.68
CA ARG C 77 -37.44 30.23 2.10
C ARG C 77 -36.29 29.78 1.22
N LEU C 78 -36.45 29.97 -0.08
CA LEU C 78 -35.41 29.62 -1.03
C LEU C 78 -34.20 30.51 -0.88
N ALA C 79 -34.42 31.74 -0.44
CA ALA C 79 -33.32 32.69 -0.23
C ALA C 79 -32.46 32.28 0.97
N ILE C 80 -33.12 31.83 2.04
CA ILE C 80 -32.39 31.31 3.17
C ILE C 80 -31.50 30.14 2.77
N ASP C 81 -31.99 29.28 1.88
CA ASP C 81 -31.22 28.11 1.43
C ASP C 81 -29.94 28.59 0.76
N SER C 82 -30.02 29.60 -0.11
CA SER C 82 -28.86 30.15 -0.77
C SER C 82 -27.89 30.94 0.20
N TYR C 83 -28.46 31.73 1.09
CA TYR C 83 -27.67 32.42 2.06
C TYR C 83 -26.98 31.41 2.98
N SER C 84 -27.67 30.31 3.30
CA SER C 84 -27.05 29.28 4.16
C SER C 84 -25.85 28.66 3.44
N TYR C 85 -26.04 28.20 2.21
CA TYR C 85 -24.90 27.60 1.52
C TYR C 85 -23.81 28.66 1.35
N GLY C 86 -24.17 29.89 1.04
CA GLY C 86 -23.14 30.93 0.93
C GLY C 86 -22.29 31.07 2.19
N ALA C 87 -22.93 31.10 3.36
CA ALA C 87 -22.20 31.22 4.64
C ALA C 87 -21.17 30.12 4.82
N MSE C 88 -21.55 28.91 4.44
CA MSE C 88 -20.66 27.76 4.55
CA MSE C 88 -20.67 27.74 4.57
C MSE C 88 -19.48 27.94 3.68
O MSE C 88 -18.43 27.39 3.94
CB MSE C 88 -21.38 26.45 4.15
CB MSE C 88 -21.36 26.42 4.25
CG MSE C 88 -22.58 26.09 5.01
CG MSE C 88 -22.19 25.73 5.39
SE MSE C 88 -23.53 24.55 4.24
SE MSE C 88 -22.14 26.45 7.27
CE MSE C 88 -24.92 24.78 5.61
CE MSE C 88 -20.79 25.31 8.13
N MSE C 89 -19.59 28.72 2.64
CA MSE C 89 -18.45 29.00 1.75
C MSE C 89 -17.70 30.24 2.14
O MSE C 89 -16.64 30.52 1.58
CB MSE C 89 -18.88 29.22 0.30
CG MSE C 89 -19.62 28.01 -0.28
SE MSE C 89 -18.42 26.46 -0.39
CE MSE C 89 -18.81 25.42 1.23
N ASP C 90 -18.21 30.99 3.11
CA ASP C 90 -17.52 32.17 3.60
C ASP C 90 -18.07 32.50 4.96
N LEU C 91 -17.47 31.87 5.97
CA LEU C 91 -18.00 31.85 7.33
C LEU C 91 -17.80 33.16 8.02
N GLN C 92 -16.98 34.02 7.45
CA GLN C 92 -16.69 35.30 8.06
C GLN C 92 -17.53 36.43 7.49
N GLU C 93 -18.36 36.14 6.48
CA GLU C 93 -19.18 37.16 5.83
C GLU C 93 -20.53 37.37 6.55
N PRO C 94 -20.76 38.58 7.10
CA PRO C 94 -21.96 38.79 7.91
C PRO C 94 -23.27 39.00 7.13
N ARG C 95 -23.17 39.48 5.91
CA ARG C 95 -24.36 39.64 5.07
C ARG C 95 -25.25 38.39 4.96
N PHE C 96 -24.64 37.21 4.99
CA PHE C 96 -25.41 35.97 4.87
C PHE C 96 -26.36 35.80 6.04
N PRO C 97 -25.86 35.78 7.27
CA PRO C 97 -26.83 35.58 8.38
C PRO C 97 -27.82 36.71 8.51
N PHE C 98 -27.37 37.88 8.09
CA PHE C 98 -28.17 39.08 8.25
C PHE C 98 -29.37 38.94 7.32
N HIS C 99 -29.14 38.81 6.02
CA HIS C 99 -30.28 38.74 5.11
C HIS C 99 -31.10 37.45 5.26
N ALA C 100 -30.48 36.39 5.72
CA ALA C 100 -31.25 35.19 6.07
C ALA C 100 -32.17 35.45 7.27
N ALA C 101 -31.70 36.23 8.23
CA ALA C 101 -32.51 36.58 9.39
C ALA C 101 -33.71 37.40 8.95
N GLU C 102 -33.50 38.38 8.08
CA GLU C 102 -34.59 39.20 7.56
C GLU C 102 -35.63 38.29 6.97
N CYS C 103 -35.19 37.36 6.15
CA CYS C 103 -36.08 36.39 5.50
C CYS C 103 -36.80 35.54 6.56
N LEU C 104 -36.06 35.04 7.53
CA LEU C 104 -36.68 34.28 8.61
C LEU C 104 -37.77 35.05 9.35
N LEU C 105 -37.52 36.35 9.62
CA LEU C 105 -38.46 37.18 10.33
C LEU C 105 -39.73 37.36 9.56
N GLN C 106 -39.62 37.53 8.24
CA GLN C 106 -40.77 37.62 7.39
C GLN C 106 -41.62 36.37 7.43
N LEU C 107 -41.02 35.22 7.73
CA LEU C 107 -41.81 33.96 7.82
C LEU C 107 -42.26 33.63 9.25
N GLY C 108 -41.87 34.46 10.21
CA GLY C 108 -42.26 34.21 11.57
C GLY C 108 -41.31 33.32 12.34
N GLU C 109 -40.20 32.93 11.73
CA GLU C 109 -39.28 32.06 12.43
C GLU C 109 -38.31 32.86 13.28
N LEU C 110 -38.77 33.19 14.48
CA LEU C 110 -38.06 34.13 15.30
C LEU C 110 -36.79 33.55 15.88
N GLU C 111 -36.82 32.26 16.21
CA GLU C 111 -35.69 31.67 16.94
C GLU C 111 -34.50 31.68 16.01
N GLY C 112 -34.75 31.43 14.73
CA GLY C 112 -33.69 31.47 13.72
C GLY C 112 -33.35 32.87 13.24
N ALA C 113 -34.35 33.71 13.04
CA ALA C 113 -34.10 35.15 12.84
C ALA C 113 -33.14 35.66 13.92
N GLU C 114 -33.35 35.28 15.17
CA GLU C 114 -32.48 35.72 16.24
C GLU C 114 -31.05 35.27 16.03
N SER C 115 -30.90 34.02 15.64
CA SER C 115 -29.59 33.43 15.45
C SER C 115 -28.86 34.13 14.33
N GLY C 116 -29.62 34.48 13.30
CA GLY C 116 -29.07 35.17 12.13
C GLY C 116 -28.58 36.56 12.46
N PHE C 117 -29.44 37.37 13.06
CA PHE C 117 -29.06 38.73 13.44
C PHE C 117 -27.92 38.74 14.44
N HIS C 118 -27.92 37.74 15.34
CA HIS C 118 -26.89 37.62 16.34
C HIS C 118 -25.53 37.31 15.75
N SER C 119 -25.46 36.35 14.85
CA SER C 119 -24.20 36.07 14.19
C SER C 119 -23.80 37.21 13.26
N ALA C 120 -24.78 37.84 12.63
CA ALA C 120 -24.47 38.91 11.70
C ALA C 120 -23.75 40.00 12.47
N GLN C 121 -24.21 40.29 13.70
CA GLN C 121 -23.59 41.32 14.54
C GLN C 121 -22.18 40.99 14.92
N LEU C 122 -21.96 39.78 15.44
CA LEU C 122 -20.59 39.35 15.78
C LEU C 122 -19.62 39.50 14.62
N LEU C 123 -20.01 38.99 13.46
CA LEU C 123 -19.11 38.97 12.32
C LEU C 123 -18.86 40.36 11.80
N ALA C 124 -19.88 41.19 11.82
CA ALA C 124 -19.79 42.57 11.33
C ALA C 124 -18.97 43.41 12.31
N ALA C 125 -19.10 43.13 13.61
CA ALA C 125 -18.32 43.81 14.63
C ALA C 125 -16.84 43.61 14.33
N ALA C 126 -16.42 42.35 14.29
CA ALA C 126 -15.01 42.00 14.05
C ALA C 126 -14.35 42.81 12.92
N LYS C 127 -15.07 43.18 11.88
CA LYS C 127 -14.50 44.02 10.80
C LYS C 127 -14.97 45.50 10.92
N PRO C 128 -14.02 46.46 11.15
CA PRO C 128 -14.43 47.83 11.49
C PRO C 128 -14.96 48.68 10.32
N GLU C 129 -14.76 48.21 9.10
CA GLU C 129 -15.40 48.80 7.92
C GLU C 129 -16.94 48.72 7.94
N LEU C 130 -17.48 47.87 8.80
CA LEU C 130 -18.87 47.41 8.72
C LEU C 130 -19.72 47.78 9.94
N ALA C 131 -19.41 48.88 10.61
CA ALA C 131 -20.10 49.21 11.87
C ALA C 131 -21.58 49.58 11.67
N GLU C 132 -21.91 50.16 10.52
CA GLU C 132 -23.31 50.45 10.20
C GLU C 132 -24.15 49.16 10.16
N LEU C 133 -23.68 48.15 9.44
CA LEU C 133 -24.37 46.87 9.36
C LEU C 133 -24.38 46.18 10.72
N ALA C 134 -23.27 46.28 11.45
CA ALA C 134 -23.19 45.74 12.80
C ALA C 134 -24.26 46.31 13.70
N ALA C 135 -24.57 47.59 13.48
CA ALA C 135 -25.58 48.28 14.27
C ALA C 135 -26.99 47.82 13.89
N ARG C 136 -27.28 47.83 12.57
CA ARG C 136 -28.54 47.31 12.04
C ARG C 136 -28.80 45.93 12.61
N ALA C 137 -27.76 45.10 12.63
CA ALA C 137 -27.96 43.76 13.13
C ALA C 137 -28.39 43.86 14.59
N GLY C 138 -27.66 44.67 15.35
CA GLY C 138 -27.94 44.84 16.77
C GLY C 138 -29.37 45.29 17.00
N ILE C 139 -29.85 46.21 16.19
CA ILE C 139 -31.22 46.69 16.32
C ILE C 139 -32.23 45.59 16.05
N MSE C 140 -32.10 44.92 14.91
CA MSE C 140 -33.04 43.86 14.51
C MSE C 140 -33.00 42.69 15.46
O MSE C 140 -34.01 42.05 15.75
CB MSE C 140 -32.67 43.31 13.13
CG MSE C 140 -32.81 44.36 12.02
SE MSE C 140 -34.63 45.10 12.01
CE MSE C 140 -35.76 43.49 11.72
N LEU C 141 -31.82 42.43 16.01
CA LEU C 141 -31.71 41.48 17.09
C LEU C 141 -32.70 41.81 18.21
N GLU C 142 -32.69 43.06 18.70
CA GLU C 142 -33.67 43.54 19.69
C GLU C 142 -35.10 43.39 19.26
N VAL C 143 -35.37 43.80 18.02
CA VAL C 143 -36.69 43.75 17.49
C VAL C 143 -37.18 42.32 17.55
N VAL C 144 -36.28 41.40 17.27
CA VAL C 144 -36.65 39.99 17.20
C VAL C 144 -36.83 39.41 18.60
N LYS C 145 -35.84 39.61 19.48
CA LYS C 145 -35.97 39.20 20.90
C LYS C 145 -37.25 39.70 21.51
N THR C 146 -37.64 40.91 21.21
CA THR C 146 -38.82 41.49 21.81
C THR C 146 -40.11 40.94 21.16
N LYS C 147 -40.12 40.79 19.85
CA LYS C 147 -41.26 40.17 19.12
C LYS C 147 -41.42 38.70 19.62
N LYS C 148 -40.29 38.10 19.99
CA LYS C 148 -40.18 36.70 20.46
C LYS C 148 -40.85 36.58 21.81
N ASP C 149 -40.50 37.46 22.75
CA ASP C 149 -41.26 37.61 24.00
C ASP C 149 -42.74 37.85 23.57
N MSE C 150 -43.43 36.77 23.19
CA MSE C 150 -44.61 36.85 22.34
C MSE C 150 -45.80 36.17 22.89
O MSE C 150 -46.88 36.52 22.49
CB MSE C 150 -44.34 36.12 21.02
CG MSE C 150 -45.29 36.45 19.87
SE MSE C 150 -45.41 34.91 18.65
CE MSE C 150 -47.35 34.97 18.39
N GLU C 151 -45.64 35.19 23.78
CA GLU C 151 -46.81 34.43 24.28
C GLU C 151 -47.49 33.68 23.12
N GLY D 1 -33.33 46.14 -6.85
CA GLY D 1 -33.08 45.49 -5.54
C GLY D 1 -32.13 46.36 -4.75
N GLN D 2 -32.66 47.08 -3.77
CA GLN D 2 -31.87 47.93 -2.88
C GLN D 2 -31.63 47.24 -1.51
N GLY D 3 -32.15 46.02 -1.35
CA GLY D 3 -32.07 45.30 -0.10
C GLY D 3 -30.68 44.74 0.22
N VAL D 4 -30.03 44.14 -0.76
CA VAL D 4 -28.71 43.58 -0.51
C VAL D 4 -27.59 44.32 -1.28
N VAL D 5 -26.52 44.59 -0.54
CA VAL D 5 -25.28 45.12 -1.12
C VAL D 5 -24.48 43.97 -1.66
N LEU D 6 -24.45 43.82 -2.98
CA LEU D 6 -23.59 42.85 -3.61
C LEU D 6 -22.22 43.47 -3.83
N PRO D 7 -21.13 42.68 -3.69
CA PRO D 7 -19.82 43.19 -4.08
C PRO D 7 -19.77 43.62 -5.54
N GLN D 8 -18.94 44.62 -5.82
CA GLN D 8 -18.84 45.21 -7.15
C GLN D 8 -18.12 44.28 -8.12
N PRO D 9 -18.48 44.31 -9.40
CA PRO D 9 -17.76 43.45 -10.31
C PRO D 9 -16.26 43.80 -10.36
N MSE D 10 -15.43 42.77 -10.61
CA MSE D 10 -13.96 42.86 -10.78
C MSE D 10 -13.22 43.42 -9.59
O MSE D 10 -13.04 42.74 -8.57
CB MSE D 10 -13.60 43.67 -12.01
CG MSE D 10 -14.41 43.45 -13.27
SE MSE D 10 -14.18 45.16 -14.23
CE MSE D 10 -15.55 46.27 -13.34
N GLN D 22 -21.30 39.48 -25.32
CA GLN D 22 -22.69 39.94 -25.26
C GLN D 22 -23.62 38.82 -25.73
N GLN D 23 -23.15 38.06 -26.72
CA GLN D 23 -23.79 36.80 -27.13
C GLN D 23 -23.02 35.59 -26.58
N GLU D 24 -21.74 35.78 -26.27
CA GLU D 24 -20.90 34.77 -25.59
C GLU D 24 -21.42 34.41 -24.19
N LEU D 25 -22.08 35.36 -23.53
CA LEU D 25 -22.67 35.14 -22.22
C LEU D 25 -23.91 34.26 -22.28
N ASP D 26 -24.66 34.32 -23.37
CA ASP D 26 -25.78 33.40 -23.59
C ASP D 26 -25.28 31.99 -23.89
N GLN D 27 -24.12 31.90 -24.56
CA GLN D 27 -23.44 30.63 -24.76
C GLN D 27 -23.17 30.01 -23.38
N LEU D 28 -22.49 30.81 -22.54
CA LEU D 28 -22.10 30.41 -21.19
C LEU D 28 -23.29 30.08 -20.30
N ARG D 29 -24.38 30.81 -20.43
CA ARG D 29 -25.58 30.48 -19.71
C ARG D 29 -26.17 29.17 -20.19
N LYS D 30 -26.08 28.91 -21.49
CA LYS D 30 -26.64 27.66 -22.07
C LYS D 30 -25.77 26.49 -21.62
N THR D 31 -24.45 26.68 -21.62
CA THR D 31 -23.51 25.72 -21.06
C THR D 31 -23.92 25.29 -19.65
N ALA D 32 -24.15 26.28 -18.81
CA ALA D 32 -24.37 26.07 -17.38
C ALA D 32 -25.71 25.43 -17.09
N GLN D 33 -26.73 25.76 -17.87
CA GLN D 33 -28.06 25.17 -17.62
C GLN D 33 -28.29 23.86 -18.43
N LEU D 34 -27.28 23.48 -19.22
CA LEU D 34 -27.31 22.32 -20.09
C LEU D 34 -27.61 21.03 -19.34
N GLY D 35 -27.04 20.90 -18.15
CA GLY D 35 -27.27 19.70 -17.35
C GLY D 35 -28.67 19.52 -16.83
N THR D 36 -29.34 20.60 -16.41
CA THR D 36 -30.70 20.50 -15.87
C THR D 36 -31.73 20.52 -16.98
N ALA D 37 -31.36 21.07 -18.14
CA ALA D 37 -32.22 21.01 -19.31
C ALA D 37 -32.37 19.56 -19.74
N ASN D 38 -31.24 18.88 -19.94
CA ASN D 38 -31.22 17.42 -20.21
C ASN D 38 -31.85 16.60 -19.09
N ALA D 39 -31.74 17.08 -17.86
CA ALA D 39 -32.34 16.39 -16.72
C ALA D 39 -33.86 16.39 -16.80
N ALA D 40 -34.45 17.56 -17.07
CA ALA D 40 -35.91 17.71 -17.19
C ALA D 40 -36.46 16.89 -18.35
N LYS D 41 -35.79 17.01 -19.49
CA LYS D 41 -36.01 16.19 -20.67
C LYS D 41 -36.13 14.72 -20.27
N LEU D 42 -35.04 14.12 -19.82
CA LEU D 42 -35.05 12.71 -19.36
C LEU D 42 -36.11 12.37 -18.29
N LEU D 43 -36.57 13.36 -17.53
CA LEU D 43 -37.59 13.12 -16.51
C LEU D 43 -39.02 13.47 -16.98
N GLY D 44 -39.20 13.68 -18.28
CA GLY D 44 -40.52 13.64 -18.89
C GLY D 44 -40.70 12.28 -19.56
N SER D 45 -40.75 11.22 -18.74
CA SER D 45 -40.89 9.82 -19.18
C SER D 45 -41.91 9.07 -18.30
N SER D 46 -41.48 8.00 -17.63
CA SER D 46 -42.23 7.40 -16.51
C SER D 46 -41.28 6.81 -15.45
N THR D 47 -40.05 7.31 -15.42
CA THR D 47 -39.03 6.89 -14.46
C THR D 47 -39.17 7.80 -13.27
N LEU D 48 -39.21 7.30 -12.01
CA LEU D 48 -39.43 5.88 -11.59
C LEU D 48 -38.47 4.75 -12.09
N LEU D 49 -37.23 4.66 -11.61
CA LEU D 49 -36.38 5.74 -11.01
C LEU D 49 -36.62 6.44 -9.66
N ASN D 50 -37.61 6.02 -8.89
CA ASN D 50 -38.16 6.85 -7.78
C ASN D 50 -38.01 6.45 -6.28
N LYS D 51 -38.43 5.27 -5.77
CA LYS D 51 -38.90 4.06 -6.48
C LYS D 51 -37.83 3.47 -7.40
N LEU D 52 -36.93 2.63 -6.90
CA LEU D 52 -35.95 1.98 -7.78
C LEU D 52 -34.95 1.02 -7.13
N ALA D 53 -34.17 0.36 -8.00
CA ALA D 53 -33.10 -0.56 -7.61
C ALA D 53 -31.75 0.02 -8.08
N PHE D 54 -31.22 0.98 -7.32
CA PHE D 54 -29.83 1.49 -7.52
C PHE D 54 -29.44 2.46 -8.69
N ALA D 55 -28.12 2.62 -8.72
CA ALA D 55 -27.39 3.28 -9.78
C ALA D 55 -27.93 2.82 -11.10
N SER D 56 -27.79 1.53 -11.40
CA SER D 56 -28.38 0.90 -12.57
C SER D 56 -29.89 1.23 -12.51
N PRO D 57 -30.52 1.67 -13.62
CA PRO D 57 -29.87 2.12 -14.85
C PRO D 57 -29.60 3.62 -14.85
N GLU D 58 -28.62 4.03 -15.64
CA GLU D 58 -28.36 5.46 -15.95
C GLU D 58 -29.15 6.08 -17.13
N GLU D 59 -28.91 5.70 -18.39
CA GLU D 59 -28.12 4.53 -18.77
C GLU D 59 -26.60 4.73 -18.71
N PHE D 60 -26.06 5.82 -19.24
CA PHE D 60 -26.83 7.03 -19.57
C PHE D 60 -27.44 6.96 -20.98
N GLU D 61 -26.74 6.31 -21.93
CA GLU D 61 -27.23 5.98 -23.29
C GLU D 61 -28.32 6.93 -23.83
N ILE D 62 -27.99 7.88 -24.71
CA ILE D 62 -26.67 7.98 -25.37
C ILE D 62 -25.50 8.19 -24.41
N LYS D 79 -10.82 14.08 -22.14
CA LYS D 79 -9.51 13.43 -22.18
C LYS D 79 -8.60 13.67 -20.94
N LEU D 80 -8.17 12.58 -20.32
CA LEU D 80 -7.38 12.61 -19.06
C LEU D 80 -6.20 13.58 -19.01
N ALA D 81 -5.53 13.82 -20.14
CA ALA D 81 -4.44 14.79 -20.14
C ALA D 81 -4.96 16.21 -19.93
N ASP D 82 -6.14 16.48 -20.51
CA ASP D 82 -6.77 17.79 -20.37
C ASP D 82 -7.12 18.01 -18.91
N LEU D 83 -7.69 16.98 -18.31
CA LEU D 83 -8.11 17.02 -16.91
C LEU D 83 -6.93 17.31 -15.97
N GLU D 84 -5.79 16.71 -16.29
CA GLU D 84 -4.57 16.92 -15.52
C GLU D 84 -3.98 18.31 -15.75
N ARG D 85 -4.15 18.83 -16.96
CA ARG D 85 -3.78 20.22 -17.29
C ARG D 85 -4.59 21.20 -16.47
N ILE D 86 -5.92 20.96 -16.48
CA ILE D 86 -6.90 21.83 -15.83
C ILE D 86 -6.63 21.83 -14.35
N ARG D 87 -6.55 20.63 -13.81
CA ARG D 87 -6.23 20.46 -12.41
C ARG D 87 -4.97 21.25 -12.02
N ALA D 88 -3.93 21.18 -12.85
CA ALA D 88 -2.65 21.86 -12.56
C ALA D 88 -2.76 23.36 -12.74
N GLU D 89 -3.44 23.77 -13.80
CA GLU D 89 -3.73 25.18 -14.01
C GLU D 89 -4.55 25.83 -12.88
N ASN D 90 -5.29 25.06 -12.07
CA ASN D 90 -6.13 25.61 -11.00
C ASN D 90 -5.79 25.09 -9.64
N LEU D 91 -4.55 24.66 -9.45
CA LEU D 91 -4.11 24.19 -8.14
C LEU D 91 -4.53 25.15 -7.02
N LYS D 92 -4.44 26.45 -7.29
CA LYS D 92 -4.74 27.50 -6.31
C LYS D 92 -6.19 27.44 -5.83
N LYS D 93 -7.12 27.64 -6.78
CA LYS D 93 -8.53 27.60 -6.46
C LYS D 93 -8.95 26.27 -5.84
N ILE D 94 -8.45 25.16 -6.40
CA ILE D 94 -8.82 23.86 -5.90
C ILE D 94 -8.46 23.70 -4.42
N ASP D 95 -7.29 24.19 -4.05
CA ASP D 95 -6.89 24.14 -2.67
C ASP D 95 -7.83 25.01 -1.84
N GLU D 96 -8.16 26.19 -2.37
CA GLU D 96 -9.07 27.11 -1.68
C GLU D 96 -10.43 26.47 -1.41
N ASN D 97 -10.96 25.82 -2.43
CA ASN D 97 -12.18 25.08 -2.31
C ASN D 97 -12.09 23.95 -1.29
N GLN D 98 -10.99 23.20 -1.32
CA GLN D 98 -10.79 22.18 -0.30
C GLN D 98 -10.83 22.82 1.07
N THR D 99 -10.18 23.97 1.22
CA THR D 99 -10.10 24.65 2.53
C THR D 99 -11.47 25.11 3.01
N LYS D 100 -12.25 25.69 2.11
CA LYS D 100 -13.67 26.03 2.38
C LYS D 100 -14.45 24.82 2.94
N MSE D 101 -14.26 23.65 2.34
CA MSE D 101 -14.99 22.47 2.80
C MSE D 101 -14.46 22.03 4.11
O MSE D 101 -15.21 21.62 4.98
CB MSE D 101 -14.93 21.38 1.76
CG MSE D 101 -15.69 21.79 0.51
SE MSE D 101 -15.71 20.27 -0.74
CE MSE D 101 -17.55 19.96 -0.23
N LYS D 102 -13.14 22.12 4.27
CA LYS D 102 -12.50 21.79 5.53
C LYS D 102 -13.03 22.72 6.62
N GLU D 103 -12.94 24.03 6.38
CA GLU D 103 -13.36 25.01 7.35
C GLU D 103 -14.84 24.88 7.67
N ALA D 104 -15.65 24.51 6.68
CA ALA D 104 -17.09 24.33 6.89
C ALA D 104 -17.35 23.11 7.74
N SER D 105 -16.68 22.03 7.42
CA SER D 105 -16.81 20.80 8.19
C SER D 105 -16.43 21.07 9.64
N GLU D 106 -15.24 21.62 9.86
CA GLU D 106 -14.75 21.97 11.21
C GLU D 106 -15.71 22.87 11.95
N ALA D 107 -16.10 23.99 11.33
CA ALA D 107 -17.11 24.88 11.92
C ALA D 107 -18.33 24.11 12.37
N ALA D 108 -18.79 23.18 11.55
CA ALA D 108 -19.94 22.38 11.93
C ALA D 108 -19.61 21.39 13.07
N ASP D 109 -18.38 20.86 13.06
CA ASP D 109 -17.90 19.92 14.09
C ASP D 109 -17.89 20.58 15.46
N LYS D 110 -17.21 21.72 15.55
CA LYS D 110 -17.12 22.52 16.77
C LYS D 110 -18.42 23.11 17.25
N ALA D 111 -19.40 23.22 16.36
CA ALA D 111 -20.69 23.78 16.71
C ALA D 111 -21.58 22.75 17.38
N LYS D 112 -21.52 21.50 16.93
CA LYS D 112 -22.39 20.47 17.48
C LYS D 112 -21.82 19.85 18.77
N LYS D 113 -20.54 20.10 19.08
CA LYS D 113 -19.99 19.71 20.37
C LYS D 113 -20.45 20.73 21.42
N SER D 114 -20.08 22.00 21.24
CA SER D 114 -20.52 23.07 22.14
C SER D 114 -22.06 23.20 22.16
N GLY D 115 -22.56 23.91 23.15
CA GLY D 115 -23.97 24.29 23.20
C GLY D 115 -24.29 25.47 22.30
N LEU D 116 -23.31 25.96 21.54
CA LEU D 116 -23.44 27.12 20.65
C LEU D 116 -23.80 26.69 19.21
N ALA D 117 -24.50 25.56 19.10
CA ALA D 117 -24.99 25.06 17.82
C ALA D 117 -25.99 26.05 17.23
N SER D 118 -27.22 26.07 17.77
CA SER D 118 -28.30 26.88 17.21
C SER D 118 -28.28 28.33 17.72
N LYS D 119 -27.10 28.85 18.09
CA LYS D 119 -26.93 30.27 18.44
C LYS D 119 -26.30 31.04 17.25
N ILE D 120 -25.23 30.51 16.67
CA ILE D 120 -24.68 31.11 15.44
C ILE D 120 -25.16 30.42 14.14
N PHE D 121 -25.67 29.19 14.23
CA PHE D 121 -26.10 28.43 13.04
C PHE D 121 -27.53 27.90 13.10
N GLY D 122 -28.33 28.41 14.02
CA GLY D 122 -29.73 28.01 14.08
C GLY D 122 -30.53 28.54 12.92
N TRP D 123 -29.95 29.51 12.22
CA TRP D 123 -30.62 30.13 11.08
C TRP D 123 -30.47 29.30 9.83
N ILE D 124 -29.44 28.47 9.82
CA ILE D 124 -29.18 27.61 8.69
C ILE D 124 -30.34 26.68 8.35
N SER D 125 -30.71 26.61 7.08
CA SER D 125 -31.89 25.86 6.73
C SER D 125 -31.61 24.39 6.86
N ALA D 126 -32.68 23.60 6.84
CA ALA D 126 -32.58 22.14 6.87
C ALA D 126 -31.85 21.56 5.65
N ILE D 127 -32.16 22.07 4.47
CA ILE D 127 -31.48 21.64 3.28
C ILE D 127 -29.98 21.88 3.45
N ALA D 128 -29.59 23.11 3.74
CA ALA D 128 -28.18 23.42 3.79
C ALA D 128 -27.48 22.55 4.80
N SER D 129 -28.19 22.27 5.87
CA SER D 129 -27.71 21.40 6.92
C SER D 129 -27.37 20.03 6.42
N MSE D 130 -28.22 19.46 5.57
CA MSE D 130 -27.89 18.20 4.96
C MSE D 130 -26.67 18.35 4.08
O MSE D 130 -25.83 17.45 4.01
CB MSE D 130 -29.00 17.63 4.10
CG MSE D 130 -28.44 16.72 3.00
SE MSE D 130 -29.88 16.56 1.71
CE MSE D 130 -31.57 16.66 2.75
N VAL D 131 -26.61 19.46 3.35
CA VAL D 131 -25.49 19.71 2.45
C VAL D 131 -24.18 19.67 3.24
N ILE D 132 -24.16 20.18 4.47
CA ILE D 132 -22.96 19.98 5.31
C ILE D 132 -22.67 18.49 5.49
N GLY D 133 -23.69 17.72 5.82
CA GLY D 133 -23.59 16.26 5.86
C GLY D 133 -23.03 15.64 4.60
N ALA D 134 -23.59 16.04 3.46
CA ALA D 134 -23.13 15.50 2.18
C ALA D 134 -21.65 15.80 1.92
N ILE D 135 -21.22 16.97 2.38
CA ILE D 135 -19.82 17.38 2.29
C ILE D 135 -18.92 16.52 3.17
N LEU D 136 -19.37 16.20 4.37
CA LEU D 136 -18.65 15.23 5.21
C LEU D 136 -18.51 13.87 4.56
N ILE D 137 -19.61 13.35 4.02
CA ILE D 137 -19.58 12.04 3.37
C ILE D 137 -18.82 12.06 2.05
N ALA D 138 -19.00 13.09 1.22
CA ALA D 138 -18.53 13.01 -0.17
C ALA D 138 -17.78 14.23 -0.70
N THR D 139 -17.31 15.06 0.22
CA THR D 139 -16.62 16.34 -0.09
C THR D 139 -17.16 17.00 -1.35
N GLY D 140 -16.34 17.23 -2.35
CA GLY D 140 -16.76 18.03 -3.51
C GLY D 140 -17.98 17.50 -4.26
N VAL D 141 -18.23 16.20 -4.17
CA VAL D 141 -19.45 15.67 -4.78
C VAL D 141 -20.67 16.05 -3.98
N GLY D 142 -20.54 15.99 -2.66
CA GLY D 142 -21.57 16.50 -1.75
C GLY D 142 -21.88 17.95 -1.99
N ALA D 143 -20.85 18.76 -2.09
CA ALA D 143 -21.06 20.19 -2.36
C ALA D 143 -21.80 20.36 -3.67
N ALA D 144 -21.32 19.66 -4.69
CA ALA D 144 -21.94 19.74 -6.02
C ALA D 144 -23.43 19.50 -5.96
N VAL D 145 -23.83 18.31 -5.54
CA VAL D 145 -25.26 18.00 -5.54
C VAL D 145 -26.00 18.94 -4.61
N GLY D 146 -25.36 19.33 -3.52
CA GLY D 146 -25.99 20.28 -2.58
C GLY D 146 -26.29 21.59 -3.25
N ALA D 147 -25.35 22.11 -4.01
CA ALA D 147 -25.55 23.38 -4.65
C ALA D 147 -26.60 23.25 -5.73
N MSE D 148 -26.62 22.13 -6.42
CA MSE D 148 -27.68 21.84 -7.38
C MSE D 148 -29.03 21.90 -6.75
O MSE D 148 -29.91 22.56 -7.25
CB MSE D 148 -27.54 20.44 -7.94
CG MSE D 148 -26.31 20.29 -8.81
SE MSE D 148 -26.73 21.07 -10.58
CE MSE D 148 -25.24 19.92 -11.26
N MSE D 149 -29.23 21.24 -5.63
CA MSE D 149 -30.52 21.32 -4.97
C MSE D 149 -30.93 22.71 -4.64
O MSE D 149 -32.14 23.10 -4.83
CB MSE D 149 -30.47 20.59 -3.68
CG MSE D 149 -30.40 19.10 -3.97
SE MSE D 149 -30.02 18.26 -2.24
CE MSE D 149 -31.46 19.18 -1.25
N ILE D 150 -29.98 23.51 -4.19
CA ILE D 150 -30.27 24.85 -3.78
C ILE D 150 -30.51 25.76 -4.98
N VAL D 151 -29.69 25.64 -6.01
CA VAL D 151 -29.93 26.39 -7.23
C VAL D 151 -31.36 26.18 -7.81
N GLY D 152 -31.94 24.98 -7.70
CA GLY D 152 -33.36 24.80 -8.08
C GLY D 152 -33.55 24.31 -9.51
N GLY D 153 -33.00 25.04 -10.48
CA GLY D 153 -32.92 24.59 -11.87
C GLY D 153 -34.22 24.12 -12.52
N ALA D 154 -34.46 22.80 -12.48
CA ALA D 154 -35.62 22.23 -13.14
C ALA D 154 -36.95 22.58 -12.46
N VAL D 155 -37.22 21.98 -11.31
CA VAL D 155 -38.48 22.20 -10.60
C VAL D 155 -38.46 23.44 -9.69
N GLY D 156 -37.47 24.30 -9.84
CA GLY D 156 -37.36 25.48 -9.01
C GLY D 156 -38.51 26.43 -9.22
N VAL D 157 -38.97 26.53 -10.47
CA VAL D 157 -40.09 27.41 -10.82
C VAL D 157 -41.42 26.91 -10.24
N ALA D 158 -41.65 25.61 -10.30
CA ALA D 158 -42.80 25.01 -9.65
C ALA D 158 -42.74 25.30 -8.16
N ASN D 159 -41.56 25.10 -7.60
CA ASN D 159 -41.35 25.24 -6.17
C ASN D 159 -41.62 26.67 -5.72
N MSE D 160 -41.24 27.62 -6.56
CA MSE D 160 -41.48 29.01 -6.25
C MSE D 160 -42.97 29.23 -6.27
O MSE D 160 -43.52 29.84 -5.35
CB MSE D 160 -40.76 29.92 -7.24
CG MSE D 160 -39.27 30.04 -6.92
SE MSE D 160 -38.38 31.18 -8.28
CE MSE D 160 -37.00 31.99 -7.12
N ALA D 161 -43.62 28.74 -7.32
CA ALA D 161 -45.07 28.84 -7.47
C ALA D 161 -45.79 28.29 -6.25
N ILE D 162 -45.32 27.16 -5.73
CA ILE D 162 -45.80 26.65 -4.44
C ILE D 162 -45.41 27.64 -3.35
N GLN D 163 -46.21 28.69 -3.28
CA GLN D 163 -46.02 29.73 -2.29
C GLN D 163 -47.34 30.50 -2.21
N GLN D 164 -48.43 29.77 -1.95
CA GLN D 164 -49.58 30.33 -1.28
C GLN D 164 -49.49 29.75 0.13
N GLU D 174 -53.24 28.44 0.34
CA GLU D 174 -52.96 27.01 0.29
C GLU D 174 -52.55 26.43 1.67
N THR D 175 -52.99 25.19 1.94
CA THR D 175 -53.05 24.59 3.33
C THR D 175 -51.71 24.64 4.13
N MSE D 176 -51.46 23.64 4.99
CA MSE D 176 -50.10 23.36 5.52
C MSE D 176 -49.41 22.47 4.51
O MSE D 176 -49.72 22.55 3.33
CB MSE D 176 -50.23 22.65 6.87
CG MSE D 176 -50.74 21.22 6.74
SE MSE D 176 -52.17 21.03 8.11
CE MSE D 176 -51.25 19.82 9.38
N LYS D 177 -48.49 21.59 4.89
CA LYS D 177 -47.73 20.95 3.81
C LYS D 177 -46.79 19.83 4.15
N VAL D 178 -47.26 18.63 3.80
CA VAL D 178 -46.37 17.50 3.47
C VAL D 178 -45.90 17.62 2.00
N LEU D 179 -46.54 18.51 1.22
CA LEU D 179 -46.02 18.94 -0.09
C LEU D 179 -44.52 19.41 -0.07
N GLY D 180 -44.08 19.95 1.08
CA GLY D 180 -42.69 20.38 1.31
C GLY D 180 -41.63 19.30 1.15
N PRO D 181 -41.59 18.32 2.09
CA PRO D 181 -40.57 17.26 1.95
C PRO D 181 -40.51 16.58 0.58
N ILE D 182 -41.65 16.46 -0.10
CA ILE D 182 -41.66 15.73 -1.35
C ILE D 182 -40.99 16.58 -2.44
N MSE D 183 -41.18 17.89 -2.35
CA MSE D 183 -40.56 18.83 -3.29
C MSE D 183 -39.06 18.88 -3.12
O MSE D 183 -38.32 19.19 -4.07
CB MSE D 183 -41.13 20.22 -3.10
CG MSE D 183 -42.62 20.25 -3.45
SE MSE D 183 -42.91 20.42 -5.38
CE MSE D 183 -41.62 21.84 -5.88
N ILE D 184 -38.61 18.59 -1.91
CA ILE D 184 -37.20 18.33 -1.66
C ILE D 184 -36.77 17.08 -2.46
N ALA D 185 -37.33 15.92 -2.09
CA ALA D 185 -37.11 14.65 -2.82
C ALA D 185 -37.14 14.83 -4.33
N ALA D 186 -38.11 15.60 -4.81
CA ALA D 186 -38.16 15.91 -6.22
C ALA D 186 -36.88 16.54 -6.65
N GLU D 187 -36.50 17.57 -5.90
CA GLU D 187 -35.26 18.34 -6.19
C GLU D 187 -34.03 17.48 -6.08
N ILE D 188 -33.98 16.71 -4.99
CA ILE D 188 -32.84 15.84 -4.80
C ILE D 188 -32.70 15.02 -6.05
N LEU D 189 -33.77 14.31 -6.39
CA LEU D 189 -33.77 13.43 -7.53
C LEU D 189 -33.36 14.14 -8.80
N VAL D 190 -33.89 15.34 -9.04
CA VAL D 190 -33.49 16.06 -10.25
C VAL D 190 -31.99 16.36 -10.24
N ALA D 191 -31.51 16.87 -9.09
CA ALA D 191 -30.08 17.16 -8.91
C ALA D 191 -29.20 15.95 -9.23
N ILE D 192 -29.59 14.77 -8.72
CA ILE D 192 -28.83 13.54 -9.03
C ILE D 192 -28.73 13.29 -10.52
N VAL D 193 -29.83 13.47 -11.22
CA VAL D 193 -29.84 13.26 -12.65
C VAL D 193 -28.91 14.28 -13.28
N SER D 194 -29.13 15.55 -12.94
CA SER D 194 -28.29 16.64 -13.46
C SER D 194 -26.82 16.33 -13.25
N ILE D 195 -26.46 15.81 -12.07
CA ILE D 195 -25.05 15.44 -11.84
C ILE D 195 -24.67 14.37 -12.84
N ALA D 196 -25.50 13.34 -12.94
CA ALA D 196 -25.23 12.20 -13.81
C ALA D 196 -24.90 12.74 -15.18
N VAL D 197 -25.76 13.62 -15.68
CA VAL D 197 -25.56 14.22 -16.98
C VAL D 197 -24.25 15.02 -17.09
N THR D 198 -24.06 15.98 -16.18
CA THR D 198 -22.95 16.93 -16.24
C THR D 198 -21.59 16.31 -15.95
N PHE D 199 -21.53 15.36 -15.02
CA PHE D 199 -20.27 14.75 -14.60
C PHE D 199 -20.44 13.25 -14.75
N GLY D 200 -19.51 12.45 -14.21
CA GLY D 200 -19.73 11.00 -14.18
C GLY D 200 -21.15 10.53 -13.83
N ALA D 201 -21.45 9.26 -14.08
CA ALA D 201 -22.61 8.65 -13.43
C ALA D 201 -22.18 7.94 -12.16
N SER D 202 -20.89 7.70 -12.02
CA SER D 202 -20.39 7.28 -10.73
C SER D 202 -20.44 8.48 -9.78
N ALA D 203 -20.29 9.69 -10.33
CA ALA D 203 -20.45 10.91 -9.53
C ALA D 203 -21.87 11.03 -8.97
N ALA D 204 -22.84 10.75 -9.84
CA ALA D 204 -24.23 10.79 -9.45
C ALA D 204 -24.52 9.76 -8.39
N SER D 205 -23.88 8.62 -8.56
CA SER D 205 -24.09 7.50 -7.67
C SER D 205 -23.57 7.82 -6.26
N THR D 206 -22.35 8.35 -6.21
CA THR D 206 -21.76 8.87 -4.99
C THR D 206 -22.59 9.98 -4.38
N ALA D 207 -23.08 10.86 -5.24
CA ALA D 207 -23.93 11.95 -4.79
C ALA D 207 -25.17 11.41 -4.11
N MSE D 208 -25.72 10.33 -4.65
CA MSE D 208 -26.88 9.67 -4.05
C MSE D 208 -26.52 9.11 -2.70
O MSE D 208 -27.21 9.32 -1.70
CB MSE D 208 -27.43 8.61 -5.00
CG MSE D 208 -28.71 7.95 -4.48
SE MSE D 208 -30.18 9.27 -4.58
CE MSE D 208 -30.53 9.71 -2.71
N LYS D 209 -25.43 8.37 -2.64
CA LYS D 209 -24.96 7.88 -1.37
C LYS D 209 -24.80 9.04 -0.36
N ALA D 210 -24.16 10.12 -0.79
CA ALA D 210 -23.92 11.26 0.08
C ALA D 210 -25.20 11.78 0.66
N VAL D 211 -26.16 12.05 -0.20
CA VAL D 211 -27.44 12.52 0.25
C VAL D 211 -28.09 11.53 1.21
N LYS D 212 -28.02 10.25 0.87
CA LYS D 212 -28.61 9.18 1.68
C LYS D 212 -28.13 9.27 3.10
N PHE D 213 -26.82 9.30 3.27
CA PHE D 213 -26.22 9.20 4.58
C PHE D 213 -26.27 10.51 5.32
N ALA D 214 -26.23 11.63 4.62
CA ALA D 214 -26.43 12.94 5.25
C ALA D 214 -27.84 12.99 5.82
N THR D 215 -28.75 12.36 5.11
CA THR D 215 -30.13 12.29 5.51
C THR D 215 -30.30 11.44 6.76
N GLN D 216 -29.59 10.31 6.87
CA GLN D 216 -29.63 9.48 8.11
C GLN D 216 -28.90 10.16 9.26
N ALA D 217 -27.74 10.76 8.98
CA ALA D 217 -27.00 11.50 10.01
C ALA D 217 -27.90 12.57 10.58
N ALA D 218 -28.77 13.14 9.73
CA ALA D 218 -29.71 14.20 10.16
C ALA D 218 -30.67 13.78 11.31
N ASP D 219 -30.93 12.47 11.47
CA ASP D 219 -31.87 11.93 12.46
C ASP D 219 -31.12 11.41 13.71
N ASN E 1 26.30 -5.33 -8.74
CA ASN E 1 27.56 -4.53 -8.85
C ASN E 1 28.54 -5.20 -9.82
N GLU E 2 28.83 -4.56 -10.96
CA GLU E 2 29.87 -5.09 -11.85
C GLU E 2 29.74 -4.81 -13.39
N PRO E 3 30.27 -5.73 -14.23
CA PRO E 3 29.85 -5.87 -15.62
C PRO E 3 28.44 -6.47 -15.79
N ALA E 4 27.73 -6.76 -14.72
CA ALA E 4 26.32 -7.13 -14.84
C ALA E 4 25.54 -5.92 -15.29
N ILE E 5 25.77 -4.79 -14.63
CA ILE E 5 25.10 -3.54 -15.01
C ILE E 5 25.38 -3.17 -16.46
N GLU E 6 26.64 -3.18 -16.87
CA GLU E 6 26.99 -3.01 -18.28
C GLU E 6 26.23 -3.96 -19.25
N ALA E 7 26.21 -5.25 -18.94
CA ALA E 7 25.50 -6.20 -19.80
C ALA E 7 23.99 -5.87 -19.88
N PHE E 8 23.48 -5.31 -18.79
CA PHE E 8 22.10 -4.90 -18.74
C PHE E 8 21.90 -3.75 -19.71
N LEU E 9 22.79 -2.79 -19.60
CA LEU E 9 22.72 -1.54 -20.31
C LEU E 9 22.85 -1.84 -21.80
N GLN E 10 23.78 -2.72 -22.10
CA GLN E 10 24.07 -3.17 -23.43
C GLN E 10 22.92 -3.92 -24.12
N ASP E 11 22.23 -4.75 -23.37
CA ASP E 11 21.15 -5.52 -23.94
C ASP E 11 19.92 -4.66 -24.15
N GLY E 12 19.94 -3.46 -23.60
CA GLY E 12 18.84 -2.57 -23.82
C GLY E 12 18.06 -2.22 -22.61
N GLY E 13 18.57 -2.55 -21.44
CA GLY E 13 17.99 -2.01 -20.24
C GLY E 13 18.20 -0.49 -20.12
N THR E 14 17.33 0.11 -19.33
CA THR E 14 17.27 1.51 -19.13
C THR E 14 17.34 1.87 -17.67
N LEU E 15 17.59 3.14 -17.39
CA LEU E 15 17.64 3.67 -16.04
C LEU E 15 16.30 3.52 -15.33
N ALA E 16 15.20 3.59 -16.06
CA ALA E 16 13.89 3.42 -15.44
C ALA E 16 13.83 2.03 -14.81
N MSE E 17 14.12 1.03 -15.61
CA MSE E 17 14.15 -0.34 -15.18
C MSE E 17 15.02 -0.52 -13.97
O MSE E 17 14.64 -1.22 -13.02
CB MSE E 17 14.65 -1.18 -16.34
CG MSE E 17 13.52 -1.41 -17.33
SE MSE E 17 14.34 -2.33 -18.87
CE MSE E 17 12.87 -1.93 -20.11
N LEU E 18 16.17 0.10 -13.97
CA LEU E 18 17.14 -0.09 -12.92
C LEU E 18 16.60 0.43 -11.62
N ASN E 19 15.91 1.57 -11.66
CA ASN E 19 15.38 2.18 -10.44
C ASN E 19 13.92 1.78 -10.15
N ASP E 20 13.48 0.63 -10.66
CA ASP E 20 12.08 0.20 -10.56
C ASP E 20 11.13 1.39 -10.67
N VAL E 21 11.15 2.06 -11.82
CA VAL E 21 10.20 3.10 -12.12
C VAL E 21 9.10 2.51 -12.98
N SER E 22 7.85 2.68 -12.57
CA SER E 22 6.70 2.04 -13.24
C SER E 22 6.36 2.72 -14.55
N THR E 23 5.62 2.02 -15.40
CA THR E 23 5.16 2.59 -16.66
C THR E 23 4.25 3.77 -16.38
N ASP E 24 3.50 3.68 -15.28
CA ASP E 24 2.53 4.70 -14.96
C ASP E 24 3.17 5.92 -14.27
N THR E 25 4.28 5.76 -13.57
CA THR E 25 4.96 6.96 -13.07
C THR E 25 5.59 7.76 -14.23
N LEU E 26 6.15 7.02 -15.19
CA LEU E 26 6.81 7.63 -16.33
C LEU E 26 5.79 8.37 -17.15
N GLU E 27 4.63 7.73 -17.35
CA GLU E 27 3.53 8.36 -18.06
C GLU E 27 3.03 9.60 -17.41
N GLN E 28 3.08 9.65 -16.08
CA GLN E 28 2.70 10.84 -15.36
C GLN E 28 3.62 11.95 -15.74
N LEU E 29 4.91 11.65 -15.68
CA LEU E 29 5.94 12.63 -16.02
C LEU E 29 5.84 13.07 -17.49
N TYR E 30 5.45 12.16 -18.39
CA TYR E 30 5.25 12.54 -19.78
C TYR E 30 4.13 13.56 -19.84
N THR E 31 3.04 13.27 -19.13
CA THR E 31 1.87 14.14 -19.13
C THR E 31 2.29 15.52 -18.66
N LEU E 32 3.04 15.57 -17.57
CA LEU E 32 3.48 16.86 -17.06
C LEU E 32 4.24 17.62 -18.15
N GLY E 33 5.20 16.95 -18.77
CA GLY E 33 5.98 17.55 -19.85
C GLY E 33 5.14 17.99 -21.05
N PHE E 34 4.26 17.10 -21.47
CA PHE E 34 3.31 17.40 -22.54
C PHE E 34 2.39 18.62 -22.24
N ASN E 35 1.87 18.75 -21.00
CA ASN E 35 1.05 19.90 -20.67
C ASN E 35 1.92 21.14 -20.65
N GLN E 36 3.06 21.06 -19.97
CA GLN E 36 3.93 22.23 -19.89
C GLN E 36 4.32 22.75 -21.26
N TYR E 37 4.55 21.83 -22.20
CA TYR E 37 4.92 22.25 -23.55
C TYR E 37 3.73 23.01 -24.18
N HIS E 38 2.53 22.46 -24.09
CA HIS E 38 1.36 23.13 -24.64
C HIS E 38 0.98 24.42 -23.84
N ALA E 39 1.37 24.53 -22.58
CA ALA E 39 1.24 25.78 -21.84
C ALA E 39 2.24 26.86 -22.25
N GLY E 40 3.14 26.55 -23.19
CA GLY E 40 4.23 27.45 -23.55
C GLY E 40 5.35 27.57 -22.54
N LYS E 41 5.30 26.81 -21.44
CA LYS E 41 6.42 26.75 -20.48
C LYS E 41 7.58 25.88 -21.01
N HIS E 42 8.15 26.30 -22.13
CA HIS E 42 9.04 25.46 -22.94
C HIS E 42 10.30 25.07 -22.23
N ASP E 43 10.84 26.00 -21.46
CA ASP E 43 12.08 25.77 -20.74
C ASP E 43 11.88 24.70 -19.69
N GLU E 44 10.76 24.78 -19.01
CA GLU E 44 10.42 23.82 -17.98
C GLU E 44 10.09 22.45 -18.62
N ALA E 45 9.35 22.49 -19.72
CA ALA E 45 9.07 21.27 -20.48
C ALA E 45 10.37 20.60 -20.96
N HIS E 46 11.30 21.40 -21.47
CA HIS E 46 12.60 20.89 -21.86
C HIS E 46 13.27 20.10 -20.74
N LYS E 47 13.28 20.63 -19.54
CA LYS E 47 13.90 19.94 -18.40
C LYS E 47 13.23 18.62 -18.11
N ILE E 48 11.91 18.57 -18.24
CA ILE E 48 11.17 17.34 -18.02
C ILE E 48 11.57 16.33 -19.09
N PHE E 49 11.52 16.71 -20.36
CA PHE E 49 11.89 15.77 -21.40
C PHE E 49 13.34 15.29 -21.29
N GLN E 50 14.23 16.15 -20.78
CA GLN E 50 15.59 15.70 -20.52
C GLN E 50 15.63 14.57 -19.52
N ALA E 51 14.78 14.61 -18.51
CA ALA E 51 14.77 13.55 -17.51
C ALA E 51 14.21 12.30 -18.14
N LEU E 52 13.11 12.44 -18.88
CA LEU E 52 12.50 11.29 -19.52
C LEU E 52 13.48 10.57 -20.46
N CYS E 53 14.19 11.36 -21.29
CA CYS E 53 15.10 10.79 -22.25
C CYS E 53 16.18 10.01 -21.56
N VAL E 54 16.57 10.46 -20.39
CA VAL E 54 17.60 9.75 -19.60
C VAL E 54 17.00 8.51 -18.92
N LEU E 55 15.74 8.61 -18.45
CA LEU E 55 15.03 7.47 -17.84
C LEU E 55 14.74 6.34 -18.82
N ASP E 56 14.35 6.66 -20.05
CA ASP E 56 14.20 5.64 -21.07
C ASP E 56 14.74 6.19 -22.40
N HIS E 57 15.90 5.73 -22.79
CA HIS E 57 16.62 6.37 -23.86
C HIS E 57 16.35 5.66 -25.15
N TYR E 58 15.25 4.90 -25.16
CA TYR E 58 14.70 4.26 -26.40
C TYR E 58 13.31 4.76 -26.81
N GLU E 59 12.64 5.58 -26.00
CA GLU E 59 11.33 6.19 -26.38
C GLU E 59 11.47 7.33 -27.33
N ALA E 60 11.18 7.12 -28.60
CA ALA E 60 11.16 8.20 -29.55
C ALA E 60 10.37 9.42 -29.10
N ARG E 61 9.26 9.25 -28.40
CA ARG E 61 8.39 10.40 -28.13
C ARG E 61 8.97 11.31 -27.10
N PHE E 62 9.75 10.77 -26.18
CA PHE E 62 10.54 11.64 -25.30
C PHE E 62 11.51 12.50 -26.14
N PHE E 63 12.10 11.91 -27.17
CA PHE E 63 12.98 12.64 -28.06
C PHE E 63 12.20 13.56 -28.96
N LEU E 64 10.98 13.22 -29.30
CA LEU E 64 10.13 14.16 -30.01
C LEU E 64 9.86 15.39 -29.10
N GLY E 65 9.49 15.13 -27.85
CA GLY E 65 9.21 16.21 -26.93
C GLY E 65 10.43 17.08 -26.73
N LEU E 66 11.55 16.43 -26.47
CA LEU E 66 12.76 17.14 -26.19
C LEU E 66 13.01 18.09 -27.36
N GLY E 67 12.83 17.56 -28.57
CA GLY E 67 13.10 18.33 -29.76
C GLY E 67 12.14 19.49 -29.93
N ALA E 68 10.87 19.27 -29.61
CA ALA E 68 9.87 20.30 -29.73
C ALA E 68 10.12 21.42 -28.76
N CYS E 69 10.51 21.12 -27.54
CA CYS E 69 10.88 22.20 -26.61
C CYS E 69 12.03 23.03 -27.13
N ARG E 70 13.04 22.36 -27.64
CA ARG E 70 14.25 23.01 -28.10
C ARG E 70 13.90 23.95 -29.26
N GLN E 71 13.07 23.48 -30.17
CA GLN E 71 12.73 24.27 -31.35
C GLN E 71 12.02 25.54 -30.87
N ALA E 72 11.02 25.37 -30.01
CA ALA E 72 10.29 26.52 -29.54
C ALA E 72 11.21 27.55 -28.90
N LEU E 73 12.27 27.13 -28.22
CA LEU E 73 13.24 28.07 -27.64
C LEU E 73 14.21 28.61 -28.68
N GLY E 74 13.98 28.35 -29.95
CA GLY E 74 14.97 28.77 -30.94
C GLY E 74 16.29 28.00 -30.99
N GLN E 75 16.44 26.97 -30.17
CA GLN E 75 17.62 26.12 -30.19
C GLN E 75 17.55 25.07 -31.31
N PHE E 76 17.63 25.52 -32.55
CA PHE E 76 17.34 24.66 -33.71
C PHE E 76 18.32 23.51 -33.93
N ARG E 77 19.58 23.78 -33.66
CA ARG E 77 20.64 22.80 -33.90
C ARG E 77 20.47 21.61 -32.94
N LEU E 78 20.22 21.94 -31.67
CA LEU E 78 20.05 20.95 -30.63
C LEU E 78 18.77 20.17 -30.82
N ALA E 79 17.77 20.82 -31.41
CA ALA E 79 16.53 20.15 -31.71
C ALA E 79 16.71 19.10 -32.82
N ILE E 80 17.47 19.45 -33.85
CA ILE E 80 17.79 18.47 -34.90
C ILE E 80 18.44 17.23 -34.33
N ASP E 81 19.30 17.43 -33.34
CA ASP E 81 20.01 16.32 -32.72
C ASP E 81 18.99 15.37 -32.10
N SER E 82 18.04 15.91 -31.35
CA SER E 82 17.02 15.12 -30.71
C SER E 82 16.06 14.45 -31.74
N TYR E 83 15.64 15.20 -32.74
CA TYR E 83 14.82 14.65 -33.76
C TYR E 83 15.57 13.51 -34.50
N SER E 84 16.88 13.67 -34.69
CA SER E 84 17.67 12.67 -35.36
C SER E 84 17.69 11.41 -34.52
N TYR E 85 18.06 11.51 -33.24
CA TYR E 85 18.06 10.29 -32.41
C TYR E 85 16.65 9.71 -32.35
N GLY E 86 15.62 10.53 -32.20
CA GLY E 86 14.26 10.01 -32.22
C GLY E 86 13.94 9.15 -33.46
N ALA E 87 14.27 9.64 -34.63
CA ALA E 87 14.04 8.90 -35.87
C ALA E 87 14.65 7.51 -35.85
N MSE E 88 15.87 7.42 -35.34
CA MSE E 88 16.60 6.17 -35.26
CA MSE E 88 16.58 6.16 -35.27
C MSE E 88 15.86 5.22 -34.36
O MSE E 88 15.99 4.04 -34.51
CB MSE E 88 18.02 6.36 -34.72
CB MSE E 88 18.02 6.36 -34.80
CG MSE E 88 18.92 7.25 -35.56
CG MSE E 88 18.83 7.13 -35.88
SE MSE E 88 20.62 7.61 -34.62
SE MSE E 88 19.04 6.31 -37.69
CE MSE E 88 20.72 6.07 -33.40
CE MSE E 88 17.65 7.14 -38.77
N MSE E 89 15.07 5.72 -33.45
CA MSE E 89 14.26 4.87 -32.56
C MSE E 89 12.88 4.62 -33.10
O MSE E 89 12.13 3.82 -32.53
CB MSE E 89 14.07 5.48 -31.16
CG MSE E 89 15.40 5.78 -30.45
SE MSE E 89 16.32 4.13 -30.05
CE MSE E 89 17.59 3.89 -31.54
N ASP E 90 12.50 5.31 -34.17
CA ASP E 90 11.23 5.10 -34.79
C ASP E 90 11.33 5.62 -36.24
N LEU E 91 11.79 4.72 -37.12
CA LEU E 91 12.14 5.06 -38.48
C LEU E 91 10.92 5.34 -39.36
N GLN E 92 9.74 5.01 -38.87
CA GLN E 92 8.51 5.17 -39.67
C GLN E 92 7.77 6.42 -39.28
N GLU E 93 8.27 7.16 -38.29
CA GLU E 93 7.58 8.36 -37.78
C GLU E 93 8.00 9.61 -38.59
N PRO E 94 7.05 10.21 -39.32
CA PRO E 94 7.39 11.33 -40.17
C PRO E 94 7.63 12.65 -39.44
N ARG E 95 7.03 12.84 -38.27
CA ARG E 95 7.25 14.09 -37.52
C ARG E 95 8.74 14.47 -37.32
N PHE E 96 9.59 13.46 -37.20
CA PHE E 96 10.98 13.67 -36.94
C PHE E 96 11.62 14.40 -38.10
N PRO E 97 11.58 13.84 -39.32
CA PRO E 97 12.25 14.57 -40.45
C PRO E 97 11.59 15.91 -40.76
N PHE E 98 10.29 15.98 -40.47
CA PHE E 98 9.55 17.15 -40.75
C PHE E 98 10.07 18.27 -39.86
N HIS E 99 9.97 18.12 -38.55
CA HIS E 99 10.35 19.22 -37.68
C HIS E 99 11.87 19.49 -37.71
N ALA E 100 12.64 18.46 -38.04
CA ALA E 100 14.08 18.68 -38.25
C ALA E 100 14.31 19.53 -39.48
N ALA E 101 13.50 19.33 -40.52
CA ALA E 101 13.58 20.14 -41.74
C ALA E 101 13.24 21.59 -41.48
N GLU E 102 12.18 21.82 -40.71
CA GLU E 102 11.83 23.18 -40.31
C GLU E 102 13.02 23.84 -39.65
N CYS E 103 13.62 23.15 -38.71
CA CYS E 103 14.79 23.67 -37.99
C CYS E 103 15.91 23.95 -38.98
N LEU E 104 16.16 23.01 -39.88
CA LEU E 104 17.23 23.18 -40.85
C LEU E 104 17.00 24.41 -41.72
N LEU E 105 15.75 24.64 -42.10
CA LEU E 105 15.39 25.79 -42.93
C LEU E 105 15.64 27.11 -42.22
N GLN E 106 15.32 27.15 -40.93
CA GLN E 106 15.64 28.31 -40.14
C GLN E 106 17.15 28.59 -40.07
N LEU E 107 18.00 27.58 -40.20
CA LEU E 107 19.45 27.79 -40.15
C LEU E 107 20.07 27.93 -41.54
N GLY E 108 19.25 27.82 -42.57
CA GLY E 108 19.74 28.06 -43.90
C GLY E 108 20.28 26.82 -44.53
N GLU E 109 20.18 25.70 -43.83
CA GLU E 109 20.65 24.46 -44.44
C GLU E 109 19.61 23.80 -45.35
N LEU E 110 19.58 24.28 -46.59
CA LEU E 110 18.49 23.95 -47.49
C LEU E 110 18.62 22.54 -47.98
N GLU E 111 19.84 22.05 -48.16
CA GLU E 111 20.04 20.69 -48.73
C GLU E 111 19.48 19.65 -47.78
N GLY E 112 19.65 19.90 -46.48
CA GLY E 112 19.13 19.03 -45.47
C GLY E 112 17.66 19.27 -45.12
N ALA E 113 17.28 20.54 -45.05
CA ALA E 113 15.85 20.85 -45.03
C ALA E 113 15.10 20.07 -46.12
N GLU E 114 15.66 20.04 -47.32
CA GLU E 114 15.01 19.32 -48.41
C GLU E 114 14.84 17.86 -48.08
N SER E 115 15.92 17.27 -47.57
CA SER E 115 15.95 15.85 -47.28
C SER E 115 14.94 15.47 -46.21
N GLY E 116 14.78 16.38 -45.26
CA GLY E 116 13.83 16.21 -44.19
C GLY E 116 12.41 16.26 -44.67
N PHE E 117 12.06 17.34 -45.38
CA PHE E 117 10.68 17.49 -45.89
C PHE E 117 10.35 16.37 -46.87
N HIS E 118 11.35 15.96 -47.64
CA HIS E 118 11.16 14.87 -48.56
C HIS E 118 10.88 13.52 -47.89
N SER E 119 11.64 13.18 -46.86
CA SER E 119 11.38 11.94 -46.12
C SER E 119 10.09 12.05 -45.32
N ALA E 120 9.83 13.24 -44.80
CA ALA E 120 8.63 13.42 -44.01
C ALA E 120 7.42 13.11 -44.88
N GLN E 121 7.44 13.56 -46.14
CA GLN E 121 6.34 13.30 -47.06
C GLN E 121 6.14 11.80 -47.32
N LEU E 122 7.20 11.11 -47.72
CA LEU E 122 7.13 9.68 -47.98
C LEU E 122 6.51 8.93 -46.82
N LEU E 123 7.03 9.17 -45.62
CA LEU E 123 6.60 8.43 -44.44
C LEU E 123 5.18 8.77 -44.06
N ALA E 124 4.81 10.04 -44.21
CA ALA E 124 3.44 10.49 -43.90
C ALA E 124 2.44 9.98 -44.94
N ALA E 125 2.89 9.88 -46.20
CA ALA E 125 2.05 9.33 -47.26
C ALA E 125 1.65 7.92 -46.87
N ALA E 126 2.64 7.05 -46.67
CA ALA E 126 2.40 5.64 -46.34
C ALA E 126 1.30 5.40 -45.31
N LYS E 127 1.13 6.29 -44.32
CA LYS E 127 0.02 6.14 -43.35
C LYS E 127 -1.13 7.14 -43.67
N PRO E 128 -2.34 6.62 -44.00
CA PRO E 128 -3.42 7.49 -44.49
C PRO E 128 -4.11 8.37 -43.44
N GLU E 129 -3.86 8.09 -42.17
CA GLU E 129 -4.27 8.97 -41.05
C GLU E 129 -3.61 10.38 -41.12
N LEU E 130 -2.54 10.49 -41.91
CA LEU E 130 -1.61 11.63 -41.83
C LEU E 130 -1.51 12.46 -43.12
N ALA E 131 -2.58 12.55 -43.91
CA ALA E 131 -2.49 13.21 -45.22
C ALA E 131 -2.30 14.73 -45.10
N GLU E 132 -2.80 15.32 -44.02
CA GLU E 132 -2.58 16.75 -43.79
C GLU E 132 -1.08 17.09 -43.64
N LEU E 133 -0.40 16.32 -42.80
CA LEU E 133 1.03 16.49 -42.61
C LEU E 133 1.79 16.15 -43.88
N ALA E 134 1.36 15.09 -44.57
CA ALA E 134 1.97 14.71 -45.85
C ALA E 134 1.92 15.85 -46.85
N ALA E 135 0.84 16.63 -46.79
CA ALA E 135 0.65 17.75 -47.69
C ALA E 135 1.57 18.91 -47.30
N ARG E 136 1.56 19.28 -46.00
CA ARG E 136 2.47 20.28 -45.47
C ARG E 136 3.89 19.98 -45.86
N ALA E 137 4.28 18.71 -45.75
CA ALA E 137 5.63 18.33 -46.11
C ALA E 137 5.84 18.64 -47.59
N GLY E 138 4.88 18.24 -48.41
CA GLY E 138 4.95 18.47 -49.85
C GLY E 138 5.09 19.95 -50.19
N ILE E 139 4.33 20.78 -49.49
CA ILE E 139 4.44 22.24 -49.70
C ILE E 139 5.82 22.75 -49.34
N MSE E 140 6.29 22.45 -48.12
CA MSE E 140 7.57 22.98 -47.62
C MSE E 140 8.70 22.45 -48.48
O MSE E 140 9.72 23.13 -48.69
CB MSE E 140 7.83 22.54 -46.20
CG MSE E 140 6.82 23.11 -45.23
SE MSE E 140 6.85 25.07 -45.32
CE MSE E 140 8.71 25.56 -44.89
N LEU E 141 8.53 21.24 -48.97
CA LEU E 141 9.49 20.71 -49.91
C LEU E 141 9.67 21.67 -51.06
N GLU E 142 8.54 22.11 -51.66
CA GLU E 142 8.56 23.14 -52.74
C GLU E 142 9.15 24.45 -52.34
N VAL E 143 8.75 24.93 -51.18
CA VAL E 143 9.28 26.17 -50.66
C VAL E 143 10.78 26.09 -50.56
N VAL E 144 11.29 24.92 -50.20
CA VAL E 144 12.72 24.76 -49.99
C VAL E 144 13.43 24.63 -51.30
N LYS E 145 12.96 23.74 -52.17
CA LYS E 145 13.50 23.63 -53.53
C LYS E 145 13.56 24.98 -54.21
N THR E 146 12.54 25.82 -54.03
CA THR E 146 12.46 27.13 -54.71
C THR E 146 13.38 28.18 -54.05
N LYS E 147 13.42 28.22 -52.72
CA LYS E 147 14.40 29.04 -51.96
C LYS E 147 15.85 28.61 -52.31
N LYS E 148 16.01 27.32 -52.58
CA LYS E 148 17.28 26.73 -52.96
C LYS E 148 17.72 27.28 -54.32
N ASP E 149 16.84 27.21 -55.34
CA ASP E 149 17.04 27.82 -56.68
C ASP E 149 17.34 29.32 -56.72
N MSE E 150 16.82 30.10 -55.79
CA MSE E 150 17.13 31.57 -55.76
C MSE E 150 18.48 31.77 -55.07
O MSE E 150 18.58 32.57 -54.14
CB MSE E 150 15.96 32.46 -55.28
CG MSE E 150 14.69 32.11 -56.07
SE MSE E 150 14.26 33.36 -57.54
CE MSE E 150 13.68 32.05 -58.88
N GLU E 151 19.52 31.10 -55.59
CA GLU E 151 20.79 30.85 -54.91
C GLU E 151 20.54 30.47 -53.45
N GLY F 1 3.62 26.43 -27.18
CA GLY F 1 4.21 25.69 -28.32
C GLY F 1 3.11 25.02 -29.10
N GLN F 2 2.76 25.60 -30.24
CA GLN F 2 1.71 25.09 -31.12
C GLN F 2 2.35 24.39 -32.37
N GLY F 3 3.69 24.35 -32.40
CA GLY F 3 4.42 23.84 -33.55
C GLY F 3 4.37 22.33 -33.70
N VAL F 4 4.63 21.59 -32.61
CA VAL F 4 4.68 20.13 -32.72
C VAL F 4 3.52 19.45 -31.99
N VAL F 5 2.91 18.53 -32.69
CA VAL F 5 1.90 17.68 -32.14
C VAL F 5 2.60 16.50 -31.48
N LEU F 6 2.63 16.50 -30.17
CA LEU F 6 3.13 15.38 -29.43
C LEU F 6 2.00 14.36 -29.24
N PRO F 7 2.31 13.04 -29.27
CA PRO F 7 1.26 12.08 -28.97
C PRO F 7 0.68 12.29 -27.59
N GLN F 8 -0.59 11.92 -27.44
CA GLN F 8 -1.33 12.18 -26.21
C GLN F 8 -0.86 11.30 -25.09
N PRO F 9 -0.88 11.81 -23.86
CA PRO F 9 -0.46 10.90 -22.79
C PRO F 9 -1.35 9.68 -22.68
N MSE F 10 -0.75 8.55 -22.30
CA MSE F 10 -1.41 7.23 -22.09
C MSE F 10 -2.08 6.73 -23.33
O MSE F 10 -1.40 6.18 -24.22
CB MSE F 10 -2.39 7.31 -20.92
CG MSE F 10 -1.63 7.93 -19.74
SE MSE F 10 -2.51 7.70 -17.98
CE MSE F 10 -1.05 7.62 -16.65
N GLN F 22 2.83 14.22 -7.43
CA GLN F 22 3.00 15.66 -7.55
C GLN F 22 4.34 16.12 -6.96
N GLN F 23 4.74 15.51 -5.84
CA GLN F 23 6.10 15.66 -5.29
C GLN F 23 6.96 14.43 -5.62
N GLU F 24 6.31 13.29 -5.87
CA GLU F 24 6.97 12.06 -6.32
C GLU F 24 7.67 12.24 -7.68
N LEU F 25 7.13 13.13 -8.52
CA LEU F 25 7.72 13.44 -9.81
C LEU F 25 9.01 14.24 -9.70
N ASP F 26 9.12 15.08 -8.68
CA ASP F 26 10.38 15.79 -8.40
C ASP F 26 11.43 14.83 -7.86
N GLN F 27 10.99 13.81 -7.11
CA GLN F 27 11.87 12.71 -6.68
C GLN F 27 12.47 12.05 -7.94
N LEU F 28 11.58 11.64 -8.85
CA LEU F 28 11.92 11.00 -10.12
C LEU F 28 12.79 11.86 -11.04
N ARG F 29 12.53 13.17 -11.08
CA ARG F 29 13.39 14.08 -11.81
C ARG F 29 14.77 14.18 -11.17
N LYS F 30 14.83 14.12 -9.83
CA LYS F 30 16.13 14.21 -9.14
C LYS F 30 16.92 12.91 -9.36
N THR F 31 16.21 11.79 -9.33
CA THR F 31 16.78 10.47 -9.66
C THR F 31 17.49 10.55 -11.01
N ALA F 32 16.76 11.04 -12.01
CA ALA F 32 17.19 11.02 -13.40
C ALA F 32 18.37 11.97 -13.66
N GLN F 33 18.40 13.12 -12.99
CA GLN F 33 19.50 14.07 -13.20
C GLN F 33 20.69 13.80 -12.25
N LEU F 34 20.52 12.83 -11.36
CA LEU F 34 21.51 12.48 -10.35
C LEU F 34 22.88 12.16 -10.93
N GLY F 35 22.89 11.46 -12.05
CA GLY F 35 24.15 11.09 -12.70
C GLY F 35 24.95 12.24 -13.27
N THR F 36 24.28 13.23 -13.88
CA THR F 36 24.98 14.39 -14.43
C THR F 36 25.28 15.45 -13.37
N ALA F 37 24.53 15.43 -12.27
CA ALA F 37 24.79 16.32 -11.14
C ALA F 37 26.12 15.93 -10.51
N ASN F 38 26.25 14.65 -10.18
CA ASN F 38 27.52 14.08 -9.71
C ASN F 38 28.65 14.21 -10.73
N ALA F 39 28.29 14.18 -12.02
CA ALA F 39 29.28 14.34 -13.09
C ALA F 39 29.89 15.74 -13.06
N ALA F 40 29.04 16.77 -12.99
CA ALA F 40 29.49 18.16 -12.96
C ALA F 40 30.33 18.47 -11.71
N LYS F 41 29.83 18.02 -10.57
CA LYS F 41 30.56 18.01 -9.30
C LYS F 41 31.99 17.48 -9.51
N LEU F 42 32.14 16.20 -9.83
CA LEU F 42 33.46 15.60 -10.08
C LEU F 42 34.30 16.32 -11.14
N LEU F 43 33.68 17.06 -12.06
CA LEU F 43 34.42 17.79 -13.09
C LEU F 43 34.65 19.28 -12.75
N GLY F 44 34.41 19.65 -11.48
CA GLY F 44 34.95 20.89 -10.93
C GLY F 44 36.20 20.56 -10.11
N SER F 45 37.26 20.10 -10.79
CA SER F 45 38.54 19.67 -10.18
C SER F 45 39.77 20.11 -11.04
N SER F 46 40.59 19.15 -11.47
CA SER F 46 41.61 19.36 -12.52
C SER F 46 41.81 18.08 -13.35
N THR F 47 40.75 17.25 -13.43
CA THR F 47 40.73 15.98 -14.18
C THR F 47 40.24 16.31 -15.58
N LEU F 48 40.90 15.87 -16.67
CA LEU F 48 42.30 15.34 -16.73
C LEU F 48 42.70 14.08 -15.90
N LEU F 49 42.26 12.86 -16.29
CA LEU F 49 41.24 12.53 -17.34
C LEU F 49 41.70 12.87 -18.76
N ASN F 50 40.83 12.81 -19.78
CA ASN F 50 41.34 12.76 -21.19
C ASN F 50 41.55 14.10 -21.94
N LYS F 51 42.72 14.34 -22.55
CA LYS F 51 43.80 13.33 -22.78
C LYS F 51 44.47 12.80 -21.48
N LEU F 52 44.73 11.49 -21.37
CA LEU F 52 45.54 10.96 -20.24
C LEU F 52 45.89 9.47 -20.33
N ALA F 53 46.53 8.97 -19.27
CA ALA F 53 46.94 7.55 -19.24
C ALA F 53 45.77 6.55 -19.05
N PHE F 54 44.83 6.65 -19.98
CA PHE F 54 43.60 5.85 -20.00
C PHE F 54 42.69 6.09 -18.81
N ALA F 55 41.46 6.57 -19.06
CA ALA F 55 40.36 6.43 -18.10
C ALA F 55 40.48 5.01 -17.55
N SER F 56 40.23 4.88 -16.27
CA SER F 56 40.74 3.69 -15.54
C SER F 56 42.28 3.77 -15.23
N PRO F 57 42.63 3.96 -13.95
CA PRO F 57 41.70 4.01 -12.79
C PRO F 57 40.91 5.33 -12.67
N GLU F 58 39.68 5.23 -12.15
CA GLU F 58 38.65 6.28 -12.34
C GLU F 58 38.55 7.40 -11.29
N GLU F 59 38.41 7.13 -10.00
CA GLU F 59 38.71 5.87 -9.31
C GLU F 59 37.74 4.67 -9.44
N PHE F 60 36.44 4.85 -9.25
CA PHE F 60 35.76 6.15 -9.16
C PHE F 60 35.29 6.56 -7.75
N GLU F 61 34.92 5.57 -6.91
CA GLU F 61 34.89 5.68 -5.41
C GLU F 61 34.91 7.12 -4.83
N ILE F 62 33.84 7.65 -4.22
CA ILE F 62 32.54 7.00 -4.04
C ILE F 62 31.86 6.79 -5.38
N LYS F 79 21.59 -5.53 -6.06
CA LYS F 79 21.78 -6.99 -5.94
C LYS F 79 21.43 -7.81 -7.20
N LEU F 80 22.35 -8.66 -7.62
CA LEU F 80 22.22 -9.47 -8.83
C LEU F 80 20.86 -10.18 -9.03
N ALA F 81 20.24 -10.61 -7.96
CA ALA F 81 18.95 -11.30 -8.11
C ALA F 81 17.90 -10.31 -8.57
N ASP F 82 18.02 -9.09 -8.07
CA ASP F 82 17.09 -8.03 -8.42
C ASP F 82 17.22 -7.73 -9.92
N LEU F 83 18.46 -7.64 -10.38
CA LEU F 83 18.77 -7.37 -11.76
C LEU F 83 18.20 -8.43 -12.71
N GLU F 84 18.30 -9.67 -12.28
CA GLU F 84 17.75 -10.75 -13.06
C GLU F 84 16.22 -10.79 -13.04
N ARG F 85 15.64 -10.35 -11.92
CA ARG F 85 14.20 -10.18 -11.80
C ARG F 85 13.73 -9.12 -12.79
N ILE F 86 14.43 -7.99 -12.78
CA ILE F 86 14.06 -6.81 -13.57
C ILE F 86 14.16 -7.17 -15.03
N ARG F 87 15.29 -7.72 -15.39
CA ARG F 87 15.50 -8.19 -16.72
C ARG F 87 14.36 -9.10 -17.18
N ALA F 88 13.92 -10.02 -16.32
CA ALA F 88 12.87 -10.98 -16.68
C ALA F 88 11.50 -10.30 -16.75
N GLU F 89 11.25 -9.41 -15.80
CA GLU F 89 10.05 -8.57 -15.85
C GLU F 89 9.88 -7.72 -17.10
N ASN F 90 10.98 -7.41 -17.77
CA ASN F 90 10.95 -6.53 -18.93
C ASN F 90 11.46 -7.17 -20.18
N LEU F 91 11.40 -8.50 -20.26
CA LEU F 91 11.86 -9.17 -21.47
C LEU F 91 11.26 -8.51 -22.70
N LYS F 92 10.00 -8.09 -22.61
CA LYS F 92 9.27 -7.53 -23.77
C LYS F 92 9.92 -6.24 -24.27
N LYS F 93 9.97 -5.24 -23.40
CA LYS F 93 10.60 -3.98 -23.75
C LYS F 93 12.06 -4.15 -24.19
N ILE F 94 12.80 -4.99 -23.49
CA ILE F 94 14.20 -5.17 -23.81
C ILE F 94 14.36 -5.67 -25.23
N ASP F 95 13.53 -6.63 -25.61
CA ASP F 95 13.58 -7.17 -26.96
C ASP F 95 13.21 -6.07 -27.96
N GLU F 96 12.20 -5.25 -27.62
CA GLU F 96 11.81 -4.11 -28.47
C GLU F 96 12.95 -3.10 -28.71
N ASN F 97 13.63 -2.75 -27.63
CA ASN F 97 14.80 -1.94 -27.69
C ASN F 97 15.90 -2.57 -28.51
N GLN F 98 16.14 -3.87 -28.33
CA GLN F 98 17.11 -4.54 -29.22
C GLN F 98 16.68 -4.39 -30.68
N THR F 99 15.39 -4.54 -30.95
CA THR F 99 14.88 -4.47 -32.34
C THR F 99 15.08 -3.08 -32.96
N LYS F 100 14.78 -2.04 -32.15
CA LYS F 100 15.06 -0.65 -32.52
C LYS F 100 16.53 -0.43 -32.93
N MSE F 101 17.44 -1.02 -32.21
CA MSE F 101 18.82 -0.87 -32.56
C MSE F 101 19.15 -1.65 -33.77
O MSE F 101 19.95 -1.21 -34.60
CB MSE F 101 19.68 -1.29 -31.36
CG MSE F 101 19.47 -0.32 -30.20
SE MSE F 101 20.73 -0.73 -28.75
CE MSE F 101 21.82 0.73 -29.29
N LYS F 102 18.57 -2.83 -33.87
CA LYS F 102 18.77 -3.67 -35.05
C LYS F 102 18.24 -2.92 -36.28
N GLU F 103 17.00 -2.46 -36.20
CA GLU F 103 16.38 -1.79 -37.31
C GLU F 103 17.12 -0.48 -37.67
N ALA F 104 17.67 0.19 -36.68
CA ALA F 104 18.47 1.40 -36.93
C ALA F 104 19.78 1.09 -37.61
N SER F 105 20.44 0.06 -37.12
CA SER F 105 21.68 -0.40 -37.75
C SER F 105 21.45 -0.78 -39.22
N GLU F 106 20.49 -1.69 -39.46
CA GLU F 106 20.10 -2.09 -40.83
C GLU F 106 19.73 -0.92 -41.72
N ALA F 107 18.82 -0.06 -41.27
CA ALA F 107 18.48 1.15 -42.01
C ALA F 107 19.72 1.93 -42.42
N ALA F 108 20.69 2.06 -41.52
CA ALA F 108 21.92 2.76 -41.83
C ALA F 108 22.79 1.97 -42.80
N ASP F 109 22.76 0.64 -42.69
CA ASP F 109 23.51 -0.25 -43.59
C ASP F 109 23.03 -0.10 -45.03
N LYS F 110 21.73 -0.30 -45.22
CA LYS F 110 21.08 -0.20 -46.53
C LYS F 110 21.10 1.18 -47.13
N ALA F 111 21.31 2.21 -46.30
CA ALA F 111 21.32 3.58 -46.78
C ALA F 111 22.68 3.94 -47.38
N LYS F 112 23.75 3.42 -46.80
CA LYS F 112 25.09 3.76 -47.30
C LYS F 112 25.53 2.90 -48.50
N LYS F 113 24.82 1.79 -48.75
CA LYS F 113 25.05 1.01 -49.96
C LYS F 113 24.37 1.72 -51.12
N SER F 114 23.06 1.90 -51.02
CA SER F 114 22.28 2.65 -51.99
C SER F 114 22.80 4.08 -52.17
N GLY F 115 22.42 4.69 -53.28
CA GLY F 115 22.67 6.12 -53.50
C GLY F 115 21.67 7.01 -52.77
N LEU F 116 20.74 6.42 -52.00
CA LEU F 116 19.73 7.19 -51.25
C LEU F 116 20.17 7.42 -49.79
N ALA F 117 21.47 7.58 -49.57
CA ALA F 117 22.00 7.93 -48.25
C ALA F 117 21.47 9.30 -47.82
N SER F 118 21.99 10.38 -48.41
CA SER F 118 21.62 11.75 -48.03
C SER F 118 20.33 12.25 -48.68
N LYS F 119 19.42 11.35 -49.04
CA LYS F 119 18.09 11.73 -49.53
C LYS F 119 17.03 11.57 -48.44
N ILE F 120 17.03 10.41 -47.77
CA ILE F 120 16.16 10.24 -46.61
C ILE F 120 16.85 10.54 -45.27
N PHE F 121 18.18 10.51 -45.23
CA PHE F 121 18.93 10.70 -43.97
C PHE F 121 20.01 11.80 -44.02
N GLY F 122 19.95 12.65 -45.04
CA GLY F 122 20.86 13.80 -45.11
C GLY F 122 20.54 14.85 -44.07
N TRP F 123 19.35 14.76 -43.50
CA TRP F 123 18.97 15.70 -42.45
C TRP F 123 19.55 15.34 -41.08
N ILE F 124 19.91 14.09 -40.91
CA ILE F 124 20.45 13.60 -39.67
C ILE F 124 21.72 14.35 -39.25
N SER F 125 21.81 14.74 -38.00
CA SER F 125 22.94 15.54 -37.59
C SER F 125 24.18 14.68 -37.51
N ALA F 126 25.34 15.34 -37.44
CA ALA F 126 26.61 14.67 -37.28
C ALA F 126 26.71 13.88 -35.96
N ILE F 127 26.23 14.47 -34.86
CA ILE F 127 26.24 13.80 -33.58
C ILE F 127 25.47 12.50 -33.72
N ALA F 128 24.23 12.61 -34.19
CA ALA F 128 23.37 11.43 -34.22
C ALA F 128 24.00 10.35 -35.08
N SER F 129 24.67 10.79 -36.11
CA SER F 129 25.36 9.93 -36.98
C SER F 129 26.44 9.10 -36.27
N MSE F 130 27.20 9.73 -35.37
CA MSE F 130 28.17 9.00 -34.60
C MSE F 130 27.47 8.05 -33.67
O MSE F 130 27.91 6.89 -33.49
CB MSE F 130 29.05 9.86 -33.74
CG MSE F 130 29.51 9.06 -32.52
SE MSE F 130 30.08 10.42 -31.28
CE MSE F 130 30.79 11.91 -32.40
N VAL F 131 26.35 8.50 -33.10
CA VAL F 131 25.56 7.63 -32.23
C VAL F 131 25.17 6.34 -32.97
N ILE F 132 24.87 6.41 -34.26
CA ILE F 132 24.64 5.17 -35.02
C ILE F 132 25.84 4.30 -34.97
N GLY F 133 27.00 4.90 -35.22
CA GLY F 133 28.28 4.18 -35.08
C GLY F 133 28.47 3.52 -33.71
N ALA F 134 28.23 4.31 -32.64
CA ALA F 134 28.37 3.81 -31.29
C ALA F 134 27.46 2.60 -31.02
N ILE F 135 26.28 2.64 -31.62
CA ILE F 135 25.35 1.53 -31.52
C ILE F 135 25.84 0.27 -32.23
N LEU F 136 26.43 0.44 -33.41
CA LEU F 136 27.11 -0.70 -34.07
C LEU F 136 28.23 -1.31 -33.23
N ILE F 137 29.09 -0.46 -32.67
CA ILE F 137 30.19 -0.95 -31.81
C ILE F 137 29.73 -1.50 -30.45
N ALA F 138 28.79 -0.83 -29.77
CA ALA F 138 28.52 -1.17 -28.39
C ALA F 138 27.03 -1.30 -28.01
N THR F 139 26.18 -1.46 -29.03
CA THR F 139 24.71 -1.57 -28.88
C THR F 139 24.20 -0.71 -27.74
N GLY F 140 23.53 -1.27 -26.75
CA GLY F 140 22.85 -0.46 -25.73
C GLY F 140 23.74 0.52 -24.97
N VAL F 141 25.03 0.23 -24.85
CA VAL F 141 25.95 1.19 -24.23
C VAL F 141 26.19 2.38 -25.15
N GLY F 142 26.36 2.10 -26.44
CA GLY F 142 26.39 3.14 -27.46
C GLY F 142 25.17 4.02 -27.45
N ALA F 143 24.00 3.43 -27.39
CA ALA F 143 22.78 4.21 -27.35
C ALA F 143 22.77 5.08 -26.13
N ALA F 144 23.09 4.46 -25.00
CA ALA F 144 23.11 5.17 -23.74
C ALA F 144 23.97 6.42 -23.85
N VAL F 145 25.24 6.26 -24.14
CA VAL F 145 26.12 7.43 -24.11
C VAL F 145 25.69 8.40 -25.18
N GLY F 146 25.13 7.88 -26.28
CA GLY F 146 24.65 8.74 -27.34
C GLY F 146 23.51 9.62 -26.86
N ALA F 147 22.60 9.03 -26.14
CA ALA F 147 21.44 9.79 -25.71
C ALA F 147 21.87 10.79 -24.68
N MSE F 148 22.82 10.42 -23.85
CA MSE F 148 23.40 11.36 -22.89
C MSE F 148 23.94 12.57 -23.58
O MSE F 148 23.65 13.66 -23.21
CB MSE F 148 24.56 10.73 -22.15
CG MSE F 148 24.11 9.60 -21.21
SE MSE F 148 23.35 10.42 -19.60
CE MSE F 148 23.75 8.70 -18.69
N MSE F 149 24.74 12.40 -24.60
CA MSE F 149 25.26 13.55 -25.27
C MSE F 149 24.20 14.46 -25.81
O MSE F 149 24.32 15.70 -25.75
CB MSE F 149 26.05 13.07 -26.47
CG MSE F 149 27.33 12.45 -25.99
SE MSE F 149 28.12 11.62 -27.60
CE MSE F 149 27.98 13.18 -28.77
N ILE F 150 23.14 13.86 -26.34
CA ILE F 150 22.08 14.62 -26.95
C ILE F 150 21.21 15.29 -25.91
N VAL F 151 20.90 14.59 -24.84
CA VAL F 151 20.18 15.22 -23.75
C VAL F 151 20.87 16.49 -23.24
N GLY F 152 22.20 16.52 -23.17
CA GLY F 152 22.89 17.77 -22.81
C GLY F 152 23.26 17.87 -21.34
N GLY F 153 22.28 17.75 -20.45
CA GLY F 153 22.54 17.62 -19.01
C GLY F 153 23.41 18.68 -18.35
N ALA F 154 24.71 18.40 -18.24
CA ALA F 154 25.63 19.30 -17.54
C ALA F 154 25.90 20.60 -18.32
N VAL F 155 26.67 20.51 -19.39
CA VAL F 155 27.02 21.69 -20.18
C VAL F 155 25.98 22.05 -21.24
N GLY F 156 24.78 21.48 -21.15
CA GLY F 156 23.75 21.78 -22.12
C GLY F 156 23.32 23.23 -22.08
N VAL F 157 23.28 23.80 -20.88
CA VAL F 157 22.84 25.19 -20.68
C VAL F 157 23.88 26.18 -21.23
N ALA F 158 25.15 25.90 -21.02
CA ALA F 158 26.21 26.66 -21.66
C ALA F 158 26.07 26.58 -23.17
N ASN F 159 25.84 25.38 -23.65
CA ASN F 159 25.77 25.12 -25.07
C ASN F 159 24.64 25.88 -25.70
N MSE F 160 23.54 25.97 -24.99
CA MSE F 160 22.37 26.69 -25.49
C MSE F 160 22.73 28.14 -25.55
O MSE F 160 22.51 28.80 -26.57
CB MSE F 160 21.15 26.46 -24.60
CG MSE F 160 20.48 25.12 -24.88
SE MSE F 160 18.87 24.93 -23.74
CE MSE F 160 17.75 23.88 -24.96
N ALA F 161 23.33 28.63 -24.46
CA ALA F 161 23.80 30.03 -24.38
C ALA F 161 24.70 30.36 -25.56
N ILE F 162 25.60 29.44 -25.93
CA ILE F 162 26.40 29.57 -27.15
C ILE F 162 25.43 29.51 -28.34
N GLN F 163 24.81 30.64 -28.58
CA GLN F 163 23.89 30.81 -29.70
C GLN F 163 23.70 32.31 -29.83
N GLN F 164 24.81 33.01 -30.03
CA GLN F 164 24.81 34.26 -30.75
C GLN F 164 25.36 33.92 -32.14
N GLU F 174 28.16 36.75 -32.27
CA GLU F 174 29.36 35.96 -32.03
C GLU F 174 29.91 35.28 -33.32
N THR F 175 31.25 35.18 -33.40
CA THR F 175 32.09 34.94 -34.63
C THR F 175 31.89 33.58 -35.35
N MSE F 176 32.98 32.98 -35.88
CA MSE F 176 32.97 31.59 -36.41
C MSE F 176 33.02 30.57 -35.30
O MSE F 176 32.91 30.91 -34.12
CB MSE F 176 34.14 31.44 -37.42
CG MSE F 176 35.51 31.43 -36.77
SE MSE F 176 36.71 32.49 -37.93
CE MSE F 176 36.46 34.31 -37.24
N LYS F 177 33.17 29.28 -35.65
CA LYS F 177 33.06 28.21 -34.68
C LYS F 177 33.92 26.97 -34.85
N VAL F 178 35.16 27.01 -34.35
CA VAL F 178 35.82 25.80 -33.84
C VAL F 178 35.39 25.56 -32.36
N LEU F 179 34.73 26.54 -31.74
CA LEU F 179 33.96 26.37 -30.49
C LEU F 179 32.95 25.17 -30.49
N GLY F 180 32.42 24.85 -31.67
CA GLY F 180 31.54 23.69 -31.87
C GLY F 180 32.13 22.33 -31.51
N PRO F 181 33.12 21.83 -32.29
CA PRO F 181 33.69 20.50 -31.97
C PRO F 181 34.13 20.33 -30.51
N ILE F 182 34.60 21.38 -29.86
CA ILE F 182 35.15 21.22 -28.52
C ILE F 182 34.00 21.04 -27.54
N MSE F 183 32.89 21.73 -27.81
CA MSE F 183 31.67 21.59 -26.98
C MSE F 183 31.06 20.21 -27.11
O MSE F 183 30.40 19.74 -26.19
CB MSE F 183 30.64 22.64 -27.39
CG MSE F 183 31.15 24.06 -27.13
SE MSE F 183 30.91 24.57 -25.25
CE MSE F 183 29.05 23.99 -24.93
N ILE F 184 31.28 19.57 -28.25
CA ILE F 184 31.01 18.14 -28.42
C ILE F 184 31.86 17.34 -27.44
N ALA F 185 33.20 17.38 -27.66
CA ALA F 185 34.19 16.73 -26.79
C ALA F 185 33.89 16.96 -25.31
N ALA F 186 33.52 18.19 -24.98
CA ALA F 186 33.12 18.48 -23.63
C ALA F 186 31.99 17.56 -23.25
N GLU F 187 30.96 17.57 -24.11
CA GLU F 187 29.71 16.79 -23.88
C GLU F 187 29.99 15.29 -23.86
N ILE F 188 30.77 14.84 -24.84
CA ILE F 188 31.18 13.45 -24.84
C ILE F 188 31.76 13.09 -23.49
N LEU F 189 32.80 13.82 -23.10
CA LEU F 189 33.48 13.58 -21.86
C LEU F 189 32.53 13.61 -20.69
N VAL F 190 31.63 14.59 -20.63
CA VAL F 190 30.70 14.64 -19.45
C VAL F 190 29.80 13.38 -19.45
N ALA F 191 29.28 13.03 -20.63
CA ALA F 191 28.47 11.82 -20.80
C ALA F 191 29.15 10.55 -20.31
N ILE F 192 30.43 10.37 -20.69
CA ILE F 192 31.23 9.25 -20.19
C ILE F 192 31.29 9.20 -18.66
N VAL F 193 31.51 10.37 -18.05
CA VAL F 193 31.53 10.43 -16.59
C VAL F 193 30.16 10.06 -16.04
N SER F 194 29.13 10.73 -16.54
CA SER F 194 27.75 10.42 -16.17
C SER F 194 27.44 8.94 -16.28
N ILE F 195 27.89 8.27 -17.37
CA ILE F 195 27.67 6.82 -17.49
C ILE F 195 28.41 6.13 -16.33
N ALA F 196 29.67 6.50 -16.13
CA ALA F 196 30.50 5.90 -15.09
C ALA F 196 29.74 5.95 -13.79
N VAL F 197 29.24 7.14 -13.46
CA VAL F 197 28.46 7.33 -12.24
C VAL F 197 27.20 6.45 -12.19
N THR F 198 26.36 6.58 -13.22
CA THR F 198 25.04 5.95 -13.25
C THR F 198 25.09 4.43 -13.36
N PHE F 199 26.04 3.90 -14.13
CA PHE F 199 26.10 2.45 -14.40
C PHE F 199 27.53 2.03 -14.06
N GLY F 200 27.93 0.82 -14.42
CA GLY F 200 29.36 0.47 -14.27
C GLY F 200 30.40 1.57 -14.61
N ALA F 201 31.64 1.37 -14.22
CA ALA F 201 32.74 2.13 -14.85
C ALA F 201 33.34 1.32 -16.00
N SER F 202 33.04 0.02 -16.04
CA SER F 202 33.37 -0.71 -17.23
C SER F 202 32.40 -0.29 -18.34
N ALA F 203 31.18 0.10 -17.96
CA ALA F 203 30.19 0.64 -18.94
C ALA F 203 30.70 1.93 -19.56
N ALA F 204 31.25 2.79 -18.72
CA ALA F 204 31.82 4.04 -19.17
C ALA F 204 33.00 3.77 -20.10
N SER F 205 33.77 2.77 -19.75
CA SER F 205 34.96 2.44 -20.48
C SER F 205 34.60 1.94 -21.86
N THR F 206 33.65 1.01 -21.93
CA THR F 206 33.05 0.55 -23.19
C THR F 206 32.43 1.74 -23.99
N ALA F 207 31.73 2.62 -23.28
CA ALA F 207 31.13 3.75 -23.92
C ALA F 207 32.22 4.61 -24.60
N MSE F 208 33.36 4.73 -23.92
CA MSE F 208 34.48 5.47 -24.48
C MSE F 208 34.98 4.77 -25.71
O MSE F 208 35.23 5.41 -26.72
CB MSE F 208 35.57 5.67 -23.41
CG MSE F 208 36.77 6.51 -23.88
SE MSE F 208 36.18 8.38 -23.99
CE MSE F 208 36.09 8.70 -25.94
N LYS F 209 35.15 3.45 -25.61
CA LYS F 209 35.57 2.67 -26.78
C LYS F 209 34.58 2.96 -27.93
N ALA F 210 33.30 2.86 -27.63
CA ALA F 210 32.27 3.01 -28.62
C ALA F 210 32.40 4.33 -29.33
N VAL F 211 32.45 5.40 -28.54
CA VAL F 211 32.62 6.74 -29.12
C VAL F 211 33.90 6.84 -29.98
N LYS F 212 34.99 6.26 -29.46
CA LYS F 212 36.30 6.28 -30.12
C LYS F 212 36.18 5.72 -31.53
N PHE F 213 35.61 4.54 -31.62
CA PHE F 213 35.57 3.80 -32.85
C PHE F 213 34.44 4.27 -33.78
N ALA F 214 33.36 4.79 -33.25
CA ALA F 214 32.34 5.41 -34.08
C ALA F 214 32.94 6.61 -34.77
N THR F 215 33.82 7.26 -34.03
CA THR F 215 34.47 8.45 -34.51
C THR F 215 35.43 8.07 -35.65
N GLN F 216 36.14 6.94 -35.54
CA GLN F 216 37.04 6.45 -36.63
C GLN F 216 36.27 5.88 -37.82
N ALA F 217 35.20 5.12 -37.55
CA ALA F 217 34.32 4.63 -38.59
C ALA F 217 33.79 5.81 -39.40
N ALA F 218 33.55 6.94 -38.73
CA ALA F 218 33.05 8.16 -39.39
C ALA F 218 33.93 8.69 -40.55
N ASP F 219 35.24 8.37 -40.54
CA ASP F 219 36.21 8.85 -41.51
C ASP F 219 36.45 7.83 -42.64
N ASN G 1 0.35 -21.52 49.33
CA ASN G 1 1.25 -22.07 48.28
C ASN G 1 1.24 -21.09 47.11
N GLU G 2 2.35 -20.36 46.92
CA GLU G 2 2.46 -19.34 45.88
C GLU G 2 2.25 -19.94 44.49
N PRO G 3 2.89 -21.10 44.23
CA PRO G 3 2.67 -21.75 42.95
C PRO G 3 1.26 -22.25 42.75
N ALA G 4 0.51 -22.45 43.82
CA ALA G 4 -0.91 -22.74 43.70
C ALA G 4 -1.65 -21.49 43.21
N ILE G 5 -1.40 -20.35 43.85
CA ILE G 5 -2.05 -19.10 43.47
C ILE G 5 -1.75 -18.77 42.02
N GLU G 6 -0.50 -18.86 41.61
CA GLU G 6 -0.11 -18.70 40.21
C GLU G 6 -0.86 -19.62 39.27
N ALA G 7 -0.90 -20.90 39.57
CA ALA G 7 -1.68 -21.86 38.74
C ALA G 7 -3.19 -21.50 38.68
N PHE G 8 -3.71 -20.92 39.77
CA PHE G 8 -5.07 -20.47 39.78
C PHE G 8 -5.24 -19.31 38.81
N LEU G 9 -4.31 -18.37 38.91
CA LEU G 9 -4.37 -17.14 38.16
C LEU G 9 -4.27 -17.46 36.70
N GLN G 10 -3.37 -18.38 36.42
CA GLN G 10 -3.07 -18.85 35.08
C GLN G 10 -4.24 -19.57 34.41
N ASP G 11 -4.96 -20.37 35.17
CA ASP G 11 -6.07 -21.13 34.64
C ASP G 11 -7.29 -20.24 34.45
N GLY G 12 -7.23 -19.01 34.94
CA GLY G 12 -8.27 -18.06 34.66
C GLY G 12 -9.02 -17.63 35.87
N GLY G 13 -8.53 -17.97 37.05
CA GLY G 13 -9.10 -17.43 38.23
C GLY G 13 -8.87 -15.92 38.30
N THR G 14 -9.73 -15.29 39.09
CA THR G 14 -9.78 -13.88 39.31
C THR G 14 -9.73 -13.52 40.78
N LEU G 15 -9.46 -12.25 41.05
CA LEU G 15 -9.36 -11.73 42.40
C LEU G 15 -10.68 -11.85 43.12
N ALA G 16 -11.78 -11.79 42.40
CA ALA G 16 -13.11 -11.91 43.03
C ALA G 16 -13.21 -13.27 43.66
N MSE G 17 -12.96 -14.27 42.85
CA MSE G 17 -12.94 -15.66 43.29
C MSE G 17 -12.05 -15.85 44.51
O MSE G 17 -12.41 -16.56 45.45
CB MSE G 17 -12.45 -16.51 42.12
CG MSE G 17 -13.57 -16.72 41.13
SE MSE G 17 -12.77 -17.63 39.59
CE MSE G 17 -14.22 -17.24 38.36
N LEU G 18 -10.88 -15.24 44.48
CA LEU G 18 -9.90 -15.44 45.52
C LEU G 18 -10.42 -14.91 46.83
N ASN G 19 -11.09 -13.77 46.81
CA ASN G 19 -11.60 -13.16 48.04
C ASN G 19 -13.05 -13.55 48.38
N ASP G 20 -13.51 -14.70 47.87
CA ASP G 20 -14.92 -15.09 47.94
C ASP G 20 -15.83 -13.88 47.85
N VAL G 21 -15.81 -13.22 46.70
CA VAL G 21 -16.72 -12.14 46.41
C VAL G 21 -17.86 -12.72 45.58
N SER G 22 -19.09 -12.49 46.01
CA SER G 22 -20.27 -13.10 45.36
C SER G 22 -20.60 -12.41 44.06
N THR G 23 -21.36 -13.10 43.22
CA THR G 23 -21.84 -12.51 41.97
C THR G 23 -22.71 -11.29 42.27
N ASP G 24 -23.44 -11.36 43.38
CA ASP G 24 -24.38 -10.32 43.71
C ASP G 24 -23.73 -9.12 44.36
N THR G 25 -22.60 -9.29 45.04
CA THR G 25 -21.89 -8.11 45.55
C THR G 25 -21.23 -7.34 44.39
N LEU G 26 -20.73 -8.10 43.42
CA LEU G 26 -20.07 -7.52 42.26
C LEU G 26 -21.09 -6.74 41.46
N GLU G 27 -22.26 -7.34 41.30
CA GLU G 27 -23.36 -6.69 40.60
C GLU G 27 -23.83 -5.44 41.26
N GLN G 28 -23.74 -5.39 42.59
CA GLN G 28 -24.09 -4.18 43.33
C GLN G 28 -23.12 -3.12 42.91
N LEU G 29 -21.84 -3.46 42.91
CA LEU G 29 -20.78 -2.50 42.55
C LEU G 29 -20.89 -2.05 41.10
N TYR G 30 -21.31 -2.94 40.20
CA TYR G 30 -21.51 -2.53 38.82
C TYR G 30 -22.59 -1.49 38.81
N THR G 31 -23.69 -1.75 39.53
CA THR G 31 -24.84 -0.86 39.57
C THR G 31 -24.42 0.52 40.03
N LEU G 32 -23.66 0.57 41.11
CA LEU G 32 -23.14 1.84 41.59
C LEU G 32 -22.39 2.56 40.47
N GLY G 33 -21.46 1.86 39.82
CA GLY G 33 -20.68 2.44 38.74
C GLY G 33 -21.56 2.90 37.58
N PHE G 34 -22.49 2.03 37.19
CA PHE G 34 -23.44 2.34 36.12
C PHE G 34 -24.32 3.59 36.44
N ASN G 35 -24.76 3.73 37.68
CA ASN G 35 -25.53 4.92 38.05
C ASN G 35 -24.64 6.15 38.06
N GLN G 36 -23.52 6.07 38.73
CA GLN G 36 -22.60 7.18 38.75
C GLN G 36 -22.24 7.68 37.34
N TYR G 37 -22.06 6.76 36.40
CA TYR G 37 -21.72 7.17 35.07
C TYR G 37 -22.88 7.97 34.50
N HIS G 38 -24.10 7.45 34.64
CA HIS G 38 -25.28 8.13 34.11
C HIS G 38 -25.62 9.42 34.89
N ALA G 39 -25.18 9.53 36.12
CA ALA G 39 -25.23 10.80 36.85
C ALA G 39 -24.17 11.84 36.41
N GLY G 40 -23.34 11.51 35.44
CA GLY G 40 -22.24 12.38 35.01
C GLY G 40 -21.08 12.46 36.01
N LYS G 41 -21.12 11.69 37.11
CA LYS G 41 -20.00 11.60 38.03
C LYS G 41 -18.86 10.71 37.47
N HIS G 42 -18.30 11.12 36.36
CA HIS G 42 -17.45 10.24 35.53
C HIS G 42 -16.19 9.82 36.21
N ASP G 43 -15.60 10.74 36.95
CA ASP G 43 -14.35 10.49 37.64
C ASP G 43 -14.56 9.43 38.71
N GLU G 44 -15.68 9.52 39.41
CA GLU G 44 -16.01 8.57 40.45
C GLU G 44 -16.39 7.22 39.83
N ALA G 45 -17.12 7.27 38.72
CA ALA G 45 -17.47 6.05 37.98
C ALA G 45 -16.23 5.34 37.47
N HIS G 46 -15.30 6.12 36.94
CA HIS G 46 -14.02 5.58 36.54
C HIS G 46 -13.35 4.78 37.68
N LYS G 47 -13.31 5.33 38.89
CA LYS G 47 -12.69 4.64 40.03
C LYS G 47 -13.38 3.34 40.37
N ILE G 48 -14.71 3.31 40.26
CA ILE G 48 -15.49 2.08 40.45
C ILE G 48 -15.14 1.04 39.38
N PHE G 49 -15.18 1.42 38.11
CA PHE G 49 -14.84 0.47 37.08
C PHE G 49 -13.41 -0.02 37.18
N GLN G 50 -12.50 0.81 37.68
CA GLN G 50 -11.14 0.33 37.89
C GLN G 50 -11.08 -0.82 38.89
N ALA G 51 -11.91 -0.75 39.92
CA ALA G 51 -11.98 -1.80 40.90
C ALA G 51 -12.59 -3.06 40.28
N LEU G 52 -13.67 -2.89 39.58
CA LEU G 52 -14.34 -4.02 38.94
C LEU G 52 -13.41 -4.75 37.96
N CYS G 53 -12.70 -3.99 37.14
CA CYS G 53 -11.78 -4.57 36.18
C CYS G 53 -10.67 -5.39 36.86
N VAL G 54 -10.26 -4.96 38.02
CA VAL G 54 -9.29 -5.71 38.78
C VAL G 54 -9.93 -6.92 39.44
N LEU G 55 -11.17 -6.79 39.94
CA LEU G 55 -11.89 -7.91 40.61
C LEU G 55 -12.22 -9.04 39.65
N ASP G 56 -12.61 -8.71 38.43
CA ASP G 56 -12.80 -9.71 37.40
C ASP G 56 -12.24 -9.17 36.10
N HIS G 57 -11.07 -9.64 35.70
CA HIS G 57 -10.36 -9.06 34.60
C HIS G 57 -10.67 -9.76 33.30
N TYR G 58 -11.78 -10.49 33.32
CA TYR G 58 -12.32 -11.10 32.10
C TYR G 58 -13.70 -10.53 31.70
N GLU G 59 -14.36 -9.70 32.52
CA GLU G 59 -15.68 -9.09 32.16
C GLU G 59 -15.51 -7.94 31.21
N ALA G 60 -15.84 -8.15 29.94
CA ALA G 60 -15.84 -7.06 28.98
C ALA G 60 -16.62 -5.82 29.46
N ARG G 61 -17.75 -5.97 30.15
CA ARG G 61 -18.58 -4.80 30.38
C ARG G 61 -17.94 -3.91 31.41
N PHE G 62 -17.15 -4.46 32.33
CA PHE G 62 -16.34 -3.61 33.23
C PHE G 62 -15.35 -2.81 32.40
N PHE G 63 -14.81 -3.43 31.36
CA PHE G 63 -13.95 -2.70 30.45
C PHE G 63 -14.72 -1.72 29.59
N LEU G 64 -15.97 -2.03 29.28
CA LEU G 64 -16.78 -1.10 28.53
C LEU G 64 -16.99 0.13 29.41
N GLY G 65 -17.36 -0.12 30.65
CA GLY G 65 -17.61 0.99 31.58
C GLY G 65 -16.35 1.82 31.79
N LEU G 66 -15.24 1.14 32.01
CA LEU G 66 -13.99 1.83 32.25
C LEU G 66 -13.73 2.76 31.07
N GLY G 67 -13.94 2.22 29.88
CA GLY G 67 -13.66 2.99 28.68
C GLY G 67 -14.59 4.16 28.48
N ALA G 68 -15.85 3.97 28.80
CA ALA G 68 -16.83 5.03 28.68
C ALA G 68 -16.52 6.15 29.64
N CYS G 69 -16.14 5.84 30.88
CA CYS G 69 -15.75 6.90 31.82
C CYS G 69 -14.57 7.71 31.26
N ARG G 70 -13.59 7.00 30.72
CA ARG G 70 -12.39 7.63 30.23
C ARG G 70 -12.73 8.57 29.06
N GLN G 71 -13.58 8.12 28.16
CA GLN G 71 -13.92 8.91 26.97
C GLN G 71 -14.63 10.19 27.42
N ALA G 72 -15.61 10.05 28.31
CA ALA G 72 -16.31 11.21 28.81
C ALA G 72 -15.34 12.23 29.39
N LEU G 73 -14.28 11.80 30.05
CA LEU G 73 -13.29 12.72 30.63
C LEU G 73 -12.32 13.21 29.57
N GLY G 74 -12.55 12.93 28.30
CA GLY G 74 -11.59 13.32 27.27
C GLY G 74 -10.28 12.54 27.24
N GLN G 75 -10.16 11.50 28.07
CA GLN G 75 -8.98 10.64 28.07
C GLN G 75 -9.06 9.59 26.96
N PHE G 76 -8.96 10.02 25.71
CA PHE G 76 -9.27 9.16 24.57
C PHE G 76 -8.32 7.99 24.38
N ARG G 77 -7.05 8.24 24.65
CA ARG G 77 -6.03 7.22 24.43
C ARG G 77 -6.17 6.05 25.40
N LEU G 78 -6.42 6.41 26.66
CA LEU G 78 -6.63 5.44 27.70
C LEU G 78 -7.93 4.66 27.50
N ALA G 79 -8.92 5.32 26.89
CA ALA G 79 -10.20 4.70 26.64
C ALA G 79 -10.06 3.63 25.57
N ILE G 80 -9.26 3.92 24.56
CA ILE G 80 -8.99 2.92 23.53
C ILE G 80 -8.38 1.67 24.13
N ASP G 81 -7.49 1.86 25.09
CA ASP G 81 -6.79 0.74 25.72
C ASP G 81 -7.83 -0.16 26.36
N SER G 82 -8.78 0.42 27.08
CA SER G 82 -9.83 -0.35 27.73
C SER G 82 -10.82 -0.99 26.73
N TYR G 83 -11.20 -0.24 25.72
CA TYR G 83 -12.07 -0.78 24.71
C TYR G 83 -11.35 -1.92 23.99
N SER G 84 -10.05 -1.80 23.79
CA SER G 84 -9.28 -2.84 23.09
C SER G 84 -9.29 -4.09 23.94
N TYR G 85 -8.92 -3.98 25.21
CA TYR G 85 -8.93 -5.18 26.03
C TYR G 85 -10.35 -5.72 26.10
N GLY G 86 -11.35 -4.87 26.24
CA GLY G 86 -12.76 -5.37 26.27
C GLY G 86 -13.12 -6.23 25.05
N ALA G 87 -12.75 -5.77 23.86
CA ALA G 87 -13.02 -6.51 22.64
C ALA G 87 -12.43 -7.89 22.66
N MSE G 88 -11.21 -8.00 23.15
CA MSE G 88 -10.52 -9.30 23.21
CA MSE G 88 -10.50 -9.28 23.26
C MSE G 88 -11.28 -10.23 24.13
O MSE G 88 -11.19 -11.40 23.97
CB MSE G 88 -9.08 -9.15 23.69
CB MSE G 88 -9.11 -9.05 23.86
CG MSE G 88 -8.00 -8.84 22.65
CG MSE G 88 -8.32 -7.94 23.19
SE MSE G 88 -8.44 -8.83 20.72
SE MSE G 88 -6.44 -7.95 23.74
CE MSE G 88 -7.90 -10.62 20.09
CE MSE G 88 -6.51 -9.57 24.87
N MSE G 89 -12.04 -9.71 25.06
CA MSE G 89 -12.85 -10.53 25.95
C MSE G 89 -14.25 -10.75 25.42
O MSE G 89 -15.02 -11.52 26.01
CB MSE G 89 -13.01 -9.88 27.34
CG MSE G 89 -11.67 -9.62 28.02
SE MSE G 89 -10.80 -11.34 28.44
CE MSE G 89 -9.56 -11.60 26.91
N ASP G 90 -14.62 -10.06 24.35
CA ASP G 90 -15.92 -10.24 23.76
C ASP G 90 -15.88 -9.77 22.35
N LEU G 91 -15.41 -10.67 21.48
CA LEU G 91 -15.04 -10.34 20.10
C LEU G 91 -16.26 -10.05 19.23
N GLN G 92 -17.45 -10.31 19.74
CA GLN G 92 -18.64 -10.12 18.98
C GLN G 92 -19.34 -8.84 19.33
N GLU G 93 -18.82 -8.11 20.30
CA GLU G 93 -19.49 -6.90 20.80
C GLU G 93 -19.05 -5.67 20.00
N PRO G 94 -19.99 -5.05 19.25
CA PRO G 94 -19.60 -3.95 18.37
C PRO G 94 -19.31 -2.61 19.06
N ARG G 95 -19.91 -2.37 20.23
CA ARG G 95 -19.66 -1.14 20.94
C ARG G 95 -18.17 -0.83 21.16
N PHE G 96 -17.35 -1.87 21.33
CA PHE G 96 -15.95 -1.68 21.57
C PHE G 96 -15.27 -1.01 20.40
N PRO G 97 -15.29 -1.63 19.19
CA PRO G 97 -14.61 -0.95 18.05
C PRO G 97 -15.22 0.40 17.70
N PHE G 98 -16.51 0.52 17.97
CA PHE G 98 -17.21 1.72 17.63
C PHE G 98 -16.65 2.85 18.51
N HIS G 99 -16.76 2.74 19.83
CA HIS G 99 -16.36 3.85 20.68
C HIS G 99 -14.86 4.05 20.68
N ALA G 100 -14.12 3.00 20.38
CA ALA G 100 -12.68 3.18 20.17
C ALA G 100 -12.42 4.00 18.92
N ALA G 101 -13.22 3.79 17.88
CA ALA G 101 -13.08 4.53 16.62
C ALA G 101 -13.37 6.01 16.84
N GLU G 102 -14.43 6.31 17.58
CA GLU G 102 -14.74 7.68 17.93
C GLU G 102 -13.52 8.33 18.56
N CYS G 103 -12.96 7.64 19.54
CA CYS G 103 -11.81 8.14 20.27
C CYS G 103 -10.65 8.33 19.28
N LEU G 104 -10.40 7.35 18.43
CA LEU G 104 -9.35 7.47 17.46
C LEU G 104 -9.50 8.68 16.55
N LEU G 105 -10.74 8.95 16.13
CA LEU G 105 -11.04 10.06 15.23
C LEU G 105 -10.77 11.39 15.91
N GLN G 106 -11.12 11.50 17.18
CA GLN G 106 -10.79 12.69 17.96
C GLN G 106 -9.29 12.92 18.04
N LEU G 107 -8.47 11.88 17.94
CA LEU G 107 -7.02 12.06 17.99
C LEU G 107 -6.39 12.16 16.61
N GLY G 108 -7.18 12.04 15.56
CA GLY G 108 -6.66 12.15 14.21
C GLY G 108 -6.15 10.85 13.65
N GLU G 109 -6.30 9.76 14.38
CA GLU G 109 -5.83 8.50 13.86
C GLU G 109 -6.87 7.85 12.98
N LEU G 110 -6.82 8.23 11.71
CA LEU G 110 -7.89 7.87 10.81
C LEU G 110 -7.84 6.44 10.39
N GLU G 111 -6.64 5.90 10.24
CA GLU G 111 -6.49 4.53 9.69
C GLU G 111 -7.11 3.57 10.67
N GLY G 112 -6.96 3.86 11.95
CA GLY G 112 -7.53 3.04 12.99
C GLY G 112 -8.97 3.36 13.27
N ALA G 113 -9.33 4.65 13.32
CA ALA G 113 -10.74 5.03 13.33
C ALA G 113 -11.48 4.24 12.23
N GLU G 114 -10.91 4.12 11.05
CA GLU G 114 -11.56 3.38 9.99
C GLU G 114 -11.79 1.94 10.36
N SER G 115 -10.75 1.35 10.92
CA SER G 115 -10.79 -0.07 11.25
C SER G 115 -11.86 -0.32 12.29
N GLY G 116 -11.97 0.62 13.20
CA GLY G 116 -12.96 0.54 14.29
C GLY G 116 -14.38 0.64 13.81
N PHE G 117 -14.69 1.68 13.06
CA PHE G 117 -16.02 1.87 12.49
C PHE G 117 -16.39 0.74 11.52
N HIS G 118 -15.40 0.24 10.79
CA HIS G 118 -15.62 -0.90 9.90
C HIS G 118 -15.98 -2.18 10.62
N SER G 119 -15.25 -2.50 11.68
CA SER G 119 -15.58 -3.71 12.42
C SER G 119 -16.90 -3.50 13.16
N ALA G 120 -17.12 -2.29 13.64
CA ALA G 120 -18.29 -2.03 14.44
C ALA G 120 -19.50 -2.30 13.58
N GLN G 121 -19.43 -1.89 12.32
CA GLN G 121 -20.53 -2.17 11.37
C GLN G 121 -20.80 -3.66 11.13
N LEU G 122 -19.76 -4.40 10.75
CA LEU G 122 -19.92 -5.84 10.56
C LEU G 122 -20.57 -6.52 11.77
N LEU G 123 -20.05 -6.25 12.96
CA LEU G 123 -20.52 -6.93 14.15
C LEU G 123 -21.94 -6.53 14.51
N ALA G 124 -22.24 -5.25 14.33
CA ALA G 124 -23.58 -4.74 14.62
C ALA G 124 -24.58 -5.25 13.58
N ALA G 125 -24.13 -5.42 12.33
CA ALA G 125 -24.99 -5.96 11.27
C ALA G 125 -25.45 -7.33 11.69
N ALA G 126 -24.51 -8.22 11.93
CA ALA G 126 -24.82 -9.60 12.31
C ALA G 126 -25.92 -9.75 13.34
N LYS G 127 -26.07 -8.81 14.29
CA LYS G 127 -27.18 -8.85 15.25
C LYS G 127 -28.30 -7.84 14.88
N PRO G 128 -29.52 -8.33 14.55
CA PRO G 128 -30.56 -7.43 14.01
C PRO G 128 -31.24 -6.49 15.03
N GLU G 129 -31.02 -6.73 16.31
CA GLU G 129 -31.40 -5.79 17.38
C GLU G 129 -30.67 -4.42 17.28
N LEU G 130 -29.59 -4.37 16.51
CA LEU G 130 -28.60 -3.28 16.57
C LEU G 130 -28.43 -2.50 15.25
N ALA G 131 -29.49 -2.41 14.44
CA ALA G 131 -29.36 -1.80 13.12
C ALA G 131 -29.10 -0.28 13.19
N GLU G 132 -29.60 0.39 14.23
CA GLU G 132 -29.31 1.82 14.43
C GLU G 132 -27.80 2.08 14.59
N LEU G 133 -27.15 1.31 15.47
CA LEU G 133 -25.73 1.41 15.68
C LEU G 133 -24.96 0.99 14.41
N ALA G 134 -25.43 -0.06 13.75
CA ALA G 134 -24.82 -0.52 12.49
C ALA G 134 -24.81 0.58 11.46
N ALA G 135 -25.84 1.40 11.48
CA ALA G 135 -25.96 2.48 10.53
C ALA G 135 -25.01 3.62 10.89
N ARG G 136 -25.02 4.03 12.17
CA ARG G 136 -24.08 5.02 12.68
C ARG G 136 -22.66 4.64 12.30
N ALA G 137 -22.33 3.37 12.46
CA ALA G 137 -20.99 2.92 12.16
C ALA G 137 -20.73 3.14 10.68
N GLY G 138 -21.70 2.73 9.85
CA GLY G 138 -21.61 2.91 8.40
C GLY G 138 -21.38 4.36 8.02
N ILE G 139 -22.13 5.27 8.63
CA ILE G 139 -21.95 6.68 8.33
C ILE G 139 -20.54 7.15 8.70
N MSE G 140 -20.13 6.92 9.94
CA MSE G 140 -18.83 7.39 10.45
C MSE G 140 -17.70 6.78 9.67
O MSE G 140 -16.67 7.40 9.42
CB MSE G 140 -18.65 7.02 11.91
CG MSE G 140 -19.64 7.69 12.84
SE MSE G 140 -19.52 9.66 12.62
CE MSE G 140 -17.66 10.03 13.11
N LEU G 141 -17.88 5.54 9.26
CA LEU G 141 -16.95 4.92 8.35
C LEU G 141 -16.72 5.79 7.13
N GLU G 142 -17.81 6.21 6.46
CA GLU G 142 -17.72 7.18 5.34
C GLU G 142 -17.04 8.51 5.69
N VAL G 143 -17.43 9.08 6.82
CA VAL G 143 -16.88 10.31 7.27
C VAL G 143 -15.39 10.17 7.41
N VAL G 144 -14.96 9.00 7.86
CA VAL G 144 -13.55 8.77 8.11
C VAL G 144 -12.80 8.53 6.82
N LYS G 145 -13.27 7.59 6.01
CA LYS G 145 -12.69 7.38 4.66
C LYS G 145 -12.52 8.67 3.89
N THR G 146 -13.50 9.56 3.99
CA THR G 146 -13.47 10.78 3.21
C THR G 146 -12.52 11.82 3.87
N LYS G 147 -12.53 11.92 5.19
CA LYS G 147 -11.59 12.79 5.92
C LYS G 147 -10.16 12.31 5.65
N LYS G 148 -10.04 10.99 5.45
CA LYS G 148 -8.78 10.32 5.18
C LYS G 148 -8.22 10.67 3.79
N ASP G 149 -9.01 10.41 2.74
CA ASP G 149 -8.57 10.51 1.35
C ASP G 149 -7.99 11.90 1.09
N MSE G 150 -6.81 12.17 1.63
CA MSE G 150 -6.12 13.44 1.41
C MSE G 150 -4.59 13.17 1.63
O MSE G 150 -4.09 12.13 1.15
CB MSE G 150 -6.85 14.39 2.35
CG MSE G 150 -8.38 14.37 2.37
SE MSE G 150 -9.07 16.18 2.68
CE MSE G 150 -7.68 17.11 3.74
N GLU G 151 -3.82 14.02 2.32
CA GLU G 151 -4.21 15.33 2.86
C GLU G 151 -3.19 16.45 2.51
N GLY H 1 -23.27 11.07 31.62
CA GLY H 1 -22.64 10.37 30.46
C GLY H 1 -23.73 9.70 29.66
N GLN H 2 -24.07 10.28 28.51
CA GLN H 2 -25.05 9.70 27.59
C GLN H 2 -24.35 9.13 26.33
N GLY H 3 -23.01 9.12 26.33
CA GLY H 3 -22.24 8.74 25.15
C GLY H 3 -22.24 7.23 24.89
N VAL H 4 -22.00 6.46 25.96
CA VAL H 4 -21.96 5.01 25.77
C VAL H 4 -23.13 4.35 26.46
N VAL H 5 -23.74 3.41 25.75
CA VAL H 5 -24.81 2.60 26.31
C VAL H 5 -24.17 1.44 27.04
N LEU H 6 -24.19 1.49 28.36
CA LEU H 6 -23.68 0.41 29.19
C LEU H 6 -24.81 -0.57 29.42
N PRO H 7 -24.50 -1.89 29.49
CA PRO H 7 -25.55 -2.82 29.80
C PRO H 7 -26.15 -2.57 31.16
N GLN H 8 -27.42 -2.90 31.32
CA GLN H 8 -28.15 -2.60 32.55
C GLN H 8 -27.70 -3.52 33.66
N PRO H 9 -27.71 -3.03 34.91
CA PRO H 9 -27.25 -3.95 35.94
C PRO H 9 -28.15 -5.17 36.04
N MSE H 10 -27.54 -6.30 36.41
CA MSE H 10 -28.21 -7.60 36.69
C MSE H 10 -28.99 -8.08 35.50
O MSE H 10 -28.43 -8.71 34.60
CB MSE H 10 -29.00 -7.57 38.01
CG MSE H 10 -30.46 -8.01 37.96
SE MSE H 10 -30.84 -8.46 39.85
CE MSE H 10 -30.10 -10.27 39.95
N GLN H 22 -23.77 -1.21 51.56
CA GLN H 22 -23.59 0.25 51.44
C GLN H 22 -22.21 0.68 51.95
N GLN H 23 -21.76 0.02 53.03
CA GLN H 23 -20.39 0.14 53.52
C GLN H 23 -19.57 -1.07 53.10
N GLU H 24 -20.25 -2.19 52.83
CA GLU H 24 -19.62 -3.41 52.27
C GLU H 24 -18.99 -3.18 50.88
N LEU H 25 -19.55 -2.24 50.10
CA LEU H 25 -19.00 -1.87 48.79
C LEU H 25 -17.67 -1.09 48.89
N ASP H 26 -17.51 -0.30 49.96
CA ASP H 26 -16.22 0.38 50.22
C ASP H 26 -15.18 -0.64 50.68
N GLN H 27 -15.62 -1.67 51.42
CA GLN H 27 -14.76 -2.82 51.78
C GLN H 27 -14.21 -3.42 50.49
N LEU H 28 -15.13 -3.76 49.59
CA LEU H 28 -14.83 -4.37 48.28
C LEU H 28 -13.96 -3.51 47.38
N ARG H 29 -14.19 -2.21 47.38
CA ARG H 29 -13.33 -1.30 46.66
C ARG H 29 -11.95 -1.24 47.28
N LYS H 30 -11.86 -1.33 48.61
CA LYS H 30 -10.55 -1.26 49.29
C LYS H 30 -9.81 -2.58 49.03
N THR H 31 -10.54 -3.70 49.05
CA THR H 31 -10.01 -5.01 48.69
C THR H 31 -9.30 -4.93 47.34
N ALA H 32 -10.02 -4.38 46.35
CA ALA H 32 -9.59 -4.38 44.96
C ALA H 32 -8.40 -3.45 44.71
N GLN H 33 -8.34 -2.32 45.40
CA GLN H 33 -7.23 -1.39 45.18
C GLN H 33 -6.05 -1.69 46.13
N LEU H 34 -6.23 -2.66 47.02
CA LEU H 34 -5.25 -3.02 48.05
C LEU H 34 -3.90 -3.33 47.46
N GLY H 35 -3.88 -4.04 46.34
CA GLY H 35 -2.63 -4.44 45.72
C GLY H 35 -1.82 -3.31 45.13
N THR H 36 -2.48 -2.31 44.54
CA THR H 36 -1.76 -1.16 43.96
C THR H 36 -1.45 -0.12 45.02
N ALA H 37 -2.22 -0.10 46.09
CA ALA H 37 -1.92 0.78 47.21
C ALA H 37 -0.60 0.37 47.84
N ASN H 38 -0.49 -0.90 48.20
CA ASN H 38 0.78 -1.49 48.67
C ASN H 38 1.90 -1.37 47.63
N ALA H 39 1.55 -1.38 46.35
CA ALA H 39 2.53 -1.27 45.28
C ALA H 39 3.16 0.12 45.28
N ALA H 40 2.33 1.15 45.35
CA ALA H 40 2.79 2.56 45.36
C ALA H 40 3.64 2.85 46.59
N LYS H 41 3.13 2.42 47.74
CA LYS H 41 3.86 2.42 49.01
C LYS H 41 5.28 1.89 48.80
N LEU H 42 5.42 0.60 48.49
CA LEU H 42 6.74 -0.02 48.24
C LEU H 42 7.60 0.69 47.19
N LEU H 43 6.97 1.43 46.27
CA LEU H 43 7.72 2.14 45.22
C LEU H 43 7.97 3.63 45.55
N GLY H 44 7.69 4.03 46.79
CA GLY H 44 8.20 5.30 47.31
C GLY H 44 9.43 5.04 48.16
N SER H 45 10.51 4.56 47.50
CA SER H 45 11.77 4.17 48.17
C SER H 45 12.97 4.73 47.38
N SER H 46 13.88 3.85 46.94
CA SER H 46 14.89 4.21 45.94
C SER H 46 15.26 2.98 45.09
N THR H 47 14.35 2.00 45.07
CA THR H 47 14.64 0.64 44.57
C THR H 47 13.41 0.09 43.86
N LEU H 48 13.35 0.07 42.52
CA LEU H 48 14.45 0.31 41.54
C LEU H 48 15.73 -0.57 41.71
N LEU H 49 15.73 -1.86 41.32
CA LEU H 49 14.63 -2.67 40.73
C LEU H 49 14.06 -2.28 39.34
N ASN H 50 14.87 -1.70 38.43
CA ASN H 50 14.32 -1.07 37.17
C ASN H 50 14.64 -1.64 35.75
N LYS H 51 15.89 -1.76 35.24
CA LYS H 51 17.19 -1.61 35.91
C LYS H 51 17.37 -2.65 37.03
N LEU H 52 17.94 -3.82 36.74
CA LEU H 52 18.17 -4.81 37.81
C LEU H 52 18.83 -6.12 37.40
N ALA H 53 19.13 -6.95 38.41
CA ALA H 53 19.85 -8.20 38.22
C ALA H 53 18.80 -9.31 38.24
N PHE H 54 18.07 -9.45 37.12
CA PHE H 54 16.98 -10.43 36.92
C PHE H 54 15.84 -10.48 37.95
N ALA H 55 14.64 -10.85 37.47
CA ALA H 55 13.41 -10.77 38.26
C ALA H 55 13.64 -11.47 39.63
N SER H 56 13.54 -10.71 40.72
CA SER H 56 13.65 -11.28 42.07
C SER H 56 15.13 -11.38 42.51
N PRO H 57 15.36 -11.57 43.82
CA PRO H 57 14.30 -11.83 44.80
C PRO H 57 13.38 -10.65 44.99
N GLU H 58 12.14 -10.94 45.36
CA GLU H 58 11.14 -9.91 45.54
C GLU H 58 9.81 -10.51 46.06
N GLU H 59 9.77 -11.40 47.05
CA GLU H 59 10.80 -11.72 48.07
C GLU H 59 9.92 -12.36 49.12
N PHE H 60 8.93 -11.64 49.67
CA PHE H 60 8.84 -10.16 49.63
C PHE H 60 9.01 -9.44 50.99
N GLU H 61 8.43 -9.95 52.08
CA GLU H 61 8.43 -9.25 53.40
C GLU H 61 7.98 -7.75 53.41
N ILE H 62 6.83 -7.37 54.01
CA ILE H 62 5.95 -8.18 54.85
C ILE H 62 5.14 -9.22 54.08
N LYS H 79 -4.63 -21.05 51.65
CA LYS H 79 -4.66 -22.51 51.87
C LYS H 79 -5.21 -23.33 50.68
N LEU H 80 -4.38 -24.25 50.20
CA LEU H 80 -4.69 -25.09 49.04
C LEU H 80 -6.06 -25.75 49.01
N ALA H 81 -6.61 -26.16 50.15
CA ALA H 81 -7.97 -26.75 50.15
C ALA H 81 -9.02 -25.72 49.77
N ASP H 82 -8.81 -24.50 50.26
CA ASP H 82 -9.71 -23.41 49.93
C ASP H 82 -9.71 -23.15 48.42
N LEU H 83 -8.51 -23.14 47.88
CA LEU H 83 -8.28 -22.85 46.48
C LEU H 83 -8.98 -23.87 45.62
N GLU H 84 -8.93 -25.12 46.07
CA GLU H 84 -9.59 -26.22 45.36
C GLU H 84 -11.09 -26.16 45.46
N ARG H 85 -11.57 -25.66 46.60
CA ARG H 85 -12.99 -25.39 46.79
C ARG H 85 -13.48 -24.30 45.82
N ILE H 86 -12.72 -23.22 45.78
CA ILE H 86 -13.05 -22.03 45.00
C ILE H 86 -13.05 -22.41 43.54
N ARG H 87 -11.96 -23.04 43.14
CA ARG H 87 -11.84 -23.53 41.79
C ARG H 87 -13.07 -24.36 41.39
N ALA H 88 -13.52 -25.23 42.30
CA ALA H 88 -14.65 -26.11 41.98
C ALA H 88 -15.94 -25.35 41.96
N GLU H 89 -16.10 -24.44 42.91
CA GLU H 89 -17.24 -23.51 42.94
C GLU H 89 -17.40 -22.65 41.69
N ASN H 90 -16.32 -22.43 40.94
CA ASN H 90 -16.36 -21.57 39.74
C ASN H 90 -15.92 -22.26 38.49
N LEU H 91 -16.08 -23.58 38.43
CA LEU H 91 -15.71 -24.30 37.22
C LEU H 91 -16.28 -23.64 35.99
N LYS H 92 -17.51 -23.14 36.08
CA LYS H 92 -18.23 -22.55 34.93
C LYS H 92 -17.48 -21.32 34.39
N LYS H 93 -17.32 -20.31 35.25
CA LYS H 93 -16.64 -19.10 34.88
C LYS H 93 -15.22 -19.37 34.42
N ILE H 94 -14.52 -20.23 35.11
CA ILE H 94 -13.11 -20.52 34.77
C ILE H 94 -12.99 -21.06 33.37
N ASP H 95 -13.88 -21.96 33.02
CA ASP H 95 -13.90 -22.49 31.67
C ASP H 95 -14.21 -21.35 30.67
N GLU H 96 -15.16 -20.48 31.03
CA GLU H 96 -15.52 -19.34 30.15
C GLU H 96 -14.32 -18.41 29.88
N ASN H 97 -13.59 -18.11 30.95
CA ASN H 97 -12.39 -17.34 30.87
C ASN H 97 -11.30 -18.02 30.03
N GLN H 98 -11.12 -19.32 30.22
CA GLN H 98 -10.22 -20.05 29.33
C GLN H 98 -10.63 -19.89 27.88
N THR H 99 -11.93 -20.00 27.61
CA THR H 99 -12.43 -19.89 26.23
C THR H 99 -12.19 -18.50 25.63
N LYS H 100 -12.44 -17.46 26.42
CA LYS H 100 -12.11 -16.07 26.03
C LYS H 100 -10.65 -15.93 25.59
N MSE H 101 -9.74 -16.56 26.34
CA MSE H 101 -8.32 -16.44 26.01
C MSE H 101 -8.02 -17.23 24.79
O MSE H 101 -7.24 -16.82 23.95
CB MSE H 101 -7.47 -16.87 27.19
CG MSE H 101 -7.64 -15.86 28.32
SE MSE H 101 -6.41 -16.36 29.77
CE MSE H 101 -5.29 -14.90 29.21
N LYS H 102 -8.66 -18.39 24.68
CA LYS H 102 -8.51 -19.23 23.52
C LYS H 102 -9.01 -18.48 22.29
N GLU H 103 -10.25 -17.99 22.37
CA GLU H 103 -10.85 -17.27 21.25
C GLU H 103 -10.08 -16.00 20.88
N ALA H 104 -9.49 -15.33 21.87
CA ALA H 104 -8.68 -14.14 21.61
C ALA H 104 -7.37 -14.50 20.93
N SER H 105 -6.72 -15.54 21.43
CA SER H 105 -5.49 -16.03 20.82
C SER H 105 -5.72 -16.40 19.37
N GLU H 106 -6.72 -17.28 19.13
CA GLU H 106 -7.10 -17.70 17.78
C GLU H 106 -7.42 -16.52 16.87
N ALA H 107 -8.31 -15.63 17.30
CA ALA H 107 -8.63 -14.41 16.53
C ALA H 107 -7.40 -13.65 16.14
N ALA H 108 -6.44 -13.54 17.05
CA ALA H 108 -5.20 -12.89 16.72
C ALA H 108 -4.33 -13.72 15.76
N ASP H 109 -4.38 -15.05 15.92
CA ASP H 109 -3.60 -15.98 15.06
C ASP H 109 -4.04 -15.86 13.61
N LYS H 110 -5.35 -16.04 13.40
CA LYS H 110 -5.93 -15.99 12.06
C LYS H 110 -5.93 -14.59 11.45
N ALA H 111 -5.73 -13.55 12.26
CA ALA H 111 -5.67 -12.19 11.76
C ALA H 111 -4.31 -11.83 11.19
N LYS H 112 -3.24 -12.32 11.83
CA LYS H 112 -1.89 -12.00 11.37
C LYS H 112 -1.41 -12.90 10.21
N LYS H 113 -2.12 -14.00 9.94
CA LYS H 113 -1.87 -14.79 8.74
C LYS H 113 -2.53 -14.09 7.54
N SER H 114 -3.85 -13.93 7.60
CA SER H 114 -4.60 -13.18 6.59
C SER H 114 -4.08 -11.76 6.40
N GLY H 115 -4.45 -11.15 5.28
CA GLY H 115 -4.19 -9.73 5.05
C GLY H 115 -5.18 -8.82 5.75
N LEU H 116 -6.12 -9.38 6.52
CA LEU H 116 -7.13 -8.60 7.23
C LEU H 116 -6.76 -8.34 8.70
N ALA H 117 -5.46 -8.18 8.93
CA ALA H 117 -4.94 -7.83 10.24
C ALA H 117 -5.47 -6.47 10.67
N SER H 118 -4.92 -5.40 10.08
CA SER H 118 -5.27 -4.03 10.47
C SER H 118 -6.53 -3.50 9.77
N LYS H 119 -7.46 -4.39 9.39
CA LYS H 119 -8.78 -4.01 8.88
C LYS H 119 -9.85 -4.15 9.96
N ILE H 120 -9.88 -5.29 10.65
CA ILE H 120 -10.77 -5.43 11.82
C ILE H 120 -10.09 -5.16 13.17
N PHE H 121 -8.75 -5.20 13.22
CA PHE H 121 -8.01 -5.00 14.47
C PHE H 121 -6.92 -3.92 14.43
N GLY H 122 -6.94 -3.07 13.41
CA GLY H 122 -6.00 -1.97 13.35
C GLY H 122 -6.28 -0.91 14.38
N TRP H 123 -7.47 -0.96 14.94
CA TRP H 123 -7.86 0.01 15.97
C TRP H 123 -7.28 -0.35 17.33
N ILE H 124 -6.94 -1.61 17.49
CA ILE H 124 -6.43 -2.10 18.77
C ILE H 124 -5.15 -1.37 19.19
N SER H 125 -5.06 -0.95 20.45
CA SER H 125 -3.93 -0.17 20.87
C SER H 125 -2.72 -1.02 20.98
N ALA H 126 -1.56 -0.38 21.04
CA ALA H 126 -0.29 -1.07 21.16
C ALA H 126 -0.18 -1.84 22.47
N ILE H 127 -0.62 -1.22 23.55
CA ILE H 127 -0.66 -1.90 24.84
C ILE H 127 -1.46 -3.19 24.72
N ALA H 128 -2.70 -3.08 24.26
CA ALA H 128 -3.58 -4.25 24.25
C ALA H 128 -2.98 -5.32 23.39
N SER H 129 -2.34 -4.91 22.32
CA SER H 129 -1.66 -5.77 21.44
C SER H 129 -0.59 -6.59 22.16
N MSE H 130 0.19 -5.96 23.06
CA MSE H 130 1.13 -6.72 23.83
C MSE H 130 0.42 -7.69 24.74
O MSE H 130 0.88 -8.82 24.96
CB MSE H 130 2.03 -5.87 24.72
CG MSE H 130 2.51 -6.67 25.96
SE MSE H 130 3.08 -5.32 27.19
CE MSE H 130 3.80 -3.81 26.08
N VAL H 131 -0.65 -7.21 25.35
CA VAL H 131 -1.43 -8.05 26.23
C VAL H 131 -1.85 -9.35 25.50
N ILE H 132 -2.20 -9.26 24.22
CA ILE H 132 -2.45 -10.49 23.48
C ILE H 132 -1.22 -11.38 23.54
N GLY H 133 -0.06 -10.80 23.26
CA GLY H 133 1.23 -11.50 23.38
C GLY H 133 1.42 -12.15 24.76
N ALA H 134 1.20 -11.37 25.81
CA ALA H 134 1.33 -11.87 27.15
C ALA H 134 0.42 -13.07 27.43
N ILE H 135 -0.76 -13.04 26.84
CA ILE H 135 -1.72 -14.14 26.95
C ILE H 135 -1.25 -15.41 26.23
N LEU H 136 -0.66 -15.25 25.06
CA LEU H 136 0.02 -16.37 24.39
C LEU H 136 1.15 -16.99 25.20
N ILE H 137 2.03 -16.15 25.73
CA ILE H 137 3.10 -16.62 26.57
C ILE H 137 2.62 -17.18 27.93
N ALA H 138 1.67 -16.53 28.61
CA ALA H 138 1.41 -16.86 30.01
C ALA H 138 -0.06 -16.99 30.42
N THR H 139 -0.93 -17.15 29.43
CA THR H 139 -2.40 -17.24 29.60
C THR H 139 -2.92 -16.35 30.73
N GLY H 140 -3.59 -16.89 31.73
CA GLY H 140 -4.23 -16.08 32.74
C GLY H 140 -3.32 -15.11 33.47
N VAL H 141 -2.03 -15.42 33.56
CA VAL H 141 -1.09 -14.48 34.20
C VAL H 141 -0.84 -13.29 33.29
N GLY H 142 -0.67 -13.56 32.00
CA GLY H 142 -0.63 -12.50 30.99
C GLY H 142 -1.85 -11.60 31.01
N ALA H 143 -3.03 -12.19 31.06
CA ALA H 143 -4.20 -11.39 31.11
C ALA H 143 -4.20 -10.52 32.34
N ALA H 144 -3.92 -11.14 33.47
CA ALA H 144 -3.89 -10.42 34.76
C ALA H 144 -3.02 -9.19 34.65
N VAL H 145 -1.74 -9.36 34.35
CA VAL H 145 -0.88 -8.21 34.34
C VAL H 145 -1.31 -7.22 33.27
N GLY H 146 -1.83 -7.72 32.17
CA GLY H 146 -2.30 -6.87 31.09
C GLY H 146 -3.46 -6.00 31.54
N ALA H 147 -4.41 -6.58 32.25
CA ALA H 147 -5.52 -5.80 32.74
C ALA H 147 -5.08 -4.79 33.78
N MSE H 148 -4.12 -5.17 34.61
CA MSE H 148 -3.53 -4.24 35.55
C MSE H 148 -2.99 -3.03 34.83
O MSE H 148 -3.22 -1.93 35.24
CB MSE H 148 -2.35 -4.88 36.30
CG MSE H 148 -2.80 -5.98 37.25
SE MSE H 148 -3.46 -5.15 38.89
CE MSE H 148 -3.12 -6.87 39.80
N MSE H 149 -2.18 -3.23 33.81
CA MSE H 149 -1.61 -2.09 33.14
C MSE H 149 -2.67 -1.18 32.63
O MSE H 149 -2.52 0.09 32.69
CB MSE H 149 -0.85 -2.56 31.94
CG MSE H 149 0.43 -3.21 32.44
SE MSE H 149 1.23 -4.06 30.88
CE MSE H 149 1.09 -2.51 29.66
N ILE H 150 -3.75 -1.77 32.10
CA ILE H 150 -4.78 -0.96 31.47
C ILE H 150 -5.63 -0.27 32.51
N VAL H 151 -5.95 -0.96 33.59
CA VAL H 151 -6.64 -0.29 34.69
C VAL H 151 -5.91 0.96 35.19
N GLY H 152 -4.58 0.98 35.26
CA GLY H 152 -3.86 2.20 35.59
C GLY H 152 -3.47 2.33 37.05
N GLY H 153 -4.46 2.21 37.94
CA GLY H 153 -4.20 2.10 39.37
C GLY H 153 -3.30 3.16 39.98
N ALA H 154 -2.01 2.86 40.11
CA ALA H 154 -1.07 3.75 40.79
C ALA H 154 -0.76 5.03 40.00
N VAL H 155 0.01 4.90 38.93
CA VAL H 155 0.39 6.07 38.14
C VAL H 155 -0.63 6.45 37.06
N GLY H 156 -1.84 5.90 37.14
CA GLY H 156 -2.86 6.22 36.17
C GLY H 156 -3.23 7.69 36.18
N VAL H 157 -3.25 8.28 37.37
CA VAL H 157 -3.65 9.68 37.53
C VAL H 157 -2.59 10.64 36.97
N ALA H 158 -1.33 10.30 37.19
CA ALA H 158 -0.25 11.05 36.55
C ALA H 158 -0.39 10.96 35.04
N ASN H 159 -0.65 9.75 34.58
CA ASN H 159 -0.70 9.47 33.17
C ASN H 159 -1.82 10.27 32.52
N MSE H 160 -2.91 10.41 33.25
CA MSE H 160 -4.03 11.17 32.72
C MSE H 160 -3.64 12.61 32.63
O MSE H 160 -3.87 13.27 31.63
CB MSE H 160 -5.27 10.97 33.59
CG MSE H 160 -5.93 9.63 33.28
SE MSE H 160 -7.47 9.37 34.43
CE MSE H 160 -8.69 8.39 33.22
N ALA H 161 -3.02 13.09 33.71
CA ALA H 161 -2.52 14.46 33.78
C ALA H 161 -1.62 14.77 32.58
N ILE H 162 -0.76 13.81 32.23
CA ILE H 162 0.02 13.90 31.01
C ILE H 162 -0.95 13.85 29.84
N GLN H 163 -1.56 15.00 29.59
CA GLN H 163 -2.48 15.19 28.49
C GLN H 163 -2.64 16.69 28.32
N GLN H 164 -1.52 17.36 28.05
CA GLN H 164 -1.53 18.57 27.27
C GLN H 164 -1.07 18.13 25.88
N GLU H 174 1.95 20.97 25.68
CA GLU H 174 3.11 20.11 25.90
C GLU H 174 3.63 19.43 24.61
N THR H 175 4.96 19.26 24.51
CA THR H 175 5.72 18.94 23.27
C THR H 175 5.19 17.70 22.49
N MSE H 176 6.07 16.86 21.95
CA MSE H 176 5.73 15.49 21.47
C MSE H 176 5.75 14.50 22.66
O MSE H 176 5.57 14.95 23.79
CB MSE H 176 6.75 15.08 20.42
CG MSE H 176 8.11 14.77 21.05
SE MSE H 176 9.45 15.65 19.93
CE MSE H 176 9.07 14.89 18.15
N LYS H 177 6.04 13.21 22.43
CA LYS H 177 5.71 12.16 23.38
C LYS H 177 6.71 10.97 23.37
N VAL H 178 7.98 11.18 23.71
CA VAL H 178 8.87 10.05 24.20
C VAL H 178 8.67 9.69 25.73
N LEU H 179 8.11 10.66 26.41
CA LEU H 179 7.44 10.49 27.69
C LEU H 179 6.44 9.29 27.71
N GLY H 180 5.88 8.96 26.55
CA GLY H 180 4.97 7.83 26.38
C GLY H 180 5.54 6.47 26.79
N PRO H 181 6.52 5.93 26.03
CA PRO H 181 6.98 4.57 26.33
C PRO H 181 7.44 4.42 27.78
N ILE H 182 7.94 5.47 28.40
CA ILE H 182 8.49 5.32 29.74
C ILE H 182 7.34 5.17 30.73
N MSE H 183 6.24 5.89 30.46
CA MSE H 183 5.04 5.81 31.31
C MSE H 183 4.36 4.46 31.21
O MSE H 183 3.69 4.01 32.14
CB MSE H 183 4.05 6.88 30.88
CG MSE H 183 4.61 8.29 31.14
SE MSE H 183 4.37 8.85 33.02
CE MSE H 183 2.51 8.28 33.35
N ILE H 184 4.54 3.81 30.06
CA ILE H 184 4.22 2.40 29.93
C ILE H 184 5.08 1.60 30.92
N ALA H 185 6.40 1.57 30.69
CA ALA H 185 7.38 0.92 31.57
C ALA H 185 7.10 1.17 33.04
N ALA H 186 6.77 2.41 33.36
CA ALA H 186 6.39 2.72 34.72
C ALA H 186 5.22 1.85 35.12
N GLU H 187 4.19 1.86 34.26
CA GLU H 187 2.94 1.10 34.50
C GLU H 187 3.20 -0.40 34.55
N ILE H 188 3.99 -0.87 33.58
CA ILE H 188 4.34 -2.28 33.59
C ILE H 188 4.91 -2.63 34.93
N LEU H 189 5.96 -1.92 35.30
CA LEU H 189 6.65 -2.17 36.53
C LEU H 189 5.70 -2.11 37.71
N VAL H 190 4.83 -1.12 37.76
CA VAL H 190 3.90 -1.06 38.89
C VAL H 190 3.01 -2.31 38.93
N ALA H 191 2.46 -2.65 37.76
CA ALA H 191 1.60 -3.84 37.60
C ALA H 191 2.27 -5.13 38.09
N ILE H 192 3.55 -5.32 37.71
CA ILE H 192 4.31 -6.44 38.24
C ILE H 192 4.37 -6.49 39.76
N VAL H 193 4.62 -5.33 40.38
CA VAL H 193 4.69 -5.27 41.82
C VAL H 193 3.32 -5.64 42.33
N SER H 194 2.29 -4.95 41.82
CA SER H 194 0.92 -5.20 42.25
C SER H 194 0.57 -6.69 42.13
N ILE H 195 0.99 -7.37 41.06
CA ILE H 195 0.76 -8.80 40.95
C ILE H 195 1.49 -9.48 42.12
N ALA H 196 2.76 -9.12 42.31
CA ALA H 196 3.59 -9.77 43.33
C ALA H 196 2.86 -9.70 44.64
N VAL H 197 2.37 -8.52 44.98
CA VAL H 197 1.61 -8.29 46.22
C VAL H 197 0.34 -9.15 46.26
N THR H 198 -0.50 -9.02 45.23
CA THR H 198 -1.83 -9.63 45.24
C THR H 198 -1.81 -11.16 45.14
N PHE H 199 -0.88 -11.70 44.35
CA PHE H 199 -0.84 -13.14 44.07
C PHE H 199 0.56 -13.59 44.39
N GLY H 200 0.93 -14.80 44.01
CA GLY H 200 2.36 -15.19 44.14
C GLY H 200 3.41 -14.11 43.79
N ALA H 201 4.67 -14.34 44.16
CA ALA H 201 5.76 -13.61 43.54
C ALA H 201 6.33 -14.42 42.38
N SER H 202 6.02 -15.71 42.34
CA SER H 202 6.30 -16.47 41.13
C SER H 202 5.32 -16.02 40.03
N ALA H 203 4.12 -15.62 40.43
CA ALA H 203 3.15 -15.06 39.48
C ALA H 203 3.69 -13.79 38.85
N ALA H 204 4.26 -12.93 39.69
CA ALA H 204 4.85 -11.68 39.24
C ALA H 204 6.01 -11.95 38.31
N SER H 205 6.73 -12.99 38.65
CA SER H 205 7.93 -13.35 37.90
C SER H 205 7.57 -13.83 36.51
N THR H 206 6.61 -14.74 36.45
CA THR H 206 5.99 -15.17 35.19
C THR H 206 5.38 -14.01 34.41
N ALA H 207 4.68 -13.13 35.12
CA ALA H 207 4.12 -11.97 34.49
C ALA H 207 5.23 -11.12 33.84
N MSE H 208 6.38 -11.01 34.52
CA MSE H 208 7.50 -10.28 33.96
C MSE H 208 7.99 -10.97 32.71
O MSE H 208 8.23 -10.33 31.67
CB MSE H 208 8.59 -10.11 35.01
CG MSE H 208 9.80 -9.27 34.55
SE MSE H 208 9.27 -7.36 34.42
CE MSE H 208 9.16 -7.06 32.49
N LYS H 209 8.17 -12.27 32.79
CA LYS H 209 8.58 -13.01 31.62
C LYS H 209 7.60 -12.77 30.47
N ALA H 210 6.31 -12.84 30.77
CA ALA H 210 5.26 -12.68 29.76
C ALA H 210 5.41 -11.37 29.07
N VAL H 211 5.48 -10.32 29.87
CA VAL H 211 5.62 -8.97 29.30
C VAL H 211 6.90 -8.85 28.47
N LYS H 212 7.99 -9.43 28.98
CA LYS H 212 9.26 -9.42 28.31
C LYS H 212 9.12 -9.93 26.88
N PHE H 213 8.56 -11.12 26.76
CA PHE H 213 8.54 -11.82 25.48
C PHE H 213 7.49 -11.28 24.57
N ALA H 214 6.39 -10.80 25.13
CA ALA H 214 5.38 -10.14 24.33
C ALA H 214 5.95 -8.87 23.72
N THR H 215 6.83 -8.26 24.50
CA THR H 215 7.53 -7.04 24.09
C THR H 215 8.51 -7.28 22.97
N GLN H 216 9.26 -8.38 23.02
CA GLN H 216 10.13 -8.75 21.87
C GLN H 216 9.30 -9.21 20.67
N ALA H 217 8.26 -10.02 20.89
CA ALA H 217 7.41 -10.46 19.79
C ALA H 217 6.86 -9.24 19.07
N ALA H 218 6.61 -8.17 19.83
CA ALA H 218 6.08 -6.91 19.28
C ALA H 218 6.93 -6.30 18.14
N ASP H 219 8.21 -6.68 18.03
CA ASP H 219 9.01 -6.39 16.82
C ASP H 219 8.78 -7.48 15.73
MG MG I . -6.69 -15.38 35.70
#